data_6CCD
# 
_entry.id   6CCD 
# 
_audit_conform.dict_name       mmcif_pdbx.dic 
_audit_conform.dict_version    5.387 
_audit_conform.dict_location   http://mmcif.pdb.org/dictionaries/ascii/mmcif_pdbx.dic 
# 
loop_
_database_2.database_id 
_database_2.database_code 
_database_2.pdbx_database_accession 
_database_2.pdbx_DOI 
PDB   6CCD         pdb_00006ccd 10.2210/pdb6ccd/pdb 
WWPDB D_1000232543 ?            ?                   
# 
loop_
_pdbx_audit_revision_history.ordinal 
_pdbx_audit_revision_history.data_content_type 
_pdbx_audit_revision_history.major_revision 
_pdbx_audit_revision_history.minor_revision 
_pdbx_audit_revision_history.revision_date 
1 'Structure model' 1 0 2018-06-20 
2 'Structure model' 1 1 2018-07-18 
3 'Structure model' 1 2 2019-02-20 
4 'Structure model' 1 3 2020-01-01 
5 'Structure model' 1 4 2024-03-13 
# 
_pdbx_audit_revision_details.ordinal             1 
_pdbx_audit_revision_details.revision_ordinal    1 
_pdbx_audit_revision_details.data_content_type   'Structure model' 
_pdbx_audit_revision_details.provider            repository 
_pdbx_audit_revision_details.type                'Initial release' 
_pdbx_audit_revision_details.description         ? 
_pdbx_audit_revision_details.details             ? 
# 
loop_
_pdbx_audit_revision_group.ordinal 
_pdbx_audit_revision_group.revision_ordinal 
_pdbx_audit_revision_group.data_content_type 
_pdbx_audit_revision_group.group 
1 2 'Structure model' 'Data collection'            
2 2 'Structure model' 'Database references'        
3 3 'Structure model' 'Author supporting evidence' 
4 3 'Structure model' 'Data collection'            
5 4 'Structure model' 'Author supporting evidence' 
6 5 'Structure model' 'Data collection'            
7 5 'Structure model' 'Database references'        
# 
loop_
_pdbx_audit_revision_category.ordinal 
_pdbx_audit_revision_category.revision_ordinal 
_pdbx_audit_revision_category.data_content_type 
_pdbx_audit_revision_category.category 
1 2 'Structure model' citation           
2 3 'Structure model' pdbx_audit_support 
3 4 'Structure model' pdbx_audit_support 
4 5 'Structure model' chem_comp_atom     
5 5 'Structure model' chem_comp_bond     
6 5 'Structure model' database_2         
# 
loop_
_pdbx_audit_revision_item.ordinal 
_pdbx_audit_revision_item.revision_ordinal 
_pdbx_audit_revision_item.data_content_type 
_pdbx_audit_revision_item.item 
1 2 'Structure model' '_citation.journal_volume'                 
2 2 'Structure model' '_citation.page_first'                     
3 2 'Structure model' '_citation.title'                          
4 3 'Structure model' '_pdbx_audit_support.funding_organization' 
5 4 'Structure model' '_pdbx_audit_support.funding_organization' 
6 5 'Structure model' '_database_2.pdbx_DOI'                     
7 5 'Structure model' '_database_2.pdbx_database_accession'      
# 
_pdbx_database_status.status_code                     REL 
_pdbx_database_status.status_code_sf                  REL 
_pdbx_database_status.status_code_mr                  ? 
_pdbx_database_status.entry_id                        6CCD 
_pdbx_database_status.recvd_initial_deposition_date   2018-02-06 
_pdbx_database_status.SG_entry                        Y 
_pdbx_database_status.deposit_site                    RCSB 
_pdbx_database_status.process_site                    RCSB 
_pdbx_database_status.status_code_cs                  ? 
_pdbx_database_status.methods_development_category    ? 
_pdbx_database_status.pdb_format_compatible           Y 
_pdbx_database_status.status_code_nmr_data            ? 
# 
loop_
_audit_author.name 
_audit_author.pdbx_ordinal 
_audit_author.identifier_ORCID 
'Gay, L.M.' 1 ?                   
'Gee, C.L.' 2 0000-0002-2632-6418 
'Alber, T.' 3 ?                   
# 
_citation.abstract                  ? 
_citation.abstract_id_CAS           ? 
_citation.book_id_ISBN              ? 
_citation.book_publisher            ? 
_citation.book_publisher_city       ? 
_citation.book_title                ? 
_citation.coordinate_linkage        ? 
_citation.country                   UK 
_citation.database_id_Medline       ? 
_citation.details                   ? 
_citation.id                        primary 
_citation.journal_abbrev            Structure 
_citation.journal_id_ASTM           STRUE6 
_citation.journal_id_CSD            2005 
_citation.journal_id_ISSN           1878-4186 
_citation.journal_full              ? 
_citation.journal_issue             ? 
_citation.journal_volume            26 
_citation.language                  ? 
_citation.page_first                972 
_citation.page_last                 ? 
_citation.title                     
'Biophysical Characterization of the Tandem FHA Domain Regulatory Module from the Mycobacterium tuberculosis ABC Transporter Rv1747.' 
_citation.year                      2018 
_citation.database_id_CSD           ? 
_citation.pdbx_database_id_DOI      10.1016/j.str.2018.04.018 
_citation.pdbx_database_id_PubMed   29861345 
_citation.unpublished_flag          ? 
# 
loop_
_citation_author.citation_id 
_citation_author.name 
_citation_author.ordinal 
_citation_author.identifier_ORCID 
primary 'Heinkel, F.'            1  ? 
primary 'Shen, L.'               2  ? 
primary 'Richard-Greenblatt, M.' 3  ? 
primary 'Okon, M.'               4  ? 
primary 'Bui, J.M.'              5  ? 
primary 'Gee, C.L.'              6  ? 
primary 'Gay, L.M.'              7  ? 
primary 'Alber, T.'              8  ? 
primary 'Av-Gay, Y.'             9  ? 
primary 'Gsponer, J.'            10 ? 
primary 'McIntosh, L.P.'         11 ? 
# 
loop_
_entity.id 
_entity.type 
_entity.src_method 
_entity.pdbx_description 
_entity.formula_weight 
_entity.pdbx_number_of_molecules 
_entity.pdbx_ec 
_entity.pdbx_mutation 
_entity.pdbx_fragment 
_entity.details 
1 polymer     man 'ABC transporter ATP-binding/permease protein Rv1747' 12232.793 1   ? ? 
'tandem FHA regulatory module (UNP residues 3-113)' ? 
2 non-polymer syn 'SULFATE ION'                                         96.063    2   ? ? ? ? 
3 water       nat water                                                 18.015    100 ? ? ? ? 
# 
_entity_name_com.entity_id   1 
_entity_name_com.name        'Rv1747 FHA-1' 
# 
_entity_poly.entity_id                      1 
_entity_poly.type                           'polypeptide(L)' 
_entity_poly.nstd_linkage                   no 
_entity_poly.nstd_monomer                   no 
_entity_poly.pdbx_seq_one_letter_code       
;MSQPAAPPVLTVRYEGSERTFAAGHDVVVGRDLRADVRVAHPLISRAHLLLRFDQGRWVAIDNGSLNGLYLNNRRVPVVD
IYDAQRVHIGNPDGPALDFEVGRHRGSAGRP
;
_entity_poly.pdbx_seq_one_letter_code_can   
;MSQPAAPPVLTVRYEGSERTFAAGHDVVVGRDLRADVRVAHPLISRAHLLLRFDQGRWVAIDNGSLNGLYLNNRRVPVVD
IYDAQRVHIGNPDGPALDFEVGRHRGSAGRP
;
_entity_poly.pdbx_strand_id                 A 
_entity_poly.pdbx_target_identifier         ? 
# 
loop_
_pdbx_entity_nonpoly.entity_id 
_pdbx_entity_nonpoly.name 
_pdbx_entity_nonpoly.comp_id 
2 'SULFATE ION' SO4 
3 water         HOH 
# 
loop_
_entity_poly_seq.entity_id 
_entity_poly_seq.num 
_entity_poly_seq.mon_id 
_entity_poly_seq.hetero 
1 1   MET n 
1 2   SER n 
1 3   GLN n 
1 4   PRO n 
1 5   ALA n 
1 6   ALA n 
1 7   PRO n 
1 8   PRO n 
1 9   VAL n 
1 10  LEU n 
1 11  THR n 
1 12  VAL n 
1 13  ARG n 
1 14  TYR n 
1 15  GLU n 
1 16  GLY n 
1 17  SER n 
1 18  GLU n 
1 19  ARG n 
1 20  THR n 
1 21  PHE n 
1 22  ALA n 
1 23  ALA n 
1 24  GLY n 
1 25  HIS n 
1 26  ASP n 
1 27  VAL n 
1 28  VAL n 
1 29  VAL n 
1 30  GLY n 
1 31  ARG n 
1 32  ASP n 
1 33  LEU n 
1 34  ARG n 
1 35  ALA n 
1 36  ASP n 
1 37  VAL n 
1 38  ARG n 
1 39  VAL n 
1 40  ALA n 
1 41  HIS n 
1 42  PRO n 
1 43  LEU n 
1 44  ILE n 
1 45  SER n 
1 46  ARG n 
1 47  ALA n 
1 48  HIS n 
1 49  LEU n 
1 50  LEU n 
1 51  LEU n 
1 52  ARG n 
1 53  PHE n 
1 54  ASP n 
1 55  GLN n 
1 56  GLY n 
1 57  ARG n 
1 58  TRP n 
1 59  VAL n 
1 60  ALA n 
1 61  ILE n 
1 62  ASP n 
1 63  ASN n 
1 64  GLY n 
1 65  SER n 
1 66  LEU n 
1 67  ASN n 
1 68  GLY n 
1 69  LEU n 
1 70  TYR n 
1 71  LEU n 
1 72  ASN n 
1 73  ASN n 
1 74  ARG n 
1 75  ARG n 
1 76  VAL n 
1 77  PRO n 
1 78  VAL n 
1 79  VAL n 
1 80  ASP n 
1 81  ILE n 
1 82  TYR n 
1 83  ASP n 
1 84  ALA n 
1 85  GLN n 
1 86  ARG n 
1 87  VAL n 
1 88  HIS n 
1 89  ILE n 
1 90  GLY n 
1 91  ASN n 
1 92  PRO n 
1 93  ASP n 
1 94  GLY n 
1 95  PRO n 
1 96  ALA n 
1 97  LEU n 
1 98  ASP n 
1 99  PHE n 
1 100 GLU n 
1 101 VAL n 
1 102 GLY n 
1 103 ARG n 
1 104 HIS n 
1 105 ARG n 
1 106 GLY n 
1 107 SER n 
1 108 ALA n 
1 109 GLY n 
1 110 ARG n 
1 111 PRO n 
# 
_entity_src_gen.entity_id                          1 
_entity_src_gen.pdbx_src_id                        1 
_entity_src_gen.pdbx_alt_source_flag               sample 
_entity_src_gen.pdbx_seq_type                      'Biological sequence' 
_entity_src_gen.pdbx_beg_seq_num                   1 
_entity_src_gen.pdbx_end_seq_num                   111 
_entity_src_gen.gene_src_common_name               ? 
_entity_src_gen.gene_src_genus                     ? 
_entity_src_gen.pdbx_gene_src_gene                 Rv1747 
_entity_src_gen.gene_src_species                   ? 
_entity_src_gen.gene_src_strain                    'ATCC 25618 / H37Rv' 
_entity_src_gen.gene_src_tissue                    ? 
_entity_src_gen.gene_src_tissue_fraction           ? 
_entity_src_gen.gene_src_details                   ? 
_entity_src_gen.pdbx_gene_src_fragment             ? 
_entity_src_gen.pdbx_gene_src_scientific_name      'Mycobacterium tuberculosis (strain ATCC 25618 / H37Rv)' 
_entity_src_gen.pdbx_gene_src_ncbi_taxonomy_id     83332 
_entity_src_gen.pdbx_gene_src_variant              ? 
_entity_src_gen.pdbx_gene_src_cell_line            ? 
_entity_src_gen.pdbx_gene_src_atcc                 ? 
_entity_src_gen.pdbx_gene_src_organ                ? 
_entity_src_gen.pdbx_gene_src_organelle            ? 
_entity_src_gen.pdbx_gene_src_cell                 ? 
_entity_src_gen.pdbx_gene_src_cellular_location    ? 
_entity_src_gen.host_org_common_name               ? 
_entity_src_gen.pdbx_host_org_scientific_name      'Escherichia coli BL21(DE3)' 
_entity_src_gen.pdbx_host_org_ncbi_taxonomy_id     469008 
_entity_src_gen.host_org_genus                     ? 
_entity_src_gen.pdbx_host_org_gene                 ? 
_entity_src_gen.pdbx_host_org_organ                ? 
_entity_src_gen.host_org_species                   ? 
_entity_src_gen.pdbx_host_org_tissue               ? 
_entity_src_gen.pdbx_host_org_tissue_fraction      ? 
_entity_src_gen.pdbx_host_org_strain               ? 
_entity_src_gen.pdbx_host_org_variant              ? 
_entity_src_gen.pdbx_host_org_cell_line            ? 
_entity_src_gen.pdbx_host_org_atcc                 ? 
_entity_src_gen.pdbx_host_org_culture_collection   ? 
_entity_src_gen.pdbx_host_org_cell                 ? 
_entity_src_gen.pdbx_host_org_organelle            ? 
_entity_src_gen.pdbx_host_org_cellular_location    ? 
_entity_src_gen.pdbx_host_org_vector_type          plasmid 
_entity_src_gen.pdbx_host_org_vector               ? 
_entity_src_gen.host_org_details                   ? 
_entity_src_gen.expression_system_id               ? 
_entity_src_gen.plasmid_name                       pGEX-2T 
_entity_src_gen.plasmid_details                    ? 
_entity_src_gen.pdbx_description                   ? 
# 
loop_
_chem_comp.id 
_chem_comp.type 
_chem_comp.mon_nstd_flag 
_chem_comp.name 
_chem_comp.pdbx_synonyms 
_chem_comp.formula 
_chem_comp.formula_weight 
ALA 'L-peptide linking' y ALANINE         ? 'C3 H7 N O2'     89.093  
ARG 'L-peptide linking' y ARGININE        ? 'C6 H15 N4 O2 1' 175.209 
ASN 'L-peptide linking' y ASPARAGINE      ? 'C4 H8 N2 O3'    132.118 
ASP 'L-peptide linking' y 'ASPARTIC ACID' ? 'C4 H7 N O4'     133.103 
GLN 'L-peptide linking' y GLUTAMINE       ? 'C5 H10 N2 O3'   146.144 
GLU 'L-peptide linking' y 'GLUTAMIC ACID' ? 'C5 H9 N O4'     147.129 
GLY 'peptide linking'   y GLYCINE         ? 'C2 H5 N O2'     75.067  
HIS 'L-peptide linking' y HISTIDINE       ? 'C6 H10 N3 O2 1' 156.162 
HOH non-polymer         . WATER           ? 'H2 O'           18.015  
ILE 'L-peptide linking' y ISOLEUCINE      ? 'C6 H13 N O2'    131.173 
LEU 'L-peptide linking' y LEUCINE         ? 'C6 H13 N O2'    131.173 
MET 'L-peptide linking' y METHIONINE      ? 'C5 H11 N O2 S'  149.211 
PHE 'L-peptide linking' y PHENYLALANINE   ? 'C9 H11 N O2'    165.189 
PRO 'L-peptide linking' y PROLINE         ? 'C5 H9 N O2'     115.130 
SER 'L-peptide linking' y SERINE          ? 'C3 H7 N O3'     105.093 
SO4 non-polymer         . 'SULFATE ION'   ? 'O4 S -2'        96.063  
THR 'L-peptide linking' y THREONINE       ? 'C4 H9 N O3'     119.119 
TRP 'L-peptide linking' y TRYPTOPHAN      ? 'C11 H12 N2 O2'  204.225 
TYR 'L-peptide linking' y TYROSINE        ? 'C9 H11 N O3'    181.189 
VAL 'L-peptide linking' y VALINE          ? 'C5 H11 N O2'    117.146 
# 
loop_
_pdbx_poly_seq_scheme.asym_id 
_pdbx_poly_seq_scheme.entity_id 
_pdbx_poly_seq_scheme.seq_id 
_pdbx_poly_seq_scheme.mon_id 
_pdbx_poly_seq_scheme.ndb_seq_num 
_pdbx_poly_seq_scheme.pdb_seq_num 
_pdbx_poly_seq_scheme.auth_seq_num 
_pdbx_poly_seq_scheme.pdb_mon_id 
_pdbx_poly_seq_scheme.auth_mon_id 
_pdbx_poly_seq_scheme.pdb_strand_id 
_pdbx_poly_seq_scheme.pdb_ins_code 
_pdbx_poly_seq_scheme.hetero 
A 1 1   MET 1   3   ?   ?   ?   A . n 
A 1 2   SER 2   4   ?   ?   ?   A . n 
A 1 3   GLN 3   5   ?   ?   ?   A . n 
A 1 4   PRO 4   6   ?   ?   ?   A . n 
A 1 5   ALA 5   7   ?   ?   ?   A . n 
A 1 6   ALA 6   8   8   ALA ALA A . n 
A 1 7   PRO 7   9   9   PRO PRO A . n 
A 1 8   PRO 8   10  10  PRO PRO A . n 
A 1 9   VAL 9   11  11  VAL VAL A . n 
A 1 10  LEU 10  12  12  LEU LEU A . n 
A 1 11  THR 11  13  13  THR THR A . n 
A 1 12  VAL 12  14  14  VAL VAL A . n 
A 1 13  ARG 13  15  15  ARG ARG A . n 
A 1 14  TYR 14  16  16  TYR TYR A . n 
A 1 15  GLU 15  17  17  GLU GLU A . n 
A 1 16  GLY 16  18  18  GLY GLY A . n 
A 1 17  SER 17  19  19  SER SER A . n 
A 1 18  GLU 18  20  20  GLU GLU A . n 
A 1 19  ARG 19  21  21  ARG ARG A . n 
A 1 20  THR 20  22  22  THR THR A . n 
A 1 21  PHE 21  23  23  PHE PHE A . n 
A 1 22  ALA 22  24  24  ALA ALA A . n 
A 1 23  ALA 23  25  25  ALA ALA A . n 
A 1 24  GLY 24  26  26  GLY GLY A . n 
A 1 25  HIS 25  27  27  HIS HIS A . n 
A 1 26  ASP 26  28  28  ASP ASP A . n 
A 1 27  VAL 27  29  29  VAL VAL A . n 
A 1 28  VAL 28  30  30  VAL VAL A . n 
A 1 29  VAL 29  31  31  VAL VAL A . n 
A 1 30  GLY 30  32  32  GLY GLY A . n 
A 1 31  ARG 31  33  33  ARG ARG A . n 
A 1 32  ASP 32  34  34  ASP ASP A . n 
A 1 33  LEU 33  35  35  LEU LEU A . n 
A 1 34  ARG 34  36  36  ARG ARG A . n 
A 1 35  ALA 35  37  37  ALA ALA A . n 
A 1 36  ASP 36  38  38  ASP ASP A . n 
A 1 37  VAL 37  39  39  VAL VAL A . n 
A 1 38  ARG 38  40  40  ARG ARG A . n 
A 1 39  VAL 39  41  41  VAL VAL A . n 
A 1 40  ALA 40  42  42  ALA ALA A . n 
A 1 41  HIS 41  43  43  HIS HIS A . n 
A 1 42  PRO 42  44  44  PRO PRO A . n 
A 1 43  LEU 43  45  45  LEU LEU A . n 
A 1 44  ILE 44  46  46  ILE ILE A . n 
A 1 45  SER 45  47  47  SER SER A . n 
A 1 46  ARG 46  48  48  ARG ARG A . n 
A 1 47  ALA 47  49  49  ALA ALA A . n 
A 1 48  HIS 48  50  50  HIS HIS A . n 
A 1 49  LEU 49  51  51  LEU LEU A . n 
A 1 50  LEU 50  52  52  LEU LEU A . n 
A 1 51  LEU 51  53  53  LEU LEU A . n 
A 1 52  ARG 52  54  54  ARG ARG A . n 
A 1 53  PHE 53  55  55  PHE PHE A . n 
A 1 54  ASP 54  56  56  ASP ASP A . n 
A 1 55  GLN 55  57  57  GLN GLN A . n 
A 1 56  GLY 56  58  58  GLY GLY A . n 
A 1 57  ARG 57  59  59  ARG ARG A . n 
A 1 58  TRP 58  60  60  TRP TRP A . n 
A 1 59  VAL 59  61  61  VAL VAL A . n 
A 1 60  ALA 60  62  62  ALA ALA A . n 
A 1 61  ILE 61  63  63  ILE ILE A . n 
A 1 62  ASP 62  64  64  ASP ASP A . n 
A 1 63  ASN 63  65  65  ASN ASN A . n 
A 1 64  GLY 64  66  66  GLY GLY A . n 
A 1 65  SER 65  67  67  SER SER A . n 
A 1 66  LEU 66  68  68  LEU LEU A . n 
A 1 67  ASN 67  69  69  ASN ASN A . n 
A 1 68  GLY 68  70  70  GLY GLY A . n 
A 1 69  LEU 69  71  71  LEU LEU A . n 
A 1 70  TYR 70  72  72  TYR TYR A . n 
A 1 71  LEU 71  73  73  LEU LEU A . n 
A 1 72  ASN 72  74  74  ASN ASN A . n 
A 1 73  ASN 73  75  75  ASN ASN A . n 
A 1 74  ARG 74  76  76  ARG ARG A . n 
A 1 75  ARG 75  77  77  ARG ARG A . n 
A 1 76  VAL 76  78  78  VAL VAL A . n 
A 1 77  PRO 77  79  79  PRO PRO A . n 
A 1 78  VAL 78  80  80  VAL VAL A . n 
A 1 79  VAL 79  81  81  VAL VAL A . n 
A 1 80  ASP 80  82  82  ASP ASP A . n 
A 1 81  ILE 81  83  83  ILE ILE A . n 
A 1 82  TYR 82  84  84  TYR TYR A . n 
A 1 83  ASP 83  85  85  ASP ASP A . n 
A 1 84  ALA 84  86  86  ALA ALA A . n 
A 1 85  GLN 85  87  87  GLN GLN A . n 
A 1 86  ARG 86  88  88  ARG ARG A . n 
A 1 87  VAL 87  89  89  VAL VAL A . n 
A 1 88  HIS 88  90  90  HIS HIS A . n 
A 1 89  ILE 89  91  91  ILE ILE A . n 
A 1 90  GLY 90  92  92  GLY GLY A . n 
A 1 91  ASN 91  93  93  ASN ASN A . n 
A 1 92  PRO 92  94  94  PRO PRO A . n 
A 1 93  ASP 93  95  95  ASP ASP A . n 
A 1 94  GLY 94  96  96  GLY GLY A . n 
A 1 95  PRO 95  97  97  PRO PRO A . n 
A 1 96  ALA 96  98  98  ALA ALA A . n 
A 1 97  LEU 97  99  99  LEU LEU A . n 
A 1 98  ASP 98  100 100 ASP ASP A . n 
A 1 99  PHE 99  101 101 PHE PHE A . n 
A 1 100 GLU 100 102 102 GLU GLU A . n 
A 1 101 VAL 101 103 103 VAL VAL A . n 
A 1 102 GLY 102 104 104 GLY GLY A . n 
A 1 103 ARG 103 105 105 ARG ARG A . n 
A 1 104 HIS 104 106 ?   ?   ?   A . n 
A 1 105 ARG 105 107 ?   ?   ?   A . n 
A 1 106 GLY 106 108 ?   ?   ?   A . n 
A 1 107 SER 107 109 ?   ?   ?   A . n 
A 1 108 ALA 108 110 ?   ?   ?   A . n 
A 1 109 GLY 109 111 ?   ?   ?   A . n 
A 1 110 ARG 110 112 ?   ?   ?   A . n 
A 1 111 PRO 111 113 ?   ?   ?   A . n 
# 
loop_
_pdbx_nonpoly_scheme.asym_id 
_pdbx_nonpoly_scheme.entity_id 
_pdbx_nonpoly_scheme.mon_id 
_pdbx_nonpoly_scheme.ndb_seq_num 
_pdbx_nonpoly_scheme.pdb_seq_num 
_pdbx_nonpoly_scheme.auth_seq_num 
_pdbx_nonpoly_scheme.pdb_mon_id 
_pdbx_nonpoly_scheme.auth_mon_id 
_pdbx_nonpoly_scheme.pdb_strand_id 
_pdbx_nonpoly_scheme.pdb_ins_code 
B 2 SO4 1   201 1   SO4 SO4 A . 
C 2 SO4 1   202 1   SO4 SO4 A . 
D 3 HOH 1   301 47  HOH HOH A . 
D 3 HOH 2   302 90  HOH HOH A . 
D 3 HOH 3   303 100 HOH HOH A . 
D 3 HOH 4   304 64  HOH HOH A . 
D 3 HOH 5   305 83  HOH HOH A . 
D 3 HOH 6   306 46  HOH HOH A . 
D 3 HOH 7   307 9   HOH HOH A . 
D 3 HOH 8   308 37  HOH HOH A . 
D 3 HOH 9   309 3   HOH HOH A . 
D 3 HOH 10  310 16  HOH HOH A . 
D 3 HOH 11  311 50  HOH HOH A . 
D 3 HOH 12  312 34  HOH HOH A . 
D 3 HOH 13  313 1   HOH HOH A . 
D 3 HOH 14  314 20  HOH HOH A . 
D 3 HOH 15  315 18  HOH HOH A . 
D 3 HOH 16  316 22  HOH HOH A . 
D 3 HOH 17  317 24  HOH HOH A . 
D 3 HOH 18  318 66  HOH HOH A . 
D 3 HOH 19  319 13  HOH HOH A . 
D 3 HOH 20  320 40  HOH HOH A . 
D 3 HOH 21  321 36  HOH HOH A . 
D 3 HOH 22  322 12  HOH HOH A . 
D 3 HOH 23  323 26  HOH HOH A . 
D 3 HOH 24  324 92  HOH HOH A . 
D 3 HOH 25  325 69  HOH HOH A . 
D 3 HOH 26  326 32  HOH HOH A . 
D 3 HOH 27  327 2   HOH HOH A . 
D 3 HOH 28  328 17  HOH HOH A . 
D 3 HOH 29  329 7   HOH HOH A . 
D 3 HOH 30  330 14  HOH HOH A . 
D 3 HOH 31  331 54  HOH HOH A . 
D 3 HOH 32  332 8   HOH HOH A . 
D 3 HOH 33  333 39  HOH HOH A . 
D 3 HOH 34  334 38  HOH HOH A . 
D 3 HOH 35  335 27  HOH HOH A . 
D 3 HOH 36  336 62  HOH HOH A . 
D 3 HOH 37  337 97  HOH HOH A . 
D 3 HOH 38  338 35  HOH HOH A . 
D 3 HOH 39  339 44  HOH HOH A . 
D 3 HOH 40  340 76  HOH HOH A . 
D 3 HOH 41  341 80  HOH HOH A . 
D 3 HOH 42  342 15  HOH HOH A . 
D 3 HOH 43  343 43  HOH HOH A . 
D 3 HOH 44  344 48  HOH HOH A . 
D 3 HOH 45  345 81  HOH HOH A . 
D 3 HOH 46  346 6   HOH HOH A . 
D 3 HOH 47  347 79  HOH HOH A . 
D 3 HOH 48  348 91  HOH HOH A . 
D 3 HOH 49  349 11  HOH HOH A . 
D 3 HOH 50  350 71  HOH HOH A . 
D 3 HOH 51  351 75  HOH HOH A . 
D 3 HOH 52  352 5   HOH HOH A . 
D 3 HOH 53  353 84  HOH HOH A . 
D 3 HOH 54  354 42  HOH HOH A . 
D 3 HOH 55  355 19  HOH HOH A . 
D 3 HOH 56  356 29  HOH HOH A . 
D 3 HOH 57  357 49  HOH HOH A . 
D 3 HOH 58  358 68  HOH HOH A . 
D 3 HOH 59  359 51  HOH HOH A . 
D 3 HOH 60  360 4   HOH HOH A . 
D 3 HOH 61  361 23  HOH HOH A . 
D 3 HOH 62  362 30  HOH HOH A . 
D 3 HOH 63  363 28  HOH HOH A . 
D 3 HOH 64  364 86  HOH HOH A . 
D 3 HOH 65  365 87  HOH HOH A . 
D 3 HOH 66  366 70  HOH HOH A . 
D 3 HOH 67  367 21  HOH HOH A . 
D 3 HOH 68  368 53  HOH HOH A . 
D 3 HOH 69  369 94  HOH HOH A . 
D 3 HOH 70  370 93  HOH HOH A . 
D 3 HOH 71  371 59  HOH HOH A . 
D 3 HOH 72  372 33  HOH HOH A . 
D 3 HOH 73  373 52  HOH HOH A . 
D 3 HOH 74  374 55  HOH HOH A . 
D 3 HOH 75  375 74  HOH HOH A . 
D 3 HOH 76  376 96  HOH HOH A . 
D 3 HOH 77  377 10  HOH HOH A . 
D 3 HOH 78  378 58  HOH HOH A . 
D 3 HOH 79  379 67  HOH HOH A . 
D 3 HOH 80  380 72  HOH HOH A . 
D 3 HOH 81  381 99  HOH HOH A . 
D 3 HOH 82  382 77  HOH HOH A . 
D 3 HOH 83  383 98  HOH HOH A . 
D 3 HOH 84  384 65  HOH HOH A . 
D 3 HOH 85  385 89  HOH HOH A . 
D 3 HOH 86  386 45  HOH HOH A . 
D 3 HOH 87  387 61  HOH HOH A . 
D 3 HOH 88  388 60  HOH HOH A . 
D 3 HOH 89  389 73  HOH HOH A . 
D 3 HOH 90  390 31  HOH HOH A . 
D 3 HOH 91  391 56  HOH HOH A . 
D 3 HOH 92  392 85  HOH HOH A . 
D 3 HOH 93  393 82  HOH HOH A . 
D 3 HOH 94  394 41  HOH HOH A . 
D 3 HOH 95  395 63  HOH HOH A . 
D 3 HOH 96  396 88  HOH HOH A . 
D 3 HOH 97  397 57  HOH HOH A . 
D 3 HOH 98  398 78  HOH HOH A . 
D 3 HOH 99  399 25  HOH HOH A . 
D 3 HOH 100 400 95  HOH HOH A . 
# 
loop_
_software.citation_id 
_software.classification 
_software.compiler_name 
_software.compiler_version 
_software.contact_author 
_software.contact_author_email 
_software.date 
_software.description 
_software.dependencies 
_software.hardware 
_software.language 
_software.location 
_software.mods 
_software.name 
_software.os 
_software.os_version 
_software.type 
_software.version 
_software.pdbx_ordinal 
? refinement       ? ? ? ? ? ? ? ? ? ? ? PHENIX  ? ? ? 1.9_1692             1 
? 'data reduction' ? ? ? ? ? ? ? ? ? ? ? XDS     ? ? ? '0.47 (08-Jul-2014)' 2 
? 'data scaling'   ? ? ? ? ? ? ? ? ? ? ? Aimless ? ? ? 'Version 0.1.27'     3 
? phasing          ? ? ? ? ? ? ? ? ? ? ? PHASER  ? ? ? .                    4 
# 
_cell.angle_alpha                  90.00 
_cell.angle_alpha_esd              ? 
_cell.angle_beta                   90.00 
_cell.angle_beta_esd               ? 
_cell.angle_gamma                  120.00 
_cell.angle_gamma_esd              ? 
_cell.entry_id                     6CCD 
_cell.details                      ? 
_cell.formula_units_Z              ? 
_cell.length_a                     58.922 
_cell.length_a_esd                 ? 
_cell.length_b                     58.922 
_cell.length_b_esd                 ? 
_cell.length_c                     68.632 
_cell.length_c_esd                 ? 
_cell.volume                       ? 
_cell.volume_esd                   ? 
_cell.Z_PDB                        6 
_cell.reciprocal_angle_alpha       ? 
_cell.reciprocal_angle_beta        ? 
_cell.reciprocal_angle_gamma       ? 
_cell.reciprocal_angle_alpha_esd   ? 
_cell.reciprocal_angle_beta_esd    ? 
_cell.reciprocal_angle_gamma_esd   ? 
_cell.reciprocal_length_a          ? 
_cell.reciprocal_length_b          ? 
_cell.reciprocal_length_c          ? 
_cell.reciprocal_length_a_esd      ? 
_cell.reciprocal_length_b_esd      ? 
_cell.reciprocal_length_c_esd      ? 
_cell.pdbx_unique_axis             ? 
# 
_symmetry.entry_id                         6CCD 
_symmetry.cell_setting                     ? 
_symmetry.Int_Tables_number                154 
_symmetry.space_group_name_Hall            ? 
_symmetry.space_group_name_H-M             'P 32 2 1' 
_symmetry.pdbx_full_space_group_name_H-M   ? 
# 
_exptl.absorpt_coefficient_mu     ? 
_exptl.absorpt_correction_T_max   ? 
_exptl.absorpt_correction_T_min   ? 
_exptl.absorpt_correction_type    ? 
_exptl.absorpt_process_details    ? 
_exptl.entry_id                   6CCD 
_exptl.crystals_number            1 
_exptl.details                    ? 
_exptl.method                     'X-RAY DIFFRACTION' 
_exptl.method_details             ? 
# 
_exptl_crystal.colour                      ? 
_exptl_crystal.density_diffrn              ? 
_exptl_crystal.density_Matthews            2.81 
_exptl_crystal.density_method              ? 
_exptl_crystal.density_percent_sol         56.25 
_exptl_crystal.description                 'single, rod-shaped crystals of approximately 0.4 mm length' 
_exptl_crystal.F_000                       ? 
_exptl_crystal.id                          1 
_exptl_crystal.preparation                 ? 
_exptl_crystal.size_max                    ? 
_exptl_crystal.size_mid                    ? 
_exptl_crystal.size_min                    ? 
_exptl_crystal.size_rad                    ? 
_exptl_crystal.colour_lustre               ? 
_exptl_crystal.colour_modifier             ? 
_exptl_crystal.colour_primary              ? 
_exptl_crystal.density_meas                ? 
_exptl_crystal.density_meas_esd            ? 
_exptl_crystal.density_meas_gt             ? 
_exptl_crystal.density_meas_lt             ? 
_exptl_crystal.density_meas_temp           ? 
_exptl_crystal.density_meas_temp_esd       ? 
_exptl_crystal.density_meas_temp_gt        ? 
_exptl_crystal.density_meas_temp_lt        ? 
_exptl_crystal.pdbx_crystal_image_url      ? 
_exptl_crystal.pdbx_crystal_image_format   ? 
_exptl_crystal.pdbx_mosaicity              ? 
_exptl_crystal.pdbx_mosaicity_esd          ? 
# 
_exptl_crystal_grow.apparatus       ? 
_exptl_crystal_grow.atmosphere      ? 
_exptl_crystal_grow.crystal_id      1 
_exptl_crystal_grow.details         ? 
_exptl_crystal_grow.method          MICROBATCH 
_exptl_crystal_grow.method_ref      ? 
_exptl_crystal_grow.pH              5.5 
_exptl_crystal_grow.pressure        ? 
_exptl_crystal_grow.pressure_esd    ? 
_exptl_crystal_grow.seeding         ? 
_exptl_crystal_grow.seeding_ref     ? 
_exptl_crystal_grow.temp            291 
_exptl_crystal_grow.temp_details    ? 
_exptl_crystal_grow.temp_esd        ? 
_exptl_crystal_grow.time            ? 
_exptl_crystal_grow.pdbx_details    
;1:1 18 mg/mL protein (in 50 mM sodium chloride, 25 mM HEPES, 0.5 mM TCEP, pH 7.8), 1.8 M ammonium sulfate, 100 mM citrate buffer, pH 5.5, with 10% silicon, 90% paraffin solution as overlay
;
_exptl_crystal_grow.pdbx_pH_range   ? 
# 
_diffrn.ambient_environment    ? 
_diffrn.ambient_temp           100 
_diffrn.ambient_temp_details   ? 
_diffrn.ambient_temp_esd       ? 
_diffrn.crystal_id             1 
_diffrn.crystal_support        ? 
_diffrn.crystal_treatment      ? 
_diffrn.details                ? 
_diffrn.id                     1 
_diffrn.ambient_pressure       ? 
_diffrn.ambient_pressure_esd   ? 
_diffrn.ambient_pressure_gt    ? 
_diffrn.ambient_pressure_lt    ? 
_diffrn.ambient_temp_gt        ? 
_diffrn.ambient_temp_lt        ? 
# 
_diffrn_detector.details                      ? 
_diffrn_detector.detector                     CCD 
_diffrn_detector.diffrn_id                    1 
_diffrn_detector.type                         'ADSC QUANTUM 210' 
_diffrn_detector.area_resol_mean              ? 
_diffrn_detector.dtime                        ? 
_diffrn_detector.pdbx_frames_total            ? 
_diffrn_detector.pdbx_collection_time_total   ? 
_diffrn_detector.pdbx_collection_date         2004-06-24 
# 
_diffrn_radiation.collimation                      ? 
_diffrn_radiation.diffrn_id                        1 
_diffrn_radiation.filter_edge                      ? 
_diffrn_radiation.inhomogeneity                    ? 
_diffrn_radiation.monochromator                    'Si(111)' 
_diffrn_radiation.polarisn_norm                    ? 
_diffrn_radiation.polarisn_ratio                   ? 
_diffrn_radiation.probe                            ? 
_diffrn_radiation.type                             ? 
_diffrn_radiation.xray_symbol                      ? 
_diffrn_radiation.wavelength_id                    1 
_diffrn_radiation.pdbx_monochromatic_or_laue_m_l   M 
_diffrn_radiation.pdbx_wavelength_list             ? 
_diffrn_radiation.pdbx_wavelength                  ? 
_diffrn_radiation.pdbx_diffrn_protocol             'SINGLE WAVELENGTH' 
_diffrn_radiation.pdbx_analyzer                    ? 
_diffrn_radiation.pdbx_scattering_type             x-ray 
# 
_diffrn_radiation_wavelength.id           1 
_diffrn_radiation_wavelength.wavelength   1.1159 
_diffrn_radiation_wavelength.wt           1.0 
# 
_diffrn_source.current                     ? 
_diffrn_source.details                     ? 
_diffrn_source.diffrn_id                   1 
_diffrn_source.power                       ? 
_diffrn_source.size                        ? 
_diffrn_source.source                      SYNCHROTRON 
_diffrn_source.target                      ? 
_diffrn_source.type                        'ALS BEAMLINE 8.3.1' 
_diffrn_source.voltage                     ? 
_diffrn_source.take-off_angle              ? 
_diffrn_source.pdbx_wavelength_list        1.1159 
_diffrn_source.pdbx_wavelength             ? 
_diffrn_source.pdbx_synchrotron_beamline   8.3.1 
_diffrn_source.pdbx_synchrotron_site       ALS 
# 
_reflns.B_iso_Wilson_estimate            ? 
_reflns.entry_id                         6CCD 
_reflns.data_reduction_details           ? 
_reflns.data_reduction_method            ? 
_reflns.d_resolution_high                1.8 
_reflns.d_resolution_low                 68.63 
_reflns.details                          ? 
_reflns.limit_h_max                      ? 
_reflns.limit_h_min                      ? 
_reflns.limit_k_max                      ? 
_reflns.limit_k_min                      ? 
_reflns.limit_l_max                      ? 
_reflns.limit_l_min                      ? 
_reflns.number_all                       ? 
_reflns.number_obs                       11508 
_reflns.observed_criterion               ? 
_reflns.observed_criterion_F_max         ? 
_reflns.observed_criterion_F_min         ? 
_reflns.observed_criterion_I_max         ? 
_reflns.observed_criterion_I_min         ? 
_reflns.observed_criterion_sigma_F       ? 
_reflns.observed_criterion_sigma_I       ? 
_reflns.percent_possible_obs             87.0 
_reflns.R_free_details                   ? 
_reflns.Rmerge_F_all                     ? 
_reflns.Rmerge_F_obs                     ? 
_reflns.Friedel_coverage                 ? 
_reflns.number_gt                        ? 
_reflns.threshold_expression             ? 
_reflns.pdbx_redundancy                  9.5 
_reflns.pdbx_Rmerge_I_obs                0.069 
_reflns.pdbx_Rmerge_I_all                ? 
_reflns.pdbx_Rsym_value                  ? 
_reflns.pdbx_netI_over_av_sigmaI         ? 
_reflns.pdbx_netI_over_sigmaI            26.0 
_reflns.pdbx_res_netI_over_av_sigmaI_2   ? 
_reflns.pdbx_res_netI_over_sigmaI_2      ? 
_reflns.pdbx_chi_squared                 ? 
_reflns.pdbx_scaling_rejects             ? 
_reflns.pdbx_d_res_high_opt              ? 
_reflns.pdbx_d_res_low_opt               ? 
_reflns.pdbx_d_res_opt_method            ? 
_reflns.phase_calculation_details        ? 
_reflns.pdbx_Rrim_I_all                  0.073 
_reflns.pdbx_Rpim_I_all                  0.031 
_reflns.pdbx_d_opt                       ? 
_reflns.pdbx_number_measured_all         ? 
_reflns.pdbx_diffrn_id                   1 
_reflns.pdbx_ordinal                     1 
_reflns.pdbx_CC_half                     0.999 
_reflns.pdbx_R_split                     ? 
# 
loop_
_reflns_shell.d_res_high 
_reflns_shell.d_res_low 
_reflns_shell.meanI_over_sigI_all 
_reflns_shell.meanI_over_sigI_obs 
_reflns_shell.number_measured_all 
_reflns_shell.number_measured_obs 
_reflns_shell.number_possible 
_reflns_shell.number_unique_all 
_reflns_shell.number_unique_obs 
_reflns_shell.percent_possible_all 
_reflns_shell.percent_possible_obs 
_reflns_shell.Rmerge_F_all 
_reflns_shell.Rmerge_F_obs 
_reflns_shell.Rmerge_I_all 
_reflns_shell.Rmerge_I_obs 
_reflns_shell.meanI_over_sigI_gt 
_reflns_shell.meanI_over_uI_all 
_reflns_shell.meanI_over_uI_gt 
_reflns_shell.number_measured_gt 
_reflns_shell.number_unique_gt 
_reflns_shell.percent_possible_gt 
_reflns_shell.Rmerge_F_gt 
_reflns_shell.Rmerge_I_gt 
_reflns_shell.pdbx_redundancy 
_reflns_shell.pdbx_Rsym_value 
_reflns_shell.pdbx_chi_squared 
_reflns_shell.pdbx_netI_over_sigmaI_all 
_reflns_shell.pdbx_netI_over_sigmaI_obs 
_reflns_shell.pdbx_Rrim_I_all 
_reflns_shell.pdbx_Rpim_I_all 
_reflns_shell.pdbx_rejects 
_reflns_shell.pdbx_ordinal 
_reflns_shell.pdbx_diffrn_id 
_reflns_shell.pdbx_CC_half 
_reflns_shell.pdbx_R_split 
9.00 68.63 ? 69  ? ? ? ? 1117 99.8 ? ? ? ? 0.024 ? ? ? ? ? ? ? ? 8.2 ? ? ? ? 0.025 0.008 ? 1 1 1.00  ? 
1.8  1.84  ? 1.9 ? ? ? ? 361  46.2 ? ? ? ? 0.822 ? ? ? ? ? ? ? ? 4.9 ? ? ? ? 0.920 0.396 ? 2 1 0.627 ? 
# 
_refine.aniso_B[1][1]                            ? 
_refine.aniso_B[1][2]                            ? 
_refine.aniso_B[1][3]                            ? 
_refine.aniso_B[2][2]                            ? 
_refine.aniso_B[2][3]                            ? 
_refine.aniso_B[3][3]                            ? 
_refine.B_iso_max                                ? 
_refine.B_iso_mean                               ? 
_refine.B_iso_min                                ? 
_refine.correlation_coeff_Fo_to_Fc               ? 
_refine.correlation_coeff_Fo_to_Fc_free          ? 
_refine.details                                  ? 
_refine.diff_density_max                         ? 
_refine.diff_density_max_esd                     ? 
_refine.diff_density_min                         ? 
_refine.diff_density_min_esd                     ? 
_refine.diff_density_rms                         ? 
_refine.diff_density_rms_esd                     ? 
_refine.entry_id                                 6CCD 
_refine.pdbx_refine_id                           'X-RAY DIFFRACTION' 
_refine.ls_abs_structure_details                 ? 
_refine.ls_abs_structure_Flack                   ? 
_refine.ls_abs_structure_Flack_esd               ? 
_refine.ls_abs_structure_Rogers                  ? 
_refine.ls_abs_structure_Rogers_esd              ? 
_refine.ls_d_res_high                            1.800 
_refine.ls_d_res_low                             51.028 
_refine.ls_extinction_coef                       ? 
_refine.ls_extinction_coef_esd                   ? 
_refine.ls_extinction_expression                 ? 
_refine.ls_extinction_method                     ? 
_refine.ls_goodness_of_fit_all                   ? 
_refine.ls_goodness_of_fit_all_esd               ? 
_refine.ls_goodness_of_fit_obs                   ? 
_refine.ls_goodness_of_fit_obs_esd               ? 
_refine.ls_hydrogen_treatment                    ? 
_refine.ls_matrix_type                           ? 
_refine.ls_number_constraints                    ? 
_refine.ls_number_parameters                     ? 
_refine.ls_number_reflns_all                     ? 
_refine.ls_number_reflns_obs                     11495 
_refine.ls_number_reflns_R_free                  1045 
_refine.ls_number_reflns_R_work                  ? 
_refine.ls_number_restraints                     ? 
_refine.ls_percent_reflns_obs                    86.50 
_refine.ls_percent_reflns_R_free                 4.88 
_refine.ls_R_factor_all                          ? 
_refine.ls_R_factor_obs                          0.1708 
_refine.ls_R_factor_R_free                       0.2084 
_refine.ls_R_factor_R_free_error                 ? 
_refine.ls_R_factor_R_free_error_details         ? 
_refine.ls_R_factor_R_work                       0.1689 
_refine.ls_R_Fsqd_factor_obs                     ? 
_refine.ls_R_I_factor_obs                        ? 
_refine.ls_redundancy_reflns_all                 ? 
_refine.ls_redundancy_reflns_obs                 ? 
_refine.ls_restrained_S_all                      ? 
_refine.ls_restrained_S_obs                      ? 
_refine.ls_shift_over_esd_max                    ? 
_refine.ls_shift_over_esd_mean                   ? 
_refine.ls_structure_factor_coef                 ? 
_refine.ls_weighting_details                     ? 
_refine.ls_weighting_scheme                      ? 
_refine.ls_wR_factor_all                         ? 
_refine.ls_wR_factor_obs                         ? 
_refine.ls_wR_factor_R_free                      ? 
_refine.ls_wR_factor_R_work                      ? 
_refine.occupancy_max                            ? 
_refine.occupancy_min                            ? 
_refine.solvent_model_details                    ? 
_refine.solvent_model_param_bsol                 ? 
_refine.solvent_model_param_ksol                 ? 
_refine.ls_R_factor_gt                           ? 
_refine.ls_goodness_of_fit_gt                    ? 
_refine.ls_goodness_of_fit_ref                   ? 
_refine.ls_shift_over_su_max                     ? 
_refine.ls_shift_over_su_max_lt                  ? 
_refine.ls_shift_over_su_mean                    ? 
_refine.ls_shift_over_su_mean_lt                 ? 
_refine.pdbx_ls_sigma_I                          ? 
_refine.pdbx_ls_sigma_F                          1.27 
_refine.pdbx_ls_sigma_Fsqd                       ? 
_refine.pdbx_data_cutoff_high_absF               ? 
_refine.pdbx_data_cutoff_high_rms_absF           ? 
_refine.pdbx_data_cutoff_low_absF                ? 
_refine.pdbx_isotropic_thermal_model             ? 
_refine.pdbx_ls_cross_valid_method               THROUGHOUT 
_refine.pdbx_method_to_determine_struct          ? 
_refine.pdbx_starting_model                      ? 
_refine.pdbx_stereochemistry_target_values       ? 
_refine.pdbx_R_Free_selection_details            ? 
_refine.pdbx_stereochem_target_val_spec_case     ? 
_refine.pdbx_overall_ESU_R                       ? 
_refine.pdbx_overall_ESU_R_Free                  ? 
_refine.pdbx_solvent_vdw_probe_radii             1.11 
_refine.pdbx_solvent_ion_probe_radii             ? 
_refine.pdbx_solvent_shrinkage_radii             0.90 
_refine.pdbx_real_space_R                        ? 
_refine.pdbx_density_correlation                 ? 
_refine.pdbx_pd_number_of_powder_patterns        ? 
_refine.pdbx_pd_number_of_points                 ? 
_refine.pdbx_pd_meas_number_of_points            ? 
_refine.pdbx_pd_proc_ls_prof_R_factor            ? 
_refine.pdbx_pd_proc_ls_prof_wR_factor           ? 
_refine.pdbx_pd_Marquardt_correlation_coeff      ? 
_refine.pdbx_pd_Fsqrd_R_factor                   ? 
_refine.pdbx_pd_ls_matrix_band_width             ? 
_refine.pdbx_overall_phase_error                 21.82 
_refine.pdbx_overall_SU_R_free_Cruickshank_DPI   ? 
_refine.pdbx_overall_SU_R_free_Blow_DPI          ? 
_refine.pdbx_overall_SU_R_Blow_DPI               ? 
_refine.pdbx_TLS_residual_ADP_flag               ? 
_refine.pdbx_diffrn_id                           1 
_refine.overall_SU_B                             ? 
_refine.overall_SU_ML                            0.18 
_refine.overall_SU_R_Cruickshank_DPI             ? 
_refine.overall_SU_R_free                        ? 
_refine.overall_FOM_free_R_set                   ? 
_refine.overall_FOM_work_R_set                   ? 
_refine.pdbx_average_fsc_overall                 ? 
_refine.pdbx_average_fsc_work                    ? 
_refine.pdbx_average_fsc_free                    ? 
# 
_refine_hist.pdbx_refine_id                   'X-RAY DIFFRACTION' 
_refine_hist.cycle_id                         LAST 
_refine_hist.pdbx_number_atoms_protein        770 
_refine_hist.pdbx_number_atoms_nucleic_acid   0 
_refine_hist.pdbx_number_atoms_ligand         10 
_refine_hist.number_atoms_solvent             100 
_refine_hist.number_atoms_total               880 
_refine_hist.d_res_high                       1.800 
_refine_hist.d_res_low                        51.028 
# 
loop_
_refine_ls_restr.pdbx_refine_id 
_refine_ls_restr.criterion 
_refine_ls_restr.dev_ideal 
_refine_ls_restr.dev_ideal_target 
_refine_ls_restr.number 
_refine_ls_restr.rejects 
_refine_ls_restr.type 
_refine_ls_restr.weight 
_refine_ls_restr.pdbx_restraint_function 
'X-RAY DIFFRACTION' ? 0.007  ? 832  ? f_bond_d           ? ? 
'X-RAY DIFFRACTION' ? 1.134  ? 1136 ? f_angle_d          ? ? 
'X-RAY DIFFRACTION' ? 13.975 ? 307  ? f_dihedral_angle_d ? ? 
'X-RAY DIFFRACTION' ? 0.049  ? 121  ? f_chiral_restr     ? ? 
'X-RAY DIFFRACTION' ? 0.005  ? 153  ? f_plane_restr      ? ? 
# 
loop_
_refine_ls_shell.pdbx_refine_id 
_refine_ls_shell.d_res_high 
_refine_ls_shell.d_res_low 
_refine_ls_shell.number_reflns_all 
_refine_ls_shell.number_reflns_obs 
_refine_ls_shell.number_reflns_R_free 
_refine_ls_shell.number_reflns_R_work 
_refine_ls_shell.percent_reflns_obs 
_refine_ls_shell.percent_reflns_R_free 
_refine_ls_shell.R_factor_all 
_refine_ls_shell.R_factor_obs 
_refine_ls_shell.R_factor_R_free 
_refine_ls_shell.R_factor_R_free_error 
_refine_ls_shell.R_factor_R_work 
_refine_ls_shell.redundancy_reflns_all 
_refine_ls_shell.redundancy_reflns_obs 
_refine_ls_shell.wR_factor_all 
_refine_ls_shell.wR_factor_obs 
_refine_ls_shell.wR_factor_R_free 
_refine_ls_shell.wR_factor_R_work 
_refine_ls_shell.pdbx_total_number_of_bins_used 
_refine_ls_shell.pdbx_phase_error 
_refine_ls_shell.pdbx_fsc_work 
_refine_ls_shell.pdbx_fsc_free 
'X-RAY DIFFRACTION' 1.8001 1.8950  . . 87  1627 48.00  . . . 0.3220 . 0.2649 . . . . . . . . . . 
'X-RAY DIFFRACTION' 1.8950 2.0138  . . 110 2212 66.00  . . . 0.2710 . 0.2158 . . . . . . . . . . 
'X-RAY DIFFRACTION' 2.0138 2.1692  . . 154 3117 93.00  . . . 0.2036 . 0.1711 . . . . . . . . . . 
'X-RAY DIFFRACTION' 2.1692 2.3875  . . 148 3358 99.00  . . . 0.1906 . 0.1617 . . . . . . . . . . 
'X-RAY DIFFRACTION' 2.3875 2.7330  . . 197 3325 100.00 . . . 0.2429 . 0.1682 . . . . . . . . . . 
'X-RAY DIFFRACTION' 2.7330 3.4432  . . 186 3334 100.00 . . . 0.1828 . 0.1603 . . . . . . . . . . 
'X-RAY DIFFRACTION' 3.4432 51.0484 . . 163 3376 100.00 . . . 0.1939 . 0.1610 . . . . . . . . . . 
# 
_struct.entry_id                     6CCD 
_struct.title                        'The crystal structure of Mycobacterium tuberculosis Rv1747 FHA-1' 
_struct.pdbx_model_details           ? 
_struct.pdbx_formula_weight          ? 
_struct.pdbx_formula_weight_method   ? 
_struct.pdbx_model_type_details      ? 
_struct.pdbx_CASP_flag               N 
# 
_struct_keywords.entry_id        6CCD 
_struct_keywords.text            'FHA domain, phospho-threonine binding domain, phospho-peptide binding domain, PROTEIN BINDING' 
_struct_keywords.pdbx_keywords   'PROTEIN BINDING' 
# 
loop_
_struct_asym.id 
_struct_asym.pdbx_blank_PDB_chainid_flag 
_struct_asym.pdbx_modified 
_struct_asym.entity_id 
_struct_asym.details 
A N N 1 ? 
B N N 2 ? 
C N N 2 ? 
D N N 3 ? 
# 
_struct_ref.id                         1 
_struct_ref.db_name                    UNP 
_struct_ref.db_code                    ABC1_MYCTU 
_struct_ref.pdbx_db_accession          O65934 
_struct_ref.pdbx_db_isoform            ? 
_struct_ref.entity_id                  1 
_struct_ref.pdbx_seq_one_letter_code   
;MSQPAAPPVLTVRYEGSERTFAAGHDVVVGRDLRADVRVAHPLISRAHLLLRFDQGRWVAIDNGSLNGLYLNNRRVPVVD
IYDAQRVHIGNPDGPALDFEVGRHRGSAGRP
;
_struct_ref.pdbx_align_begin           3 
# 
_struct_ref_seq.align_id                      1 
_struct_ref_seq.ref_id                        1 
_struct_ref_seq.pdbx_PDB_id_code              6CCD 
_struct_ref_seq.pdbx_strand_id                A 
_struct_ref_seq.seq_align_beg                 1 
_struct_ref_seq.pdbx_seq_align_beg_ins_code   ? 
_struct_ref_seq.seq_align_end                 111 
_struct_ref_seq.pdbx_seq_align_end_ins_code   ? 
_struct_ref_seq.pdbx_db_accession             O65934 
_struct_ref_seq.db_align_beg                  3 
_struct_ref_seq.pdbx_db_align_beg_ins_code    ? 
_struct_ref_seq.db_align_end                  113 
_struct_ref_seq.pdbx_db_align_end_ins_code    ? 
_struct_ref_seq.pdbx_auth_seq_align_beg       3 
_struct_ref_seq.pdbx_auth_seq_align_end       113 
# 
_pdbx_struct_assembly.id                   1 
_pdbx_struct_assembly.details              author_and_software_defined_assembly 
_pdbx_struct_assembly.method_details       PISA 
_pdbx_struct_assembly.oligomeric_details   monomeric 
_pdbx_struct_assembly.oligomeric_count     1 
# 
loop_
_pdbx_struct_assembly_prop.biol_id 
_pdbx_struct_assembly_prop.type 
_pdbx_struct_assembly_prop.value 
_pdbx_struct_assembly_prop.details 
1 'ABSA (A^2)' 300  ? 
1 MORE         -21  ? 
1 'SSA (A^2)'  5900 ? 
# 
_pdbx_struct_assembly_gen.assembly_id       1 
_pdbx_struct_assembly_gen.oper_expression   1 
_pdbx_struct_assembly_gen.asym_id_list      A,B,C,D 
# 
_pdbx_struct_assembly_auth_evidence.id                     1 
_pdbx_struct_assembly_auth_evidence.assembly_id            1 
_pdbx_struct_assembly_auth_evidence.experimental_support   none 
_pdbx_struct_assembly_auth_evidence.details                ? 
# 
_pdbx_struct_oper_list.id                   1 
_pdbx_struct_oper_list.type                 'identity operation' 
_pdbx_struct_oper_list.name                 1_555 
_pdbx_struct_oper_list.symmetry_operation   x,y,z 
_pdbx_struct_oper_list.matrix[1][1]         1.0000000000 
_pdbx_struct_oper_list.matrix[1][2]         0.0000000000 
_pdbx_struct_oper_list.matrix[1][3]         0.0000000000 
_pdbx_struct_oper_list.vector[1]            0.0000000000 
_pdbx_struct_oper_list.matrix[2][1]         0.0000000000 
_pdbx_struct_oper_list.matrix[2][2]         1.0000000000 
_pdbx_struct_oper_list.matrix[2][3]         0.0000000000 
_pdbx_struct_oper_list.vector[2]            0.0000000000 
_pdbx_struct_oper_list.matrix[3][1]         0.0000000000 
_pdbx_struct_oper_list.matrix[3][2]         0.0000000000 
_pdbx_struct_oper_list.matrix[3][3]         1.0000000000 
_pdbx_struct_oper_list.vector[3]            0.0000000000 
# 
loop_
_struct_sheet.id 
_struct_sheet.type 
_struct_sheet.number_strands 
_struct_sheet.details 
AA1 ? 6 ? 
AA2 ? 5 ? 
# 
loop_
_struct_sheet_order.sheet_id 
_struct_sheet_order.range_id_1 
_struct_sheet_order.range_id_2 
_struct_sheet_order.offset 
_struct_sheet_order.sense 
AA1 1 2 ? anti-parallel 
AA1 2 3 ? anti-parallel 
AA1 3 4 ? anti-parallel 
AA1 4 5 ? anti-parallel 
AA1 5 6 ? anti-parallel 
AA2 1 2 ? parallel      
AA2 2 3 ? anti-parallel 
AA2 3 4 ? anti-parallel 
AA2 4 5 ? anti-parallel 
# 
loop_
_struct_sheet_range.sheet_id 
_struct_sheet_range.id 
_struct_sheet_range.beg_label_comp_id 
_struct_sheet_range.beg_label_asym_id 
_struct_sheet_range.beg_label_seq_id 
_struct_sheet_range.pdbx_beg_PDB_ins_code 
_struct_sheet_range.end_label_comp_id 
_struct_sheet_range.end_label_asym_id 
_struct_sheet_range.end_label_seq_id 
_struct_sheet_range.pdbx_end_PDB_ins_code 
_struct_sheet_range.beg_auth_comp_id 
_struct_sheet_range.beg_auth_asym_id 
_struct_sheet_range.beg_auth_seq_id 
_struct_sheet_range.end_auth_comp_id 
_struct_sheet_range.end_auth_asym_id 
_struct_sheet_range.end_auth_seq_id 
AA1 1 SER A 17 ? PHE A 21  ? SER A 19 PHE A 23  
AA1 2 LEU A 10 ? TYR A 14  ? LEU A 12 TYR A 16  
AA1 3 ALA A 96 ? VAL A 101 ? ALA A 98 VAL A 103 
AA1 4 ALA A 84 ? ILE A 89  ? ALA A 86 ILE A 91  
AA1 5 LEU A 69 ? LEU A 71  ? LEU A 71 LEU A 73  
AA1 6 ARG A 74 ? ARG A 75  ? ARG A 76 ARG A 77  
AA2 1 VAL A 37 ? ARG A 38  ? VAL A 39 ARG A 40  
AA2 2 VAL A 27 ? GLY A 30  ? VAL A 29 GLY A 32  
AA2 3 LEU A 49 ? ASP A 54  ? LEU A 51 ASP A 56  
AA2 4 ARG A 57 ? ASP A 62  ? ARG A 59 ASP A 64  
AA2 5 VAL A 78 ? ILE A 81  ? VAL A 80 ILE A 83  
# 
loop_
_pdbx_struct_sheet_hbond.sheet_id 
_pdbx_struct_sheet_hbond.range_id_1 
_pdbx_struct_sheet_hbond.range_id_2 
_pdbx_struct_sheet_hbond.range_1_label_atom_id 
_pdbx_struct_sheet_hbond.range_1_label_comp_id 
_pdbx_struct_sheet_hbond.range_1_label_asym_id 
_pdbx_struct_sheet_hbond.range_1_label_seq_id 
_pdbx_struct_sheet_hbond.range_1_PDB_ins_code 
_pdbx_struct_sheet_hbond.range_1_auth_atom_id 
_pdbx_struct_sheet_hbond.range_1_auth_comp_id 
_pdbx_struct_sheet_hbond.range_1_auth_asym_id 
_pdbx_struct_sheet_hbond.range_1_auth_seq_id 
_pdbx_struct_sheet_hbond.range_2_label_atom_id 
_pdbx_struct_sheet_hbond.range_2_label_comp_id 
_pdbx_struct_sheet_hbond.range_2_label_asym_id 
_pdbx_struct_sheet_hbond.range_2_label_seq_id 
_pdbx_struct_sheet_hbond.range_2_PDB_ins_code 
_pdbx_struct_sheet_hbond.range_2_auth_atom_id 
_pdbx_struct_sheet_hbond.range_2_auth_comp_id 
_pdbx_struct_sheet_hbond.range_2_auth_asym_id 
_pdbx_struct_sheet_hbond.range_2_auth_seq_id 
AA1 1 2 O SER A 17 ? O SER A 19  N TYR A 14  ? N TYR A 16  
AA1 2 3 N THR A 11 ? N THR A 13  O GLU A 100 ? O GLU A 102 
AA1 3 4 O PHE A 99 ? O PHE A 101 N GLN A 85  ? N GLN A 87  
AA1 4 5 O HIS A 88 ? O HIS A 90  N TYR A 70  ? N TYR A 72  
AA1 5 6 N LEU A 71 ? N LEU A 73  O ARG A 74  ? O ARG A 76  
AA2 1 2 O VAL A 37 ? O VAL A 39  N GLY A 30  ? N GLY A 32  
AA2 2 3 N VAL A 27 ? N VAL A 29  O LEU A 51  ? O LEU A 53  
AA2 3 4 N LEU A 50 ? N LEU A 52  O ILE A 61  ? O ILE A 63  
AA2 4 5 N TRP A 58 ? N TRP A 60  O ILE A 81  ? O ILE A 83  
# 
loop_
_struct_site.id 
_struct_site.pdbx_evidence_code 
_struct_site.pdbx_auth_asym_id 
_struct_site.pdbx_auth_comp_id 
_struct_site.pdbx_auth_seq_id 
_struct_site.pdbx_auth_ins_code 
_struct_site.pdbx_num_residues 
_struct_site.details 
AC1 Software A SO4 201 ? 6 'binding site for residue SO4 A 201' 
AC2 Software A SO4 202 ? 4 'binding site for residue SO4 A 202' 
# 
loop_
_struct_site_gen.id 
_struct_site_gen.site_id 
_struct_site_gen.pdbx_num_res 
_struct_site_gen.label_comp_id 
_struct_site_gen.label_asym_id 
_struct_site_gen.label_seq_id 
_struct_site_gen.pdbx_auth_ins_code 
_struct_site_gen.auth_comp_id 
_struct_site_gen.auth_asym_id 
_struct_site_gen.auth_seq_id 
_struct_site_gen.label_atom_id 
_struct_site_gen.label_alt_id 
_struct_site_gen.symmetry 
_struct_site_gen.details 
1  AC1 6 ARG A 31 ? ARG A 33  . ? 1_555 ? 
2  AC1 6 SER A 45 ? SER A 47  . ? 1_555 ? 
3  AC1 6 ARG A 46 ? ARG A 48  . ? 1_555 ? 
4  AC1 6 HOH D .  ? HOH A 302 . ? 1_555 ? 
5  AC1 6 HOH D .  ? HOH A 337 . ? 1_555 ? 
6  AC1 6 HOH D .  ? HOH A 360 . ? 1_555 ? 
7  AC2 4 HIS A 25 ? HIS A 27  . ? 1_555 ? 
8  AC2 4 ASP A 26 ? ASP A 28  . ? 1_555 ? 
9  AC2 4 HOH D .  ? HOH A 326 . ? 1_555 ? 
10 AC2 4 HOH D .  ? HOH A 335 . ? 1_555 ? 
# 
loop_
_pdbx_validate_close_contact.id 
_pdbx_validate_close_contact.PDB_model_num 
_pdbx_validate_close_contact.auth_atom_id_1 
_pdbx_validate_close_contact.auth_asym_id_1 
_pdbx_validate_close_contact.auth_comp_id_1 
_pdbx_validate_close_contact.auth_seq_id_1 
_pdbx_validate_close_contact.PDB_ins_code_1 
_pdbx_validate_close_contact.label_alt_id_1 
_pdbx_validate_close_contact.auth_atom_id_2 
_pdbx_validate_close_contact.auth_asym_id_2 
_pdbx_validate_close_contact.auth_comp_id_2 
_pdbx_validate_close_contact.auth_seq_id_2 
_pdbx_validate_close_contact.PDB_ins_code_2 
_pdbx_validate_close_contact.label_alt_id_2 
_pdbx_validate_close_contact.dist 
1 1 O A HOH 337 ? ? O A HOH 383 ? ? 2.13 
2 1 O A HOH 345 ? ? O A HOH 368 ? ? 2.16 
# 
_pdbx_validate_symm_contact.id                1 
_pdbx_validate_symm_contact.PDB_model_num     1 
_pdbx_validate_symm_contact.auth_atom_id_1    O 
_pdbx_validate_symm_contact.auth_asym_id_1    A 
_pdbx_validate_symm_contact.auth_comp_id_1    HOH 
_pdbx_validate_symm_contact.auth_seq_id_1     325 
_pdbx_validate_symm_contact.PDB_ins_code_1    ? 
_pdbx_validate_symm_contact.label_alt_id_1    ? 
_pdbx_validate_symm_contact.site_symmetry_1   1_555 
_pdbx_validate_symm_contact.auth_atom_id_2    O 
_pdbx_validate_symm_contact.auth_asym_id_2    A 
_pdbx_validate_symm_contact.auth_comp_id_2    HOH 
_pdbx_validate_symm_contact.auth_seq_id_2     338 
_pdbx_validate_symm_contact.PDB_ins_code_2    ? 
_pdbx_validate_symm_contact.label_alt_id_2    ? 
_pdbx_validate_symm_contact.site_symmetry_2   2_564 
_pdbx_validate_symm_contact.dist              2.16 
# 
loop_
_pdbx_validate_torsion.id 
_pdbx_validate_torsion.PDB_model_num 
_pdbx_validate_torsion.auth_comp_id 
_pdbx_validate_torsion.auth_asym_id 
_pdbx_validate_torsion.auth_seq_id 
_pdbx_validate_torsion.PDB_ins_code 
_pdbx_validate_torsion.label_alt_id 
_pdbx_validate_torsion.phi 
_pdbx_validate_torsion.psi 
1 1 GLU A 17 ? ? 35.22   56.23  
2 1 ASN A 65 ? ? -91.66  53.41  
3 1 ASP A 85 ? ? -135.43 -56.40 
4 1 ASN A 93 ? ? 178.70  163.91 
# 
_pdbx_SG_project.id                    1 
_pdbx_SG_project.project_name          ? 
_pdbx_SG_project.full_name_of_center   ? 
_pdbx_SG_project.initial_of_center     TBSGC 
# 
loop_
_pdbx_unobs_or_zero_occ_residues.id 
_pdbx_unobs_or_zero_occ_residues.PDB_model_num 
_pdbx_unobs_or_zero_occ_residues.polymer_flag 
_pdbx_unobs_or_zero_occ_residues.occupancy_flag 
_pdbx_unobs_or_zero_occ_residues.auth_asym_id 
_pdbx_unobs_or_zero_occ_residues.auth_comp_id 
_pdbx_unobs_or_zero_occ_residues.auth_seq_id 
_pdbx_unobs_or_zero_occ_residues.PDB_ins_code 
_pdbx_unobs_or_zero_occ_residues.label_asym_id 
_pdbx_unobs_or_zero_occ_residues.label_comp_id 
_pdbx_unobs_or_zero_occ_residues.label_seq_id 
1  1 Y 1 A MET 3   ? A MET 1   
2  1 Y 1 A SER 4   ? A SER 2   
3  1 Y 1 A GLN 5   ? A GLN 3   
4  1 Y 1 A PRO 6   ? A PRO 4   
5  1 Y 1 A ALA 7   ? A ALA 5   
6  1 Y 1 A HIS 106 ? A HIS 104 
7  1 Y 1 A ARG 107 ? A ARG 105 
8  1 Y 1 A GLY 108 ? A GLY 106 
9  1 Y 1 A SER 109 ? A SER 107 
10 1 Y 1 A ALA 110 ? A ALA 108 
11 1 Y 1 A GLY 111 ? A GLY 109 
12 1 Y 1 A ARG 112 ? A ARG 110 
13 1 Y 1 A PRO 113 ? A PRO 111 
# 
loop_
_chem_comp_atom.comp_id 
_chem_comp_atom.atom_id 
_chem_comp_atom.type_symbol 
_chem_comp_atom.pdbx_aromatic_flag 
_chem_comp_atom.pdbx_stereo_config 
_chem_comp_atom.pdbx_ordinal 
ALA N    N N N 1   
ALA CA   C N S 2   
ALA C    C N N 3   
ALA O    O N N 4   
ALA CB   C N N 5   
ALA OXT  O N N 6   
ALA H    H N N 7   
ALA H2   H N N 8   
ALA HA   H N N 9   
ALA HB1  H N N 10  
ALA HB2  H N N 11  
ALA HB3  H N N 12  
ALA HXT  H N N 13  
ARG N    N N N 14  
ARG CA   C N S 15  
ARG C    C N N 16  
ARG O    O N N 17  
ARG CB   C N N 18  
ARG CG   C N N 19  
ARG CD   C N N 20  
ARG NE   N N N 21  
ARG CZ   C N N 22  
ARG NH1  N N N 23  
ARG NH2  N N N 24  
ARG OXT  O N N 25  
ARG H    H N N 26  
ARG H2   H N N 27  
ARG HA   H N N 28  
ARG HB2  H N N 29  
ARG HB3  H N N 30  
ARG HG2  H N N 31  
ARG HG3  H N N 32  
ARG HD2  H N N 33  
ARG HD3  H N N 34  
ARG HE   H N N 35  
ARG HH11 H N N 36  
ARG HH12 H N N 37  
ARG HH21 H N N 38  
ARG HH22 H N N 39  
ARG HXT  H N N 40  
ASN N    N N N 41  
ASN CA   C N S 42  
ASN C    C N N 43  
ASN O    O N N 44  
ASN CB   C N N 45  
ASN CG   C N N 46  
ASN OD1  O N N 47  
ASN ND2  N N N 48  
ASN OXT  O N N 49  
ASN H    H N N 50  
ASN H2   H N N 51  
ASN HA   H N N 52  
ASN HB2  H N N 53  
ASN HB3  H N N 54  
ASN HD21 H N N 55  
ASN HD22 H N N 56  
ASN HXT  H N N 57  
ASP N    N N N 58  
ASP CA   C N S 59  
ASP C    C N N 60  
ASP O    O N N 61  
ASP CB   C N N 62  
ASP CG   C N N 63  
ASP OD1  O N N 64  
ASP OD2  O N N 65  
ASP OXT  O N N 66  
ASP H    H N N 67  
ASP H2   H N N 68  
ASP HA   H N N 69  
ASP HB2  H N N 70  
ASP HB3  H N N 71  
ASP HD2  H N N 72  
ASP HXT  H N N 73  
GLN N    N N N 74  
GLN CA   C N S 75  
GLN C    C N N 76  
GLN O    O N N 77  
GLN CB   C N N 78  
GLN CG   C N N 79  
GLN CD   C N N 80  
GLN OE1  O N N 81  
GLN NE2  N N N 82  
GLN OXT  O N N 83  
GLN H    H N N 84  
GLN H2   H N N 85  
GLN HA   H N N 86  
GLN HB2  H N N 87  
GLN HB3  H N N 88  
GLN HG2  H N N 89  
GLN HG3  H N N 90  
GLN HE21 H N N 91  
GLN HE22 H N N 92  
GLN HXT  H N N 93  
GLU N    N N N 94  
GLU CA   C N S 95  
GLU C    C N N 96  
GLU O    O N N 97  
GLU CB   C N N 98  
GLU CG   C N N 99  
GLU CD   C N N 100 
GLU OE1  O N N 101 
GLU OE2  O N N 102 
GLU OXT  O N N 103 
GLU H    H N N 104 
GLU H2   H N N 105 
GLU HA   H N N 106 
GLU HB2  H N N 107 
GLU HB3  H N N 108 
GLU HG2  H N N 109 
GLU HG3  H N N 110 
GLU HE2  H N N 111 
GLU HXT  H N N 112 
GLY N    N N N 113 
GLY CA   C N N 114 
GLY C    C N N 115 
GLY O    O N N 116 
GLY OXT  O N N 117 
GLY H    H N N 118 
GLY H2   H N N 119 
GLY HA2  H N N 120 
GLY HA3  H N N 121 
GLY HXT  H N N 122 
HIS N    N N N 123 
HIS CA   C N S 124 
HIS C    C N N 125 
HIS O    O N N 126 
HIS CB   C N N 127 
HIS CG   C Y N 128 
HIS ND1  N Y N 129 
HIS CD2  C Y N 130 
HIS CE1  C Y N 131 
HIS NE2  N Y N 132 
HIS OXT  O N N 133 
HIS H    H N N 134 
HIS H2   H N N 135 
HIS HA   H N N 136 
HIS HB2  H N N 137 
HIS HB3  H N N 138 
HIS HD1  H N N 139 
HIS HD2  H N N 140 
HIS HE1  H N N 141 
HIS HE2  H N N 142 
HIS HXT  H N N 143 
HOH O    O N N 144 
HOH H1   H N N 145 
HOH H2   H N N 146 
ILE N    N N N 147 
ILE CA   C N S 148 
ILE C    C N N 149 
ILE O    O N N 150 
ILE CB   C N S 151 
ILE CG1  C N N 152 
ILE CG2  C N N 153 
ILE CD1  C N N 154 
ILE OXT  O N N 155 
ILE H    H N N 156 
ILE H2   H N N 157 
ILE HA   H N N 158 
ILE HB   H N N 159 
ILE HG12 H N N 160 
ILE HG13 H N N 161 
ILE HG21 H N N 162 
ILE HG22 H N N 163 
ILE HG23 H N N 164 
ILE HD11 H N N 165 
ILE HD12 H N N 166 
ILE HD13 H N N 167 
ILE HXT  H N N 168 
LEU N    N N N 169 
LEU CA   C N S 170 
LEU C    C N N 171 
LEU O    O N N 172 
LEU CB   C N N 173 
LEU CG   C N N 174 
LEU CD1  C N N 175 
LEU CD2  C N N 176 
LEU OXT  O N N 177 
LEU H    H N N 178 
LEU H2   H N N 179 
LEU HA   H N N 180 
LEU HB2  H N N 181 
LEU HB3  H N N 182 
LEU HG   H N N 183 
LEU HD11 H N N 184 
LEU HD12 H N N 185 
LEU HD13 H N N 186 
LEU HD21 H N N 187 
LEU HD22 H N N 188 
LEU HD23 H N N 189 
LEU HXT  H N N 190 
MET N    N N N 191 
MET CA   C N S 192 
MET C    C N N 193 
MET O    O N N 194 
MET CB   C N N 195 
MET CG   C N N 196 
MET SD   S N N 197 
MET CE   C N N 198 
MET OXT  O N N 199 
MET H    H N N 200 
MET H2   H N N 201 
MET HA   H N N 202 
MET HB2  H N N 203 
MET HB3  H N N 204 
MET HG2  H N N 205 
MET HG3  H N N 206 
MET HE1  H N N 207 
MET HE2  H N N 208 
MET HE3  H N N 209 
MET HXT  H N N 210 
PHE N    N N N 211 
PHE CA   C N S 212 
PHE C    C N N 213 
PHE O    O N N 214 
PHE CB   C N N 215 
PHE CG   C Y N 216 
PHE CD1  C Y N 217 
PHE CD2  C Y N 218 
PHE CE1  C Y N 219 
PHE CE2  C Y N 220 
PHE CZ   C Y N 221 
PHE OXT  O N N 222 
PHE H    H N N 223 
PHE H2   H N N 224 
PHE HA   H N N 225 
PHE HB2  H N N 226 
PHE HB3  H N N 227 
PHE HD1  H N N 228 
PHE HD2  H N N 229 
PHE HE1  H N N 230 
PHE HE2  H N N 231 
PHE HZ   H N N 232 
PHE HXT  H N N 233 
PRO N    N N N 234 
PRO CA   C N S 235 
PRO C    C N N 236 
PRO O    O N N 237 
PRO CB   C N N 238 
PRO CG   C N N 239 
PRO CD   C N N 240 
PRO OXT  O N N 241 
PRO H    H N N 242 
PRO HA   H N N 243 
PRO HB2  H N N 244 
PRO HB3  H N N 245 
PRO HG2  H N N 246 
PRO HG3  H N N 247 
PRO HD2  H N N 248 
PRO HD3  H N N 249 
PRO HXT  H N N 250 
SER N    N N N 251 
SER CA   C N S 252 
SER C    C N N 253 
SER O    O N N 254 
SER CB   C N N 255 
SER OG   O N N 256 
SER OXT  O N N 257 
SER H    H N N 258 
SER H2   H N N 259 
SER HA   H N N 260 
SER HB2  H N N 261 
SER HB3  H N N 262 
SER HG   H N N 263 
SER HXT  H N N 264 
SO4 S    S N N 265 
SO4 O1   O N N 266 
SO4 O2   O N N 267 
SO4 O3   O N N 268 
SO4 O4   O N N 269 
THR N    N N N 270 
THR CA   C N S 271 
THR C    C N N 272 
THR O    O N N 273 
THR CB   C N R 274 
THR OG1  O N N 275 
THR CG2  C N N 276 
THR OXT  O N N 277 
THR H    H N N 278 
THR H2   H N N 279 
THR HA   H N N 280 
THR HB   H N N 281 
THR HG1  H N N 282 
THR HG21 H N N 283 
THR HG22 H N N 284 
THR HG23 H N N 285 
THR HXT  H N N 286 
TRP N    N N N 287 
TRP CA   C N S 288 
TRP C    C N N 289 
TRP O    O N N 290 
TRP CB   C N N 291 
TRP CG   C Y N 292 
TRP CD1  C Y N 293 
TRP CD2  C Y N 294 
TRP NE1  N Y N 295 
TRP CE2  C Y N 296 
TRP CE3  C Y N 297 
TRP CZ2  C Y N 298 
TRP CZ3  C Y N 299 
TRP CH2  C Y N 300 
TRP OXT  O N N 301 
TRP H    H N N 302 
TRP H2   H N N 303 
TRP HA   H N N 304 
TRP HB2  H N N 305 
TRP HB3  H N N 306 
TRP HD1  H N N 307 
TRP HE1  H N N 308 
TRP HE3  H N N 309 
TRP HZ2  H N N 310 
TRP HZ3  H N N 311 
TRP HH2  H N N 312 
TRP HXT  H N N 313 
TYR N    N N N 314 
TYR CA   C N S 315 
TYR C    C N N 316 
TYR O    O N N 317 
TYR CB   C N N 318 
TYR CG   C Y N 319 
TYR CD1  C Y N 320 
TYR CD2  C Y N 321 
TYR CE1  C Y N 322 
TYR CE2  C Y N 323 
TYR CZ   C Y N 324 
TYR OH   O N N 325 
TYR OXT  O N N 326 
TYR H    H N N 327 
TYR H2   H N N 328 
TYR HA   H N N 329 
TYR HB2  H N N 330 
TYR HB3  H N N 331 
TYR HD1  H N N 332 
TYR HD2  H N N 333 
TYR HE1  H N N 334 
TYR HE2  H N N 335 
TYR HH   H N N 336 
TYR HXT  H N N 337 
VAL N    N N N 338 
VAL CA   C N S 339 
VAL C    C N N 340 
VAL O    O N N 341 
VAL CB   C N N 342 
VAL CG1  C N N 343 
VAL CG2  C N N 344 
VAL OXT  O N N 345 
VAL H    H N N 346 
VAL H2   H N N 347 
VAL HA   H N N 348 
VAL HB   H N N 349 
VAL HG11 H N N 350 
VAL HG12 H N N 351 
VAL HG13 H N N 352 
VAL HG21 H N N 353 
VAL HG22 H N N 354 
VAL HG23 H N N 355 
VAL HXT  H N N 356 
# 
loop_
_chem_comp_bond.comp_id 
_chem_comp_bond.atom_id_1 
_chem_comp_bond.atom_id_2 
_chem_comp_bond.value_order 
_chem_comp_bond.pdbx_aromatic_flag 
_chem_comp_bond.pdbx_stereo_config 
_chem_comp_bond.pdbx_ordinal 
ALA N   CA   sing N N 1   
ALA N   H    sing N N 2   
ALA N   H2   sing N N 3   
ALA CA  C    sing N N 4   
ALA CA  CB   sing N N 5   
ALA CA  HA   sing N N 6   
ALA C   O    doub N N 7   
ALA C   OXT  sing N N 8   
ALA CB  HB1  sing N N 9   
ALA CB  HB2  sing N N 10  
ALA CB  HB3  sing N N 11  
ALA OXT HXT  sing N N 12  
ARG N   CA   sing N N 13  
ARG N   H    sing N N 14  
ARG N   H2   sing N N 15  
ARG CA  C    sing N N 16  
ARG CA  CB   sing N N 17  
ARG CA  HA   sing N N 18  
ARG C   O    doub N N 19  
ARG C   OXT  sing N N 20  
ARG CB  CG   sing N N 21  
ARG CB  HB2  sing N N 22  
ARG CB  HB3  sing N N 23  
ARG CG  CD   sing N N 24  
ARG CG  HG2  sing N N 25  
ARG CG  HG3  sing N N 26  
ARG CD  NE   sing N N 27  
ARG CD  HD2  sing N N 28  
ARG CD  HD3  sing N N 29  
ARG NE  CZ   sing N N 30  
ARG NE  HE   sing N N 31  
ARG CZ  NH1  sing N N 32  
ARG CZ  NH2  doub N N 33  
ARG NH1 HH11 sing N N 34  
ARG NH1 HH12 sing N N 35  
ARG NH2 HH21 sing N N 36  
ARG NH2 HH22 sing N N 37  
ARG OXT HXT  sing N N 38  
ASN N   CA   sing N N 39  
ASN N   H    sing N N 40  
ASN N   H2   sing N N 41  
ASN CA  C    sing N N 42  
ASN CA  CB   sing N N 43  
ASN CA  HA   sing N N 44  
ASN C   O    doub N N 45  
ASN C   OXT  sing N N 46  
ASN CB  CG   sing N N 47  
ASN CB  HB2  sing N N 48  
ASN CB  HB3  sing N N 49  
ASN CG  OD1  doub N N 50  
ASN CG  ND2  sing N N 51  
ASN ND2 HD21 sing N N 52  
ASN ND2 HD22 sing N N 53  
ASN OXT HXT  sing N N 54  
ASP N   CA   sing N N 55  
ASP N   H    sing N N 56  
ASP N   H2   sing N N 57  
ASP CA  C    sing N N 58  
ASP CA  CB   sing N N 59  
ASP CA  HA   sing N N 60  
ASP C   O    doub N N 61  
ASP C   OXT  sing N N 62  
ASP CB  CG   sing N N 63  
ASP CB  HB2  sing N N 64  
ASP CB  HB3  sing N N 65  
ASP CG  OD1  doub N N 66  
ASP CG  OD2  sing N N 67  
ASP OD2 HD2  sing N N 68  
ASP OXT HXT  sing N N 69  
GLN N   CA   sing N N 70  
GLN N   H    sing N N 71  
GLN N   H2   sing N N 72  
GLN CA  C    sing N N 73  
GLN CA  CB   sing N N 74  
GLN CA  HA   sing N N 75  
GLN C   O    doub N N 76  
GLN C   OXT  sing N N 77  
GLN CB  CG   sing N N 78  
GLN CB  HB2  sing N N 79  
GLN CB  HB3  sing N N 80  
GLN CG  CD   sing N N 81  
GLN CG  HG2  sing N N 82  
GLN CG  HG3  sing N N 83  
GLN CD  OE1  doub N N 84  
GLN CD  NE2  sing N N 85  
GLN NE2 HE21 sing N N 86  
GLN NE2 HE22 sing N N 87  
GLN OXT HXT  sing N N 88  
GLU N   CA   sing N N 89  
GLU N   H    sing N N 90  
GLU N   H2   sing N N 91  
GLU CA  C    sing N N 92  
GLU CA  CB   sing N N 93  
GLU CA  HA   sing N N 94  
GLU C   O    doub N N 95  
GLU C   OXT  sing N N 96  
GLU CB  CG   sing N N 97  
GLU CB  HB2  sing N N 98  
GLU CB  HB3  sing N N 99  
GLU CG  CD   sing N N 100 
GLU CG  HG2  sing N N 101 
GLU CG  HG3  sing N N 102 
GLU CD  OE1  doub N N 103 
GLU CD  OE2  sing N N 104 
GLU OE2 HE2  sing N N 105 
GLU OXT HXT  sing N N 106 
GLY N   CA   sing N N 107 
GLY N   H    sing N N 108 
GLY N   H2   sing N N 109 
GLY CA  C    sing N N 110 
GLY CA  HA2  sing N N 111 
GLY CA  HA3  sing N N 112 
GLY C   O    doub N N 113 
GLY C   OXT  sing N N 114 
GLY OXT HXT  sing N N 115 
HIS N   CA   sing N N 116 
HIS N   H    sing N N 117 
HIS N   H2   sing N N 118 
HIS CA  C    sing N N 119 
HIS CA  CB   sing N N 120 
HIS CA  HA   sing N N 121 
HIS C   O    doub N N 122 
HIS C   OXT  sing N N 123 
HIS CB  CG   sing N N 124 
HIS CB  HB2  sing N N 125 
HIS CB  HB3  sing N N 126 
HIS CG  ND1  sing Y N 127 
HIS CG  CD2  doub Y N 128 
HIS ND1 CE1  doub Y N 129 
HIS ND1 HD1  sing N N 130 
HIS CD2 NE2  sing Y N 131 
HIS CD2 HD2  sing N N 132 
HIS CE1 NE2  sing Y N 133 
HIS CE1 HE1  sing N N 134 
HIS NE2 HE2  sing N N 135 
HIS OXT HXT  sing N N 136 
HOH O   H1   sing N N 137 
HOH O   H2   sing N N 138 
ILE N   CA   sing N N 139 
ILE N   H    sing N N 140 
ILE N   H2   sing N N 141 
ILE CA  C    sing N N 142 
ILE CA  CB   sing N N 143 
ILE CA  HA   sing N N 144 
ILE C   O    doub N N 145 
ILE C   OXT  sing N N 146 
ILE CB  CG1  sing N N 147 
ILE CB  CG2  sing N N 148 
ILE CB  HB   sing N N 149 
ILE CG1 CD1  sing N N 150 
ILE CG1 HG12 sing N N 151 
ILE CG1 HG13 sing N N 152 
ILE CG2 HG21 sing N N 153 
ILE CG2 HG22 sing N N 154 
ILE CG2 HG23 sing N N 155 
ILE CD1 HD11 sing N N 156 
ILE CD1 HD12 sing N N 157 
ILE CD1 HD13 sing N N 158 
ILE OXT HXT  sing N N 159 
LEU N   CA   sing N N 160 
LEU N   H    sing N N 161 
LEU N   H2   sing N N 162 
LEU CA  C    sing N N 163 
LEU CA  CB   sing N N 164 
LEU CA  HA   sing N N 165 
LEU C   O    doub N N 166 
LEU C   OXT  sing N N 167 
LEU CB  CG   sing N N 168 
LEU CB  HB2  sing N N 169 
LEU CB  HB3  sing N N 170 
LEU CG  CD1  sing N N 171 
LEU CG  CD2  sing N N 172 
LEU CG  HG   sing N N 173 
LEU CD1 HD11 sing N N 174 
LEU CD1 HD12 sing N N 175 
LEU CD1 HD13 sing N N 176 
LEU CD2 HD21 sing N N 177 
LEU CD2 HD22 sing N N 178 
LEU CD2 HD23 sing N N 179 
LEU OXT HXT  sing N N 180 
MET N   CA   sing N N 181 
MET N   H    sing N N 182 
MET N   H2   sing N N 183 
MET CA  C    sing N N 184 
MET CA  CB   sing N N 185 
MET CA  HA   sing N N 186 
MET C   O    doub N N 187 
MET C   OXT  sing N N 188 
MET CB  CG   sing N N 189 
MET CB  HB2  sing N N 190 
MET CB  HB3  sing N N 191 
MET CG  SD   sing N N 192 
MET CG  HG2  sing N N 193 
MET CG  HG3  sing N N 194 
MET SD  CE   sing N N 195 
MET CE  HE1  sing N N 196 
MET CE  HE2  sing N N 197 
MET CE  HE3  sing N N 198 
MET OXT HXT  sing N N 199 
PHE N   CA   sing N N 200 
PHE N   H    sing N N 201 
PHE N   H2   sing N N 202 
PHE CA  C    sing N N 203 
PHE CA  CB   sing N N 204 
PHE CA  HA   sing N N 205 
PHE C   O    doub N N 206 
PHE C   OXT  sing N N 207 
PHE CB  CG   sing N N 208 
PHE CB  HB2  sing N N 209 
PHE CB  HB3  sing N N 210 
PHE CG  CD1  doub Y N 211 
PHE CG  CD2  sing Y N 212 
PHE CD1 CE1  sing Y N 213 
PHE CD1 HD1  sing N N 214 
PHE CD2 CE2  doub Y N 215 
PHE CD2 HD2  sing N N 216 
PHE CE1 CZ   doub Y N 217 
PHE CE1 HE1  sing N N 218 
PHE CE2 CZ   sing Y N 219 
PHE CE2 HE2  sing N N 220 
PHE CZ  HZ   sing N N 221 
PHE OXT HXT  sing N N 222 
PRO N   CA   sing N N 223 
PRO N   CD   sing N N 224 
PRO N   H    sing N N 225 
PRO CA  C    sing N N 226 
PRO CA  CB   sing N N 227 
PRO CA  HA   sing N N 228 
PRO C   O    doub N N 229 
PRO C   OXT  sing N N 230 
PRO CB  CG   sing N N 231 
PRO CB  HB2  sing N N 232 
PRO CB  HB3  sing N N 233 
PRO CG  CD   sing N N 234 
PRO CG  HG2  sing N N 235 
PRO CG  HG3  sing N N 236 
PRO CD  HD2  sing N N 237 
PRO CD  HD3  sing N N 238 
PRO OXT HXT  sing N N 239 
SER N   CA   sing N N 240 
SER N   H    sing N N 241 
SER N   H2   sing N N 242 
SER CA  C    sing N N 243 
SER CA  CB   sing N N 244 
SER CA  HA   sing N N 245 
SER C   O    doub N N 246 
SER C   OXT  sing N N 247 
SER CB  OG   sing N N 248 
SER CB  HB2  sing N N 249 
SER CB  HB3  sing N N 250 
SER OG  HG   sing N N 251 
SER OXT HXT  sing N N 252 
SO4 S   O1   doub N N 253 
SO4 S   O2   doub N N 254 
SO4 S   O3   sing N N 255 
SO4 S   O4   sing N N 256 
THR N   CA   sing N N 257 
THR N   H    sing N N 258 
THR N   H2   sing N N 259 
THR CA  C    sing N N 260 
THR CA  CB   sing N N 261 
THR CA  HA   sing N N 262 
THR C   O    doub N N 263 
THR C   OXT  sing N N 264 
THR CB  OG1  sing N N 265 
THR CB  CG2  sing N N 266 
THR CB  HB   sing N N 267 
THR OG1 HG1  sing N N 268 
THR CG2 HG21 sing N N 269 
THR CG2 HG22 sing N N 270 
THR CG2 HG23 sing N N 271 
THR OXT HXT  sing N N 272 
TRP N   CA   sing N N 273 
TRP N   H    sing N N 274 
TRP N   H2   sing N N 275 
TRP CA  C    sing N N 276 
TRP CA  CB   sing N N 277 
TRP CA  HA   sing N N 278 
TRP C   O    doub N N 279 
TRP C   OXT  sing N N 280 
TRP CB  CG   sing N N 281 
TRP CB  HB2  sing N N 282 
TRP CB  HB3  sing N N 283 
TRP CG  CD1  doub Y N 284 
TRP CG  CD2  sing Y N 285 
TRP CD1 NE1  sing Y N 286 
TRP CD1 HD1  sing N N 287 
TRP CD2 CE2  doub Y N 288 
TRP CD2 CE3  sing Y N 289 
TRP NE1 CE2  sing Y N 290 
TRP NE1 HE1  sing N N 291 
TRP CE2 CZ2  sing Y N 292 
TRP CE3 CZ3  doub Y N 293 
TRP CE3 HE3  sing N N 294 
TRP CZ2 CH2  doub Y N 295 
TRP CZ2 HZ2  sing N N 296 
TRP CZ3 CH2  sing Y N 297 
TRP CZ3 HZ3  sing N N 298 
TRP CH2 HH2  sing N N 299 
TRP OXT HXT  sing N N 300 
TYR N   CA   sing N N 301 
TYR N   H    sing N N 302 
TYR N   H2   sing N N 303 
TYR CA  C    sing N N 304 
TYR CA  CB   sing N N 305 
TYR CA  HA   sing N N 306 
TYR C   O    doub N N 307 
TYR C   OXT  sing N N 308 
TYR CB  CG   sing N N 309 
TYR CB  HB2  sing N N 310 
TYR CB  HB3  sing N N 311 
TYR CG  CD1  doub Y N 312 
TYR CG  CD2  sing Y N 313 
TYR CD1 CE1  sing Y N 314 
TYR CD1 HD1  sing N N 315 
TYR CD2 CE2  doub Y N 316 
TYR CD2 HD2  sing N N 317 
TYR CE1 CZ   doub Y N 318 
TYR CE1 HE1  sing N N 319 
TYR CE2 CZ   sing Y N 320 
TYR CE2 HE2  sing N N 321 
TYR CZ  OH   sing N N 322 
TYR OH  HH   sing N N 323 
TYR OXT HXT  sing N N 324 
VAL N   CA   sing N N 325 
VAL N   H    sing N N 326 
VAL N   H2   sing N N 327 
VAL CA  C    sing N N 328 
VAL CA  CB   sing N N 329 
VAL CA  HA   sing N N 330 
VAL C   O    doub N N 331 
VAL C   OXT  sing N N 332 
VAL CB  CG1  sing N N 333 
VAL CB  CG2  sing N N 334 
VAL CB  HB   sing N N 335 
VAL CG1 HG11 sing N N 336 
VAL CG1 HG12 sing N N 337 
VAL CG1 HG13 sing N N 338 
VAL CG2 HG21 sing N N 339 
VAL CG2 HG22 sing N N 340 
VAL CG2 HG23 sing N N 341 
VAL OXT HXT  sing N N 342 
# 
_pdbx_audit_support.funding_organization   
'National Institutes of Health/National Institute of General Medical Sciences (NIH/NIGMS)' 
_pdbx_audit_support.country                'United States' 
_pdbx_audit_support.grant_number           1R01GM070962-01A1 
_pdbx_audit_support.ordinal                1 
# 
_atom_sites.entry_id                    6CCD 
_atom_sites.fract_transf_matrix[1][1]   -0.00717903 
_atom_sites.fract_transf_matrix[1][2]   0.01670036 
_atom_sites.fract_transf_matrix[1][3]   -0.00732316 
_atom_sites.fract_transf_matrix[2][1]   0.00760372 
_atom_sites.fract_transf_matrix[2][2]   0.00757792 
_atom_sites.fract_transf_matrix[2][3]   -0.01639515 
_atom_sites.fract_transf_matrix[3][1]   -0.00956339 
_atom_sites.fract_transf_matrix[3][2]   -0.00759534 
_atom_sites.fract_transf_matrix[3][3]   -0.00794590 
_atom_sites.fract_transf_vector[1]      -0.187404 
_atom_sites.fract_transf_vector[2]      0.465613 
_atom_sites.fract_transf_vector[3]      0.128685 
# 
loop_
_atom_type.symbol 
C 
N 
O 
S 
# 
loop_
_atom_site.group_PDB 
_atom_site.id 
_atom_site.type_symbol 
_atom_site.label_atom_id 
_atom_site.label_alt_id 
_atom_site.label_comp_id 
_atom_site.label_asym_id 
_atom_site.label_entity_id 
_atom_site.label_seq_id 
_atom_site.pdbx_PDB_ins_code 
_atom_site.Cartn_x 
_atom_site.Cartn_y 
_atom_site.Cartn_z 
_atom_site.occupancy 
_atom_site.B_iso_or_equiv 
_atom_site.pdbx_formal_charge 
_atom_site.auth_seq_id 
_atom_site.auth_comp_id 
_atom_site.auth_asym_id 
_atom_site.auth_atom_id 
_atom_site.pdbx_PDB_model_num 
ATOM   1   N N   . ALA A 1 6   ? 1.713   20.984  -3.383  1.00 44.13 ? 8   ALA A N   1 
ATOM   2   C CA  . ALA A 1 6   ? 2.990   20.626  -3.987  1.00 41.61 ? 8   ALA A CA  1 
ATOM   3   C C   . ALA A 1 6   ? 3.235   19.111  -4.020  1.00 30.67 ? 8   ALA A C   1 
ATOM   4   O O   . ALA A 1 6   ? 3.553   18.579  -5.081  1.00 44.17 ? 8   ALA A O   1 
ATOM   5   C CB  . ALA A 1 6   ? 4.142   21.341  -3.260  1.00 49.99 ? 8   ALA A CB  1 
ATOM   6   N N   . PRO A 1 7   ? 3.115   18.404  -2.873  1.00 34.76 ? 9   PRO A N   1 
ATOM   7   C CA  . PRO A 1 7   ? 3.396   16.971  -3.017  1.00 27.69 ? 9   PRO A CA  1 
ATOM   8   C C   . PRO A 1 7   ? 2.313   16.298  -3.847  1.00 25.92 ? 9   PRO A C   1 
ATOM   9   O O   . PRO A 1 7   ? 1.142   16.650  -3.732  1.00 25.38 ? 9   PRO A O   1 
ATOM   10  C CB  . PRO A 1 7   ? 3.391   16.447  -1.573  1.00 30.08 ? 9   PRO A CB  1 
ATOM   11  C CG  . PRO A 1 7   ? 3.367   17.669  -0.700  1.00 37.63 ? 9   PRO A CG  1 
ATOM   12  C CD  . PRO A 1 7   ? 2.672   18.719  -1.506  1.00 34.67 ? 9   PRO A CD  1 
ATOM   13  N N   . PRO A 1 8   ? 2.703   15.348  -4.696  1.00 23.36 ? 10  PRO A N   1 
ATOM   14  C CA  . PRO A 1 8   ? 1.738   14.649  -5.544  1.00 20.21 ? 10  PRO A CA  1 
ATOM   15  C C   . PRO A 1 8   ? 0.841   13.766  -4.699  1.00 23.49 ? 10  PRO A C   1 
ATOM   16  O O   . PRO A 1 8   ? 1.242   13.338  -3.617  1.00 21.51 ? 10  PRO A O   1 
ATOM   17  C CB  . PRO A 1 8   ? 2.619   13.816  -6.463  1.00 22.47 ? 10  PRO A CB  1 
ATOM   18  C CG  . PRO A 1 8   ? 3.861   13.547  -5.609  1.00 21.17 ? 10  PRO A CG  1 
ATOM   19  C CD  . PRO A 1 8   ? 4.066   14.806  -4.819  1.00 23.27 ? 10  PRO A CD  1 
ATOM   20  N N   . VAL A 1 9   ? -0.368  13.517  -5.176  1.00 20.68 ? 11  VAL A N   1 
ATOM   21  C CA  . VAL A 1 9   ? -1.263  12.589  -4.507  1.00 19.11 ? 11  VAL A CA  1 
ATOM   22  C C   . VAL A 1 9   ? -0.860  11.156  -4.850  1.00 16.60 ? 11  VAL A C   1 
ATOM   23  O O   . VAL A 1 9   ? -0.143  10.911  -5.826  1.00 17.78 ? 11  VAL A O   1 
ATOM   24  C CB  . VAL A 1 9   ? -2.738  12.825  -4.921  1.00 18.60 ? 11  VAL A CB  1 
ATOM   25  C CG1 . VAL A 1 9   ? -3.186  14.219  -4.500  1.00 22.21 ? 11  VAL A CG1 1 
ATOM   26  C CG2 . VAL A 1 9   ? -2.903  12.632  -6.422  1.00 22.65 ? 11  VAL A CG2 1 
ATOM   27  N N   . LEU A 1 10  ? -1.329  10.214  -4.043  1.00 15.04 ? 12  LEU A N   1 
ATOM   28  C CA  . LEU A 1 10  ? -1.106  8.803   -4.299  1.00 16.45 ? 12  LEU A CA  1 
ATOM   29  C C   . LEU A 1 10  ? -2.428  8.110   -4.562  1.00 16.61 ? 12  LEU A C   1 
ATOM   30  O O   . LEU A 1 10  ? -3.337  8.159   -3.733  1.00 17.00 ? 12  LEU A O   1 
ATOM   31  C CB  . LEU A 1 10  ? -0.408  8.138   -3.113  1.00 17.04 ? 12  LEU A CB  1 
ATOM   32  C CG  . LEU A 1 10  ? -0.212  6.634   -3.280  1.00 16.14 ? 12  LEU A CG  1 
ATOM   33  C CD1 . LEU A 1 10  ? 0.854   6.330   -4.324  1.00 14.89 ? 12  LEU A CD1 1 
ATOM   34  C CD2 . LEU A 1 10  ? 0.106   5.992   -1.931  1.00 18.01 ? 12  LEU A CD2 1 
ATOM   35  N N   . THR A 1 11  ? -2.536  7.480   -5.723  1.00 17.28 ? 13  THR A N   1 
ATOM   36  C CA  . THR A 1 11  ? -3.695  6.668   -6.044  1.00 16.10 ? 13  THR A CA  1 
ATOM   37  C C   . THR A 1 11  ? -3.352  5.212   -5.806  1.00 16.16 ? 13  THR A C   1 
ATOM   38  O O   . THR A 1 11  ? -2.288  4.737   -6.216  1.00 17.57 ? 13  THR A O   1 
ATOM   39  C CB  . THR A 1 11  ? -4.144  6.888   -7.500  1.00 21.41 ? 13  THR A CB  1 
ATOM   40  O OG1 . THR A 1 11  ? -4.604  8.235   -7.631  1.00 22.02 ? 13  THR A OG1 1 
ATOM   41  C CG2 . THR A 1 11  ? -5.280  5.930   -7.876  1.00 24.79 ? 13  THR A CG2 1 
ATOM   42  N N   . VAL A 1 12  ? -4.240  4.531   -5.101  1.00 15.57 ? 14  VAL A N   1 
ATOM   43  C CA  . VAL A 1 12  ? -4.107  3.113   -4.815  1.00 18.83 ? 14  VAL A CA  1 
ATOM   44  C C   . VAL A 1 12  ? -5.231  2.357   -5.502  1.00 19.38 ? 14  VAL A C   1 
ATOM   45  O O   . VAL A 1 12  ? -6.406  2.591   -5.216  1.00 18.31 ? 14  VAL A O   1 
ATOM   46  C CB  . VAL A 1 12  ? -4.161  2.825   -3.301  1.00 18.53 ? 14  VAL A CB  1 
ATOM   47  C CG1 . VAL A 1 12  ? -3.937  1.321   -3.034  1.00 17.79 ? 14  VAL A CG1 1 
ATOM   48  C CG2 . VAL A 1 12  ? -3.147  3.705   -2.544  1.00 18.06 ? 14  VAL A CG2 1 
ATOM   49  N N   A ARG A 1 13  ? -4.865  1.439   -6.388  0.56 18.78 ? 15  ARG A N   1 
ATOM   50  N N   B ARG A 1 13  ? -4.853  1.475   -6.422  0.44 19.06 ? 15  ARG A N   1 
ATOM   51  C CA  A ARG A 1 13  ? -5.822  0.604   -7.092  0.56 19.88 ? 15  ARG A CA  1 
ATOM   52  C CA  B ARG A 1 13  ? -5.779  0.610   -7.139  0.44 19.97 ? 15  ARG A CA  1 
ATOM   53  C C   A ARG A 1 13  ? -5.763  -0.829  -6.584  0.56 20.43 ? 15  ARG A C   1 
ATOM   54  C C   B ARG A 1 13  ? -5.713  -0.796  -6.560  0.44 19.62 ? 15  ARG A C   1 
ATOM   55  O O   A ARG A 1 13  ? -4.720  -1.485  -6.664  0.56 17.93 ? 15  ARG A O   1 
ATOM   56  O O   B ARG A 1 13  ? -4.624  -1.352  -6.389  0.44 18.00 ? 15  ARG A O   1 
ATOM   57  C CB  A ARG A 1 13  ? -5.552  0.635   -8.596  0.56 22.31 ? 15  ARG A CB  1 
ATOM   58  C CB  B ARG A 1 13  ? -5.444  0.575   -8.632  0.44 22.34 ? 15  ARG A CB  1 
ATOM   59  C CG  A ARG A 1 13  ? -6.699  0.115   -9.445  0.56 27.28 ? 15  ARG A CG  1 
ATOM   60  C CG  B ARG A 1 13  ? -5.416  1.931   -9.320  0.44 24.91 ? 15  ARG A CG  1 
ATOM   61  C CD  A ARG A 1 13  ? -6.558  0.589   -10.890 0.56 34.00 ? 15  ARG A CD  1 
ATOM   62  C CD  B ARG A 1 13  ? -5.044  1.785   -10.800 0.44 31.08 ? 15  ARG A CD  1 
ATOM   63  N NE  A ARG A 1 13  ? -6.364  2.038   -10.960 0.56 33.56 ? 15  ARG A NE  1 
ATOM   64  N NE  B ARG A 1 13  ? -5.873  0.795   -11.483 0.44 31.45 ? 15  ARG A NE  1 
ATOM   65  C CZ  A ARG A 1 13  ? -5.204  2.625   -11.239 0.56 32.84 ? 15  ARG A CZ  1 
ATOM   66  C CZ  B ARG A 1 13  ? -5.430  -0.368  -11.955 0.44 35.19 ? 15  ARG A CZ  1 
ATOM   67  N NH1 A ARG A 1 13  ? -4.127  1.888   -11.485 0.56 34.43 ? 15  ARG A NH1 1 
ATOM   68  N NH1 B ARG A 1 13  ? -4.149  -0.696  -11.838 0.44 31.18 ? 15  ARG A NH1 1 
ATOM   69  N NH2 A ARG A 1 13  ? -5.123  3.948   -11.274 0.56 36.29 ? 15  ARG A NH2 1 
ATOM   70  N NH2 B ARG A 1 13  ? -6.271  -1.201  -12.554 0.44 35.32 ? 15  ARG A NH2 1 
ATOM   71  N N   A TYR A 1 14  ? -6.884  -1.300  -6.054  0.56 18.66 ? 16  TYR A N   1 
ATOM   72  N N   B TYR A 1 14  ? -6.872  -1.373  -6.267  0.44 18.69 ? 16  TYR A N   1 
ATOM   73  C CA  A TYR A 1 14  ? -6.983  -2.658  -5.548  0.56 19.99 ? 16  TYR A CA  1 
ATOM   74  C CA  B TYR A 1 14  ? -6.925  -2.673  -5.611  0.44 20.04 ? 16  TYR A CA  1 
ATOM   75  C C   A TYR A 1 14  ? -8.263  -3.323  -6.014  0.56 21.21 ? 16  TYR A C   1 
ATOM   76  C C   B TYR A 1 14  ? -8.236  -3.398  -5.891  0.44 21.27 ? 16  TYR A C   1 
ATOM   77  O O   A TYR A 1 14  ? -9.343  -2.788  -5.783  0.56 20.36 ? 16  TYR A O   1 
ATOM   78  O O   B TYR A 1 14  ? -9.300  -2.982  -5.435  0.44 20.67 ? 16  TYR A O   1 
ATOM   79  C CB  A TYR A 1 14  ? -6.947  -2.693  -4.021  0.56 19.19 ? 16  TYR A CB  1 
ATOM   80  C CB  B TYR A 1 14  ? -6.706  -2.521  -4.097  0.44 19.44 ? 16  TYR A CB  1 
ATOM   81  C CG  A TYR A 1 14  ? -7.427  -4.029  -3.504  0.56 22.48 ? 16  TYR A CG  1 
ATOM   82  C CG  B TYR A 1 14  ? -7.678  -1.599  -3.388  0.44 20.94 ? 16  TYR A CG  1 
ATOM   83  C CD1 A TYR A 1 14  ? -6.653  -5.167  -3.683  0.56 20.16 ? 16  TYR A CD1 1 
ATOM   84  C CD1 B TYR A 1 14  ? -8.627  -2.104  -2.509  0.44 18.94 ? 16  TYR A CD1 1 
ATOM   85  C CD2 A TYR A 1 14  ? -8.660  -4.161  -2.878  0.56 20.72 ? 16  TYR A CD2 1 
ATOM   86  C CD2 B TYR A 1 14  ? -7.634  -0.219  -3.585  0.44 20.52 ? 16  TYR A CD2 1 
ATOM   87  C CE1 A TYR A 1 14  ? -7.075  -6.393  -3.240  0.56 22.98 ? 16  TYR A CE1 1 
ATOM   88  C CE1 B TYR A 1 14  ? -9.518  -1.263  -1.850  0.44 20.47 ? 16  TYR A CE1 1 
ATOM   89  C CE2 A TYR A 1 14  ? -9.096  -5.398  -2.430  0.56 21.18 ? 16  TYR A CE2 1 
ATOM   90  C CE2 B TYR A 1 14  ? -8.521  0.628   -2.937  0.44 19.87 ? 16  TYR A CE2 1 
ATOM   91  C CZ  A TYR A 1 14  ? -8.292  -6.509  -2.620  0.56 21.25 ? 16  TYR A CZ  1 
ATOM   92  C CZ  B TYR A 1 14  ? -9.456  0.102   -2.069  0.44 21.85 ? 16  TYR A CZ  1 
ATOM   93  O OH  A TYR A 1 14  ? -8.688  -7.748  -2.197  0.56 24.43 ? 16  TYR A OH  1 
ATOM   94  O OH  B TYR A 1 14  ? -10.333 0.941   -1.421  0.44 24.57 ? 16  TYR A OH  1 
ATOM   95  N N   . GLU A 1 15  ? -8.135  -4.492  -6.641  1.00 20.28 ? 17  GLU A N   1 
ATOM   96  C CA  . GLU A 1 15  ? -9.293  -5.314  -7.030  1.00 23.31 ? 17  GLU A CA  1 
ATOM   97  C C   . GLU A 1 15  ? -10.533 -4.542  -7.466  1.00 27.49 ? 17  GLU A C   1 
ATOM   98  O O   . GLU A 1 15  ? -11.610 -4.697  -6.890  1.00 27.79 ? 17  GLU A O   1 
ATOM   99  C CB  . GLU A 1 15  ? -9.676  -6.237  -5.879  1.00 30.28 ? 17  GLU A CB  1 
ATOM   100 C CG  . GLU A 1 15  ? -8.824  -7.492  -5.822  1.00 34.25 ? 17  GLU A CG  1 
ATOM   101 C CD  . GLU A 1 15  ? -8.775  -8.213  -7.151  1.00 42.14 ? 17  GLU A CD  1 
ATOM   102 O OE1 . GLU A 1 15  ? -9.849  -8.588  -7.672  1.00 37.62 ? 17  GLU A OE1 1 
ATOM   103 O OE2 . GLU A 1 15  ? -7.658  -8.385  -7.681  1.00 47.63 ? 17  GLU A OE2 1 
ATOM   104 N N   . GLY A 1 16  ? -10.373 -3.687  -8.464  1.00 20.58 ? 18  GLY A N   1 
ATOM   105 C CA  . GLY A 1 16  ? -11.503 -2.946  -8.980  1.00 30.92 ? 18  GLY A CA  1 
ATOM   106 C C   . GLY A 1 16  ? -11.879 -1.705  -8.194  1.00 32.95 ? 18  GLY A C   1 
ATOM   107 O O   . GLY A 1 16  ? -12.830 -1.018  -8.567  1.00 33.28 ? 18  GLY A O   1 
ATOM   108 N N   . SER A 1 17  ? -11.155 -1.410  -7.112  1.00 22.78 ? 19  SER A N   1 
ATOM   109 C CA  . SER A 1 17  ? -11.380 -0.165  -6.359  1.00 21.97 ? 19  SER A CA  1 
ATOM   110 C C   . SER A 1 17  ? -10.241 0.822   -6.545  1.00 22.70 ? 19  SER A C   1 
ATOM   111 O O   . SER A 1 17  ? -9.111  0.426   -6.829  1.00 20.38 ? 19  SER A O   1 
ATOM   112 C CB  . SER A 1 17  ? -11.554 -0.449  -4.866  1.00 23.48 ? 19  SER A CB  1 
ATOM   113 O OG  . SER A 1 17  ? -12.738 -1.176  -4.639  1.00 33.32 ? 19  SER A OG  1 
ATOM   114 N N   . GLU A 1 18  ? -10.551 2.110   -6.398  1.00 21.97 ? 20  GLU A N   1 
ATOM   115 C CA  . GLU A 1 18  ? -9.526  3.155   -6.375  1.00 23.01 ? 20  GLU A CA  1 
ATOM   116 C C   . GLU A 1 18  ? -9.772  4.108   -5.222  1.00 24.51 ? 20  GLU A C   1 
ATOM   117 O O   . GLU A 1 18  ? -10.924 4.451   -4.914  1.00 22.01 ? 20  GLU A O   1 
ATOM   118 C CB  . GLU A 1 18  ? -9.499  3.954   -7.682  1.00 27.40 ? 20  GLU A CB  1 
ATOM   119 C CG  . GLU A 1 18  ? -8.608  3.402   -8.758  1.00 34.45 ? 20  GLU A CG  1 
ATOM   120 C CD  . GLU A 1 18  ? -8.244  4.444   -9.805  1.00 38.57 ? 20  GLU A CD  1 
ATOM   121 O OE1 . GLU A 1 18  ? -8.452  5.652   -9.557  1.00 41.60 ? 20  GLU A OE1 1 
ATOM   122 O OE2 . GLU A 1 18  ? -7.753  4.055   -10.881 1.00 41.01 ? 20  GLU A OE2 1 
ATOM   123 N N   . ARG A 1 19  ? -8.685  4.520   -4.579  1.00 18.15 ? 21  ARG A N   1 
ATOM   124 C CA  . ARG A 1 19  ? -8.727  5.553   -3.558  1.00 14.25 ? 21  ARG A CA  1 
ATOM   125 C C   . ARG A 1 19  ? -7.549  6.475   -3.824  1.00 19.57 ? 21  ARG A C   1 
ATOM   126 O O   . ARG A 1 19  ? -6.522  6.036   -4.332  1.00 22.09 ? 21  ARG A O   1 
ATOM   127 C CB  . ARG A 1 19  ? -8.653  4.973   -2.148  1.00 21.58 ? 21  ARG A CB  1 
ATOM   128 C CG  . ARG A 1 19  ? -9.833  4.110   -1.755  1.00 22.30 ? 21  ARG A CG  1 
ATOM   129 C CD  . ARG A 1 19  ? -11.108 4.933   -1.648  1.00 24.41 ? 21  ARG A CD  1 
ATOM   130 N NE  . ARG A 1 19  ? -12.228 4.112   -1.202  1.00 27.65 ? 21  ARG A NE  1 
ATOM   131 C CZ  . ARG A 1 19  ? -12.929 3.307   -1.996  1.00 25.48 ? 21  ARG A CZ  1 
ATOM   132 N NH1 . ARG A 1 19  ? -12.627 3.201   -3.286  1.00 22.06 ? 21  ARG A NH1 1 
ATOM   133 N NH2 . ARG A 1 19  ? -13.935 2.604   -1.494  1.00 28.32 ? 21  ARG A NH2 1 
ATOM   134 N N   . THR A 1 20  ? -7.691  7.749   -3.488  1.00 16.76 ? 22  THR A N   1 
ATOM   135 C CA  . THR A 1 20  ? -6.640  8.718   -3.776  1.00 18.61 ? 22  THR A CA  1 
ATOM   136 C C   . THR A 1 20  ? -6.371  9.503   -2.527  1.00 17.71 ? 22  THR A C   1 
ATOM   137 O O   . THR A 1 20  ? -7.304  10.003  -1.907  1.00 17.62 ? 22  THR A O   1 
ATOM   138 C CB  . THR A 1 20  ? -7.023  9.666   -4.917  1.00 20.11 ? 22  THR A CB  1 
ATOM   139 O OG1 . THR A 1 20  ? -7.266  8.888   -6.083  1.00 23.26 ? 22  THR A OG1 1 
ATOM   140 C CG2 . THR A 1 20  ? -5.882  10.637  -5.216  1.00 17.48 ? 22  THR A CG2 1 
ATOM   141 N N   . PHE A 1 21  ? -5.094  9.582   -2.149  1.00 14.24 ? 23  PHE A N   1 
ATOM   142 C CA  . PHE A 1 21  ? -4.700  10.142  -0.868  1.00 16.26 ? 23  PHE A CA  1 
ATOM   143 C C   . PHE A 1 21  ? -3.740  11.313  -1.022  1.00 16.66 ? 23  PHE A C   1 
ATOM   144 O O   . PHE A 1 21  ? -2.870  11.316  -1.900  1.00 16.32 ? 23  PHE A O   1 
ATOM   145 C CB  . PHE A 1 21  ? -4.064  9.060   0.017   1.00 15.39 ? 23  PHE A CB  1 
ATOM   146 C CG  . PHE A 1 21  ? -4.951  7.861   0.221   1.00 14.82 ? 23  PHE A CG  1 
ATOM   147 C CD1 . PHE A 1 21  ? -5.983  7.898   1.143   1.00 15.90 ? 23  PHE A CD1 1 
ATOM   148 C CD2 . PHE A 1 21  ? -4.769  6.710   -0.532  1.00 17.13 ? 23  PHE A CD2 1 
ATOM   149 C CE1 . PHE A 1 21  ? -6.819  6.809   1.321   1.00 19.04 ? 23  PHE A CE1 1 
ATOM   150 C CE2 . PHE A 1 21  ? -5.599  5.616   -0.364  1.00 15.38 ? 23  PHE A CE2 1 
ATOM   151 C CZ  . PHE A 1 21  ? -6.624  5.663   0.565   1.00 18.66 ? 23  PHE A CZ  1 
ATOM   152 N N   . ALA A 1 22  ? -3.897  12.295  -0.146  1.00 18.78 ? 24  ALA A N   1 
ATOM   153 C CA  . ALA A 1 22  ? -2.996  13.439  -0.095  1.00 20.16 ? 24  ALA A CA  1 
ATOM   154 C C   . ALA A 1 22  ? -1.919  13.226  0.959   1.00 16.88 ? 24  ALA A C   1 
ATOM   155 O O   . ALA A 1 22  ? -2.146  12.555  1.966   1.00 16.86 ? 24  ALA A O   1 
ATOM   156 C CB  . ALA A 1 22  ? -3.772  14.704  0.205   1.00 20.33 ? 24  ALA A CB  1 
ATOM   157 N N   . ALA A 1 23  ? -0.755  13.815  0.733   1.00 17.69 ? 25  ALA A N   1 
ATOM   158 C CA  . ALA A 1 23  ? 0.316   13.783  1.729   1.00 19.53 ? 25  ALA A CA  1 
ATOM   159 C C   . ALA A 1 23  ? -0.150  14.399  3.048   1.00 24.63 ? 25  ALA A C   1 
ATOM   160 O O   . ALA A 1 23  ? -0.940  15.340  3.044   1.00 25.46 ? 25  ALA A O   1 
ATOM   161 C CB  . ALA A 1 23  ? 1.539   14.511  1.196   1.00 20.40 ? 25  ALA A CB  1 
ATOM   162 N N   . GLY A 1 24  ? 0.308   13.861  4.176   1.00 25.75 ? 26  GLY A N   1 
ATOM   163 C CA  . GLY A 1 24  ? 0.062   14.514  5.452   1.00 24.40 ? 26  GLY A CA  1 
ATOM   164 C C   . GLY A 1 24  ? -0.499  13.657  6.572   1.00 29.74 ? 26  GLY A C   1 
ATOM   165 O O   . GLY A 1 24  ? -0.332  13.982  7.741   1.00 27.53 ? 26  GLY A O   1 
ATOM   166 N N   . HIS A 1 25  ? -1.176  12.569  6.229   1.00 24.55 ? 27  HIS A N   1 
ATOM   167 C CA  . HIS A 1 25  ? -1.634  11.635  7.248   1.00 27.80 ? 27  HIS A CA  1 
ATOM   168 C C   . HIS A 1 25  ? -1.444  10.196  6.768   1.00 20.74 ? 27  HIS A C   1 
ATOM   169 O O   . HIS A 1 25  ? -1.634  9.908   5.592   1.00 23.99 ? 27  HIS A O   1 
ATOM   170 C CB  . HIS A 1 25  ? -3.095  11.899  7.603   1.00 34.90 ? 27  HIS A CB  1 
ATOM   171 C CG  . HIS A 1 25  ? -3.304  13.184  8.341   1.00 41.68 ? 27  HIS A CG  1 
ATOM   172 N ND1 . HIS A 1 25  ? -2.857  13.384  9.632   1.00 46.93 ? 27  HIS A ND1 1 
ATOM   173 C CD2 . HIS A 1 25  ? -3.905  14.341  7.968   1.00 46.92 ? 27  HIS A CD2 1 
ATOM   174 C CE1 . HIS A 1 25  ? -3.177  14.605  10.021  1.00 51.12 ? 27  HIS A CE1 1 
ATOM   175 N NE2 . HIS A 1 25  ? -3.815  15.206  9.032   1.00 49.35 ? 27  HIS A NE2 1 
ATOM   176 N N   . ASP A 1 26  ? -1.054  9.307   7.673   1.00 22.64 ? 28  ASP A N   1 
ATOM   177 C CA  . ASP A 1 26  ? -0.766  7.931   7.286   1.00 19.89 ? 28  ASP A CA  1 
ATOM   178 C C   . ASP A 1 26  ? -2.029  7.211   6.795   1.00 20.01 ? 28  ASP A C   1 
ATOM   179 O O   . ASP A 1 26  ? -3.091  7.318   7.415   1.00 20.71 ? 28  ASP A O   1 
ATOM   180 C CB  . ASP A 1 26  ? -0.157  7.159   8.455   1.00 22.48 ? 28  ASP A CB  1 
ATOM   181 C CG  . ASP A 1 26  ? 1.209   7.694   8.880   1.00 25.44 ? 28  ASP A CG  1 
ATOM   182 O OD1 . ASP A 1 26  ? 1.810   8.521   8.155   1.00 22.44 ? 28  ASP A OD1 1 
ATOM   183 O OD2 . ASP A 1 26  ? 1.692   7.262   9.947   1.00 23.76 ? 28  ASP A OD2 1 
ATOM   184 N N   . VAL A 1 27  ? -1.901  6.478   5.688   1.00 15.52 ? 29  VAL A N   1 
ATOM   185 C CA  . VAL A 1 27  ? -3.001  5.684   5.134   1.00 14.07 ? 29  VAL A CA  1 
ATOM   186 C C   . VAL A 1 27  ? -2.879  4.233   5.602   1.00 16.25 ? 29  VAL A C   1 
ATOM   187 O O   . VAL A 1 27  ? -1.803  3.663   5.524   1.00 15.34 ? 29  VAL A O   1 
ATOM   188 C CB  . VAL A 1 27  ? -2.989  5.717   3.599   1.00 16.24 ? 29  VAL A CB  1 
ATOM   189 C CG1 . VAL A 1 27  ? -4.152  4.938   3.017   1.00 16.32 ? 29  VAL A CG1 1 
ATOM   190 C CG2 . VAL A 1 27  ? -3.009  7.160   3.094   1.00 22.15 ? 29  VAL A CG2 1 
ATOM   191 N N   . VAL A 1 28  ? -3.972  3.637   6.065   1.00 14.24 ? 30  VAL A N   1 
ATOM   192 C CA  . VAL A 1 28  ? -3.948  2.233   6.475   1.00 13.02 ? 30  VAL A CA  1 
ATOM   193 C C   . VAL A 1 28  ? -4.532  1.307   5.408   1.00 15.32 ? 30  VAL A C   1 
ATOM   194 O O   . VAL A 1 28  ? -5.666  1.504   4.933   1.00 13.35 ? 30  VAL A O   1 
ATOM   195 C CB  . VAL A 1 28  ? -4.717  2.018   7.788   1.00 17.58 ? 30  VAL A CB  1 
ATOM   196 C CG1 . VAL A 1 28  ? -4.722  0.533   8.164   1.00 14.89 ? 30  VAL A CG1 1 
ATOM   197 C CG2 . VAL A 1 28  ? -4.102  2.867   8.902   1.00 19.45 ? 30  VAL A CG2 1 
ATOM   198 N N   . VAL A 1 29  ? -3.734  0.310   5.028   1.00 15.33 ? 31  VAL A N   1 
ATOM   199 C CA  . VAL A 1 29  ? -4.154  -0.796  4.175   1.00 12.56 ? 31  VAL A CA  1 
ATOM   200 C C   . VAL A 1 29  ? -4.255  -2.043  5.034   1.00 14.52 ? 31  VAL A C   1 
ATOM   201 O O   . VAL A 1 29  ? -3.310  -2.389  5.732   1.00 13.18 ? 31  VAL A O   1 
ATOM   202 C CB  . VAL A 1 29  ? -3.151  -1.085  3.031   1.00 15.24 ? 31  VAL A CB  1 
ATOM   203 C CG1 . VAL A 1 29  ? -3.661  -2.236  2.138   1.00 12.46 ? 31  VAL A CG1 1 
ATOM   204 C CG2 . VAL A 1 29  ? -2.886  0.148   2.203   1.00 13.55 ? 31  VAL A CG2 1 
ATOM   205 N N   . GLY A 1 30  ? -5.389  -2.728  5.005   1.00 12.32 ? 32  GLY A N   1 
ATOM   206 C CA  . GLY A 1 30  ? -5.469  -3.959  5.762   1.00 12.73 ? 32  GLY A CA  1 
ATOM   207 C C   . GLY A 1 30  ? -6.854  -4.562  5.807   1.00 11.46 ? 32  GLY A C   1 
ATOM   208 O O   . GLY A 1 30  ? -7.773  -4.101  5.129   1.00 14.24 ? 32  GLY A O   1 
ATOM   209 N N   . ARG A 1 31  ? -6.985  -5.594  6.630   1.00 12.28 ? 33  ARG A N   1 
ATOM   210 C CA  . ARG A 1 31  ? -8.219  -6.355  6.755   1.00 15.79 ? 33  ARG A CA  1 
ATOM   211 C C   . ARG A 1 31  ? -9.262  -5.647  7.612   1.00 19.23 ? 33  ARG A C   1 
ATOM   212 O O   . ARG A 1 31  ? -10.434 -6.044  7.633   1.00 16.69 ? 33  ARG A O   1 
ATOM   213 C CB  . ARG A 1 31  ? -7.915  -7.735  7.355   1.00 14.85 ? 33  ARG A CB  1 
ATOM   214 C CG  . ARG A 1 31  ? -8.688  -8.865  6.706   1.00 18.18 ? 33  ARG A CG  1 
ATOM   215 C CD  . ARG A 1 31  ? -8.412  -10.209 7.385   1.00 16.65 ? 33  ARG A CD  1 
ATOM   216 N NE  . ARG A 1 31  ? -8.985  -10.283 8.733   1.00 18.45 ? 33  ARG A NE  1 
ATOM   217 C CZ  . ARG A 1 31  ? -8.272  -10.185 9.850   1.00 20.57 ? 33  ARG A CZ  1 
ATOM   218 N NH1 . ARG A 1 31  ? -6.954  -10.015 9.793   1.00 18.01 ? 33  ARG A NH1 1 
ATOM   219 N NH2 . ARG A 1 31  ? -8.872  -10.263 11.031  1.00 17.68 ? 33  ARG A NH2 1 
ATOM   220 N N   . ASP A 1 32  ? -8.846  -4.602  8.324   1.00 15.77 ? 34  ASP A N   1 
ATOM   221 C CA  . ASP A 1 32  ? -9.762  -3.916  9.232   1.00 15.95 ? 34  ASP A CA  1 
ATOM   222 C C   . ASP A 1 32  ? -10.931 -3.312  8.480   1.00 15.63 ? 34  ASP A C   1 
ATOM   223 O O   . ASP A 1 32  ? -10.755 -2.733  7.399   1.00 17.00 ? 34  ASP A O   1 
ATOM   224 C CB  . ASP A 1 32  ? -9.043  -2.814  10.022  1.00 16.08 ? 34  ASP A CB  1 
ATOM   225 C CG  . ASP A 1 32  ? -9.814  -2.418  11.263  1.00 21.77 ? 34  ASP A CG  1 
ATOM   226 O OD1 . ASP A 1 32  ? -9.603  -3.049  12.318  1.00 22.31 ? 34  ASP A OD1 1 
ATOM   227 O OD2 . ASP A 1 32  ? -10.662 -1.515  11.165  1.00 22.14 ? 34  ASP A OD2 1 
ATOM   228 N N   . LEU A 1 33  ? -12.132 -3.452  9.042   1.00 19.08 ? 35  LEU A N   1 
ATOM   229 C CA  . LEU A 1 33  ? -13.334 -2.902  8.409   1.00 19.24 ? 35  LEU A CA  1 
ATOM   230 C C   . LEU A 1 33  ? -13.218 -1.395  8.230   1.00 20.87 ? 35  LEU A C   1 
ATOM   231 O O   . LEU A 1 33  ? -13.833 -0.823  7.334   1.00 22.05 ? 35  LEU A O   1 
ATOM   232 C CB  . LEU A 1 33  ? -14.587 -3.241  9.226   1.00 21.44 ? 35  LEU A CB  1 
ATOM   233 C CG  . LEU A 1 33  ? -14.913 -4.730  9.419   1.00 23.40 ? 35  LEU A CG  1 
ATOM   234 C CD1 . LEU A 1 33  ? -16.184 -4.904  10.264  1.00 27.21 ? 35  LEU A CD1 1 
ATOM   235 C CD2 . LEU A 1 33  ? -15.047 -5.438  8.079   1.00 23.41 ? 35  LEU A CD2 1 
ATOM   236 N N   . ARG A 1 34  ? -12.405 -0.757  9.068   1.00 19.27 ? 36  ARG A N   1 
ATOM   237 C CA  . ARG A 1 34  ? -12.218 0.690   9.004   1.00 23.91 ? 36  ARG A CA  1 
ATOM   238 C C   . ARG A 1 34  ? -10.956 1.124   8.252   1.00 21.24 ? 36  ARG A C   1 
ATOM   239 O O   . ARG A 1 34  ? -10.626 2.302   8.252   1.00 21.24 ? 36  ARG A O   1 
ATOM   240 C CB  . ARG A 1 34  ? -12.177 1.282   10.415  1.00 26.73 ? 36  ARG A CB  1 
ATOM   241 C CG  . ARG A 1 34  ? -13.541 1.405   11.092  1.00 34.17 ? 36  ARG A CG  1 
ATOM   242 C CD  . ARG A 1 34  ? -13.588 2.634   11.998  1.00 50.05 ? 36  ARG A CD  1 
ATOM   243 N NE  . ARG A 1 34  ? -14.261 3.769   11.359  1.00 68.34 ? 36  ARG A NE  1 
ATOM   244 C CZ  . ARG A 1 34  ? -13.706 4.965   11.154  1.00 68.30 ? 36  ARG A CZ  1 
ATOM   245 N NH1 . ARG A 1 34  ? -12.456 5.206   11.535  1.00 59.73 ? 36  ARG A NH1 1 
ATOM   246 N NH2 . ARG A 1 34  ? -14.404 5.926   10.561  1.00 68.97 ? 36  ARG A NH2 1 
ATOM   247 N N   . ALA A 1 35  ? -10.247 0.181   7.631   1.00 17.78 ? 37  ALA A N   1 
ATOM   248 C CA  . ALA A 1 35  ? -9.041  0.514   6.868   1.00 18.14 ? 37  ALA A CA  1 
ATOM   249 C C   . ALA A 1 35  ? -9.361  1.468   5.713   1.00 16.81 ? 37  ALA A C   1 
ATOM   250 O O   . ALA A 1 35  ? -10.446 1.414   5.139   1.00 16.96 ? 37  ALA A O   1 
ATOM   251 C CB  . ALA A 1 35  ? -8.368  -0.764  6.337   1.00 16.35 ? 37  ALA A CB  1 
ATOM   252 N N   . ASP A 1 36  ? -8.423  2.351   5.383   1.00 13.91 ? 38  ASP A N   1 
ATOM   253 C CA  . ASP A 1 36  ? -8.586  3.247   4.245   1.00 15.98 ? 38  ASP A CA  1 
ATOM   254 C C   . ASP A 1 36  ? -8.641  2.488   2.933   1.00 19.58 ? 38  ASP A C   1 
ATOM   255 O O   . ASP A 1 36  ? -9.346  2.876   2.005   1.00 16.30 ? 38  ASP A O   1 
ATOM   256 C CB  . ASP A 1 36  ? -7.455  4.265   4.205   1.00 19.79 ? 38  ASP A CB  1 
ATOM   257 C CG  . ASP A 1 36  ? -7.422  5.134   5.448   1.00 23.55 ? 38  ASP A CG  1 
ATOM   258 O OD1 . ASP A 1 36  ? -8.341  5.969   5.616   1.00 21.43 ? 38  ASP A OD1 1 
ATOM   259 O OD2 . ASP A 1 36  ? -6.490  4.976   6.256   1.00 20.30 ? 38  ASP A OD2 1 
ATOM   260 N N   . VAL A 1 37  ? -7.871  1.411   2.863   1.00 16.28 ? 39  VAL A N   1 
ATOM   261 C CA  . VAL A 1 37  ? -7.895  0.487   1.733   1.00 14.31 ? 39  VAL A CA  1 
ATOM   262 C C   . VAL A 1 37  ? -8.127  -0.887  2.336   1.00 16.87 ? 39  VAL A C   1 
ATOM   263 O O   . VAL A 1 37  ? -7.220  -1.454  2.927   1.00 13.10 ? 39  VAL A O   1 
ATOM   264 C CB  . VAL A 1 37  ? -6.572  0.508   0.926   1.00 15.66 ? 39  VAL A CB  1 
ATOM   265 C CG1 . VAL A 1 37  ? -6.602  -0.516  -0.186  1.00 16.05 ? 39  VAL A CG1 1 
ATOM   266 C CG2 . VAL A 1 37  ? -6.290  1.910   0.351   1.00 16.39 ? 39  VAL A CG2 1 
ATOM   267 N N   . ARG A 1 38  ? -9.348  -1.398  2.228   1.00 13.65 ? 40  ARG A N   1 
ATOM   268 C CA  . ARG A 1 38  ? -9.714  -2.645  2.885   1.00 12.87 ? 40  ARG A CA  1 
ATOM   269 C C   . ARG A 1 38  ? -9.459  -3.832  1.967   1.00 12.64 ? 40  ARG A C   1 
ATOM   270 O O   . ARG A 1 38  ? -9.939  -3.866  0.835   1.00 17.21 ? 40  ARG A O   1 
ATOM   271 C CB  . ARG A 1 38  ? -11.192 -2.627  3.314   1.00 19.28 ? 40  ARG A CB  1 
ATOM   272 C CG  . ARG A 1 38  ? -11.676 -3.940  3.933   1.00 18.34 ? 40  ARG A CG  1 
ATOM   273 C CD  . ARG A 1 38  ? -13.202 -4.115  3.783   1.00 24.91 ? 40  ARG A CD  1 
ATOM   274 N NE  . ARG A 1 38  ? -13.670 -5.406  4.300   1.00 18.28 ? 40  ARG A NE  1 
ATOM   275 C CZ  . ARG A 1 38  ? -14.937 -5.807  4.277   1.00 28.64 ? 40  ARG A CZ  1 
ATOM   276 N NH1 . ARG A 1 38  ? -15.867 -5.033  3.733   1.00 22.97 ? 40  ARG A NH1 1 
ATOM   277 N NH2 . ARG A 1 38  ? -15.279 -6.982  4.785   1.00 23.09 ? 40  ARG A NH2 1 
ATOM   278 N N   . VAL A 1 39  ? -8.692  -4.789  2.470   1.00 14.83 ? 41  VAL A N   1 
ATOM   279 C CA  . VAL A 1 39  ? -8.369  -6.013  1.746   1.00 15.16 ? 41  VAL A CA  1 
ATOM   280 C C   . VAL A 1 39  ? -8.742  -7.164  2.674   1.00 18.39 ? 41  VAL A C   1 
ATOM   281 O O   . VAL A 1 39  ? -8.104  -7.345  3.704   1.00 13.25 ? 41  VAL A O   1 
ATOM   282 C CB  . VAL A 1 39  ? -6.878  -6.080  1.368   1.00 16.19 ? 41  VAL A CB  1 
ATOM   283 C CG1 . VAL A 1 39  ? -6.555  -7.386  0.646   1.00 18.43 ? 41  VAL A CG1 1 
ATOM   284 C CG2 . VAL A 1 39  ? -6.472  -4.867  0.511   1.00 15.87 ? 41  VAL A CG2 1 
ATOM   285 N N   . ALA A 1 40  ? -9.784  -7.916  2.325   1.00 13.54 ? 42  ALA A N   1 
ATOM   286 C CA  . ALA A 1 40  ? -10.398 -8.850  3.273   1.00 17.55 ? 42  ALA A CA  1 
ATOM   287 C C   . ALA A 1 40  ? -9.735  -10.230 3.343   1.00 16.26 ? 42  ALA A C   1 
ATOM   288 O O   . ALA A 1 40  ? -10.050 -11.018 4.230   1.00 16.22 ? 42  ALA A O   1 
ATOM   289 C CB  . ALA A 1 40  ? -11.903 -9.019  2.941   1.00 16.35 ? 42  ALA A CB  1 
ATOM   290 N N   . HIS A 1 41  ? -8.825  -10.535 2.425   1.00 13.95 ? 43  HIS A N   1 
ATOM   291 C CA  . HIS A 1 41  ? -8.255  -11.877 2.409   1.00 13.85 ? 43  HIS A CA  1 
ATOM   292 C C   . HIS A 1 41  ? -7.580  -12.239 3.747   1.00 17.02 ? 43  HIS A C   1 
ATOM   293 O O   . HIS A 1 41  ? -6.893  -11.411 4.342   1.00 15.63 ? 43  HIS A O   1 
ATOM   294 C CB  . HIS A 1 41  ? -7.252  -12.018 1.259   1.00 16.24 ? 43  HIS A CB  1 
ATOM   295 C CG  . HIS A 1 41  ? -6.942  -13.439 0.927   1.00 20.62 ? 43  HIS A CG  1 
ATOM   296 N ND1 . HIS A 1 41  ? -6.009  -14.175 1.623   1.00 17.95 ? 43  HIS A ND1 1 
ATOM   297 C CD2 . HIS A 1 41  ? -7.481  -14.278 0.009   1.00 17.98 ? 43  HIS A CD2 1 
ATOM   298 C CE1 . HIS A 1 41  ? -5.970  -15.404 1.134   1.00 21.84 ? 43  HIS A CE1 1 
ATOM   299 N NE2 . HIS A 1 41  ? -6.850  -15.490 0.151   1.00 19.89 ? 43  HIS A NE2 1 
ATOM   300 N N   . PRO A 1 42  ? -7.788  -13.477 4.237   1.00 16.50 ? 44  PRO A N   1 
ATOM   301 C CA  . PRO A 1 42  ? -7.276  -13.852 5.569   1.00 15.38 ? 44  PRO A CA  1 
ATOM   302 C C   . PRO A 1 42  ? -5.746  -13.797 5.717   1.00 15.16 ? 44  PRO A C   1 
ATOM   303 O O   . PRO A 1 42  ? -5.252  -13.790 6.840   1.00 16.21 ? 44  PRO A O   1 
ATOM   304 C CB  . PRO A 1 42  ? -7.777  -15.299 5.750   1.00 18.52 ? 44  PRO A CB  1 
ATOM   305 C CG  . PRO A 1 42  ? -8.173  -15.759 4.404   1.00 20.93 ? 44  PRO A CG  1 
ATOM   306 C CD  . PRO A 1 42  ? -8.632  -14.537 3.661   1.00 18.31 ? 44  PRO A CD  1 
ATOM   307 N N   . LEU A 1 43  ? -5.008  -13.749 4.615   1.00 14.89 ? 45  LEU A N   1 
ATOM   308 C CA  . LEU A 1 43  ? -3.552  -13.562 4.702   1.00 18.06 ? 45  LEU A CA  1 
ATOM   309 C C   . LEU A 1 43  ? -3.180  -12.206 5.304   1.00 16.42 ? 45  LEU A C   1 
ATOM   310 O O   . LEU A 1 43  ? -2.077  -12.012 5.828   1.00 17.12 ? 45  LEU A O   1 
ATOM   311 C CB  . LEU A 1 43  ? -2.923  -13.677 3.319   1.00 19.01 ? 45  LEU A CB  1 
ATOM   312 C CG  . LEU A 1 43  ? -2.759  -15.075 2.710   1.00 19.38 ? 45  LEU A CG  1 
ATOM   313 C CD1 . LEU A 1 43  ? -2.331  -14.935 1.262   1.00 21.04 ? 45  LEU A CD1 1 
ATOM   314 C CD2 . LEU A 1 43  ? -1.726  -15.836 3.510   1.00 21.86 ? 45  LEU A CD2 1 
ATOM   315 N N   . ILE A 1 44  ? -4.110  -11.263 5.215   1.00 14.17 ? 46  ILE A N   1 
ATOM   316 C CA  . ILE A 1 44  ? -3.809  -9.864  5.506   1.00 13.57 ? 46  ILE A CA  1 
ATOM   317 C C   . ILE A 1 44  ? -4.128  -9.472  6.954   1.00 15.41 ? 46  ILE A C   1 
ATOM   318 O O   . ILE A 1 44  ? -5.174  -9.832  7.493   1.00 16.24 ? 46  ILE A O   1 
ATOM   319 C CB  . ILE A 1 44  ? -4.571  -8.969  4.511   1.00 15.17 ? 46  ILE A CB  1 
ATOM   320 C CG1 . ILE A 1 44  ? -4.217  -9.402  3.082   1.00 16.00 ? 46  ILE A CG1 1 
ATOM   321 C CG2 . ILE A 1 44  ? -4.237  -7.488  4.699   1.00 13.32 ? 46  ILE A CG2 1 
ATOM   322 C CD1 . ILE A 1 44  ? -2.684  -9.587  2.841   1.00 14.46 ? 46  ILE A CD1 1 
ATOM   323 N N   . SER A 1 45  ? -3.203  -8.749  7.585   1.00 13.89 ? 47  SER A N   1 
ATOM   324 C CA  . SER A 1 45  ? -3.396  -8.252  8.945   1.00 18.18 ? 47  SER A CA  1 
ATOM   325 C C   . SER A 1 45  ? -4.371  -7.073  8.965   1.00 13.95 ? 47  SER A C   1 
ATOM   326 O O   . SER A 1 45  ? -4.598  -6.439  7.943   1.00 13.47 ? 47  SER A O   1 
ATOM   327 C CB  . SER A 1 45  ? -2.049  -7.841  9.551   1.00 17.79 ? 47  SER A CB  1 
ATOM   328 O OG  . SER A 1 45  ? -1.182  -8.959  9.625   1.00 17.62 ? 47  SER A OG  1 
ATOM   329 N N   . ARG A 1 46  ? -4.941  -6.770  10.127  1.00 13.46 ? 48  ARG A N   1 
ATOM   330 C CA  . ARG A 1 46  ? -5.943  -5.703  10.202  1.00 15.71 ? 48  ARG A CA  1 
ATOM   331 C C   . ARG A 1 46  ? -5.385  -4.350  9.780   1.00 15.47 ? 48  ARG A C   1 
ATOM   332 O O   . ARG A 1 46  ? -6.022  -3.622  9.019   1.00 13.76 ? 48  ARG A O   1 
ATOM   333 C CB  . ARG A 1 46  ? -6.526  -5.646  11.610  1.00 19.19 ? 48  ARG A CB  1 
ATOM   334 C CG  . ARG A 1 46  ? -7.406  -6.884  11.878  1.00 22.53 ? 48  ARG A CG  1 
ATOM   335 C CD  . ARG A 1 46  ? -8.064  -6.869  13.225  1.00 32.28 ? 48  ARG A CD  1 
ATOM   336 N NE  . ARG A 1 46  ? -9.066  -5.816  13.360  1.00 34.23 ? 48  ARG A NE  1 
ATOM   337 C CZ  . ARG A 1 46  ? -9.973  -5.801  14.330  1.00 40.75 ? 48  ARG A CZ  1 
ATOM   338 N NH1 . ARG A 1 46  ? -9.998  -6.791  15.212  1.00 37.60 ? 48  ARG A NH1 1 
ATOM   339 N NH2 . ARG A 1 46  ? -10.849 -4.811  14.421  1.00 44.36 ? 48  ARG A NH2 1 
ATOM   340 N N   . ALA A 1 47  ? -4.190  -4.019  10.256  1.00 14.43 ? 49  ALA A N   1 
ATOM   341 C CA  . ALA A 1 47  ? -3.491  -2.821  9.779   1.00 15.54 ? 49  ALA A CA  1 
ATOM   342 C C   . ALA A 1 47  ? -2.181  -3.290  9.171   1.00 17.60 ? 49  ALA A C   1 
ATOM   343 O O   . ALA A 1 47  ? -1.157  -3.302  9.838   1.00 18.64 ? 49  ALA A O   1 
ATOM   344 C CB  . ALA A 1 47  ? -3.248  -1.824  10.908  1.00 15.71 ? 49  ALA A CB  1 
ATOM   345 N N   . HIS A 1 48  ? -2.238  -3.704  7.910   1.00 14.51 ? 50  HIS A N   1 
ATOM   346 C CA  . HIS A 1 48  ? -1.155  -4.447  7.277   1.00 12.77 ? 50  HIS A CA  1 
ATOM   347 C C   . HIS A 1 48  ? -0.035  -3.530  6.760   1.00 12.99 ? 50  HIS A C   1 
ATOM   348 O O   . HIS A 1 48  ? 1.155   -3.782  7.003   1.00 13.82 ? 50  HIS A O   1 
ATOM   349 C CB  . HIS A 1 48  ? -1.747  -5.297  6.127   1.00 12.43 ? 50  HIS A CB  1 
ATOM   350 C CG  . HIS A 1 48  ? -0.831  -6.360  5.614   1.00 12.59 ? 50  HIS A CG  1 
ATOM   351 N ND1 . HIS A 1 48  ? -0.958  -7.687  5.972   1.00 13.13 ? 50  HIS A ND1 1 
ATOM   352 C CD2 . HIS A 1 48  ? 0.226   -6.299  4.766   1.00 13.01 ? 50  HIS A CD2 1 
ATOM   353 C CE1 . HIS A 1 48  ? -0.021  -8.398  5.368   1.00 16.02 ? 50  HIS A CE1 1 
ATOM   354 N NE2 . HIS A 1 48  ? 0.716   -7.581  4.633   1.00 11.64 ? 50  HIS A NE2 1 
ATOM   355 N N   . LEU A 1 49  ? -0.418  -2.477  6.038   1.00 12.83 ? 51  LEU A N   1 
ATOM   356 C CA  . LEU A 1 49  ? 0.526   -1.472  5.551   1.00 10.97 ? 51  LEU A CA  1 
ATOM   357 C C   . LEU A 1 49  ? 0.170   -0.080  6.037   1.00 14.32 ? 51  LEU A C   1 
ATOM   358 O O   . LEU A 1 49  ? -1.008  0.228   6.209   1.00 14.27 ? 51  LEU A O   1 
ATOM   359 C CB  . LEU A 1 49  ? 0.547   -1.419  4.026   1.00 12.13 ? 51  LEU A CB  1 
ATOM   360 C CG  . LEU A 1 49  ? 0.872   -2.662  3.221   1.00 11.36 ? 51  LEU A CG  1 
ATOM   361 C CD1 . LEU A 1 49  ? 0.877   -2.255  1.761   1.00 12.23 ? 51  LEU A CD1 1 
ATOM   362 C CD2 . LEU A 1 49  ? 2.243   -3.242  3.642   1.00 9.37  ? 51  LEU A CD2 1 
ATOM   363 N N   . LEU A 1 50  ? 1.186   0.764   6.205   1.00 12.97 ? 52  LEU A N   1 
ATOM   364 C CA  . LEU A 1 50  ? 0.978   2.207   6.295   1.00 12.12 ? 52  LEU A CA  1 
ATOM   365 C C   . LEU A 1 50  ? 1.502   2.840   5.027   1.00 11.99 ? 52  LEU A C   1 
ATOM   366 O O   . LEU A 1 50  ? 2.621   2.545   4.610   1.00 14.84 ? 52  LEU A O   1 
ATOM   367 C CB  . LEU A 1 50  ? 1.690   2.796   7.517   1.00 12.06 ? 52  LEU A CB  1 
ATOM   368 C CG  . LEU A 1 50  ? 1.202   2.202   8.841   1.00 14.46 ? 52  LEU A CG  1 
ATOM   369 C CD1 . LEU A 1 50  ? 2.011   2.765   10.000  1.00 18.60 ? 52  LEU A CD1 1 
ATOM   370 C CD2 . LEU A 1 50  ? -0.286  2.488   9.019   1.00 17.15 ? 52  LEU A CD2 1 
ATOM   371 N N   . LEU A 1 51  ? 0.715   3.716   4.410   1.00 13.01 ? 53  LEU A N   1 
ATOM   372 C CA  . LEU A 1 51  ? 1.220   4.495   3.277   1.00 12.01 ? 53  LEU A CA  1 
ATOM   373 C C   . LEU A 1 51  ? 1.420   5.930   3.726   1.00 16.16 ? 53  LEU A C   1 
ATOM   374 O O   . LEU A 1 51  ? 0.569   6.472   4.413   1.00 14.65 ? 53  LEU A O   1 
ATOM   375 C CB  . LEU A 1 51  ? 0.254   4.455   2.087   1.00 15.79 ? 53  LEU A CB  1 
ATOM   376 C CG  . LEU A 1 51  ? -0.341  3.084   1.755   1.00 13.96 ? 53  LEU A CG  1 
ATOM   377 C CD1 . LEU A 1 51  ? -1.316  3.184   0.580   1.00 13.75 ? 53  LEU A CD1 1 
ATOM   378 C CD2 . LEU A 1 51  ? 0.779   2.077   1.444   1.00 13.37 ? 53  LEU A CD2 1 
ATOM   379 N N   . ARG A 1 52  ? 2.520   6.560   3.337   1.00 13.16 ? 54  ARG A N   1 
ATOM   380 C CA  . ARG A 1 52  ? 2.734   7.938   3.777   1.00 15.29 ? 54  ARG A CA  1 
ATOM   381 C C   . ARG A 1 52  ? 3.758   8.636   2.919   1.00 14.27 ? 54  ARG A C   1 
ATOM   382 O O   . ARG A 1 52  ? 4.574   7.994   2.255   1.00 15.76 ? 54  ARG A O   1 
ATOM   383 C CB  . ARG A 1 52  ? 3.170   7.988   5.242   1.00 14.67 ? 54  ARG A CB  1 
ATOM   384 C CG  . ARG A 1 52  ? 4.608   7.507   5.474   1.00 14.63 ? 54  ARG A CG  1 
ATOM   385 C CD  . ARG A 1 52  ? 4.869   7.190   6.957   1.00 19.72 ? 54  ARG A CD  1 
ATOM   386 N NE  . ARG A 1 52  ? 4.592   8.292   7.889   1.00 18.83 ? 54  ARG A NE  1 
ATOM   387 C CZ  . ARG A 1 52  ? 5.523   9.055   8.453   1.00 23.15 ? 54  ARG A CZ  1 
ATOM   388 N NH1 . ARG A 1 52  ? 6.803   8.858   8.177   1.00 20.54 ? 54  ARG A NH1 1 
ATOM   389 N NH2 . ARG A 1 52  ? 5.174   10.011  9.307   1.00 26.13 ? 54  ARG A NH2 1 
ATOM   390 N N   . PHE A 1 53  ? 3.678   9.964   2.905   1.00 14.45 ? 55  PHE A N   1 
ATOM   391 C CA  . PHE A 1 53  ? 4.622   10.784  2.154   1.00 16.43 ? 55  PHE A CA  1 
ATOM   392 C C   . PHE A 1 53  ? 5.698   11.265  3.117   1.00 17.56 ? 55  PHE A C   1 
ATOM   393 O O   . PHE A 1 53  ? 5.408   11.983  4.073   1.00 18.39 ? 55  PHE A O   1 
ATOM   394 C CB  . PHE A 1 53  ? 3.911   11.966  1.492   1.00 17.78 ? 55  PHE A CB  1 
ATOM   395 C CG  . PHE A 1 53  ? 4.771   12.728  0.523   1.00 18.83 ? 55  PHE A CG  1 
ATOM   396 C CD1 . PHE A 1 53  ? 4.927   12.286  -0.777  1.00 21.09 ? 55  PHE A CD1 1 
ATOM   397 C CD2 . PHE A 1 53  ? 5.421   13.888  0.919   1.00 22.97 ? 55  PHE A CD2 1 
ATOM   398 C CE1 . PHE A 1 53  ? 5.726   12.978  -1.672  1.00 20.98 ? 55  PHE A CE1 1 
ATOM   399 C CE2 . PHE A 1 53  ? 6.220   14.580  0.032   1.00 24.52 ? 55  PHE A CE2 1 
ATOM   400 C CZ  . PHE A 1 53  ? 6.369   14.127  -1.263  1.00 19.83 ? 55  PHE A CZ  1 
ATOM   401 N N   . ASP A 1 54  ? 6.936   10.864  2.867   1.00 17.56 ? 56  ASP A N   1 
ATOM   402 C CA  . ASP A 1 54  ? 8.016   11.117  3.807   1.00 19.02 ? 56  ASP A CA  1 
ATOM   403 C C   . ASP A 1 54  ? 9.327   11.394  3.071   1.00 18.11 ? 56  ASP A C   1 
ATOM   404 O O   . ASP A 1 54  ? 9.713   10.643  2.169   1.00 18.39 ? 56  ASP A O   1 
ATOM   405 C CB  . ASP A 1 54  ? 8.187   9.923   4.752   1.00 17.63 ? 56  ASP A CB  1 
ATOM   406 C CG  . ASP A 1 54  ? 9.203   10.195  5.853   1.00 19.46 ? 56  ASP A CG  1 
ATOM   407 O OD1 . ASP A 1 54  ? 9.118   11.263  6.491   1.00 23.46 ? 56  ASP A OD1 1 
ATOM   408 O OD2 . ASP A 1 54  ? 10.087  9.349   6.071   1.00 23.32 ? 56  ASP A OD2 1 
ATOM   409 N N   . GLN A 1 55  ? 10.001  12.474  3.458   1.00 17.91 ? 57  GLN A N   1 
ATOM   410 C CA  . GLN A 1 55  ? 11.269  12.833  2.836   1.00 19.09 ? 57  GLN A CA  1 
ATOM   411 C C   . GLN A 1 55  ? 11.136  12.847  1.320   1.00 21.59 ? 57  GLN A C   1 
ATOM   412 O O   . GLN A 1 55  ? 11.916  12.215  0.598   1.00 25.71 ? 57  GLN A O   1 
ATOM   413 C CB  . GLN A 1 55  ? 12.367  11.866  3.288   1.00 19.33 ? 57  GLN A CB  1 
ATOM   414 C CG  . GLN A 1 55  ? 12.617  11.931  4.804   1.00 20.50 ? 57  GLN A CG  1 
ATOM   415 C CD  . GLN A 1 55  ? 13.566  10.842  5.306   1.00 25.64 ? 57  GLN A CD  1 
ATOM   416 O OE1 . GLN A 1 55  ? 14.775  10.927  5.117   1.00 20.33 ? 57  GLN A OE1 1 
ATOM   417 N NE2 . GLN A 1 55  ? 13.012  9.812   5.948   1.00 17.65 ? 57  GLN A NE2 1 
ATOM   418 N N   . GLY A 1 56  ? 10.093  13.521  0.844   1.00 23.84 ? 58  GLY A N   1 
ATOM   419 C CA  . GLY A 1 56  ? 9.950   13.790  -0.573  1.00 20.46 ? 58  GLY A CA  1 
ATOM   420 C C   . GLY A 1 56  ? 9.383   12.692  -1.450  1.00 24.40 ? 58  GLY A C   1 
ATOM   421 O O   . GLY A 1 56  ? 9.324   12.853  -2.669  1.00 22.61 ? 58  GLY A O   1 
ATOM   422 N N   A ARG A 1 57  ? 8.972   11.568  -0.869  0.42 21.90 ? 59  ARG A N   1 
ATOM   423 N N   B ARG A 1 57  ? 8.951   11.589  -0.846  0.58 21.95 ? 59  ARG A N   1 
ATOM   424 C CA  A ARG A 1 57  ? 8.377   10.516  -1.693  0.42 22.37 ? 59  ARG A CA  1 
ATOM   425 C CA  B ARG A 1 57  ? 8.402   10.490  -1.631  0.58 22.37 ? 59  ARG A CA  1 
ATOM   426 C C   A ARG A 1 57  ? 7.432   9.605   -0.918  0.42 19.53 ? 59  ARG A C   1 
ATOM   427 C C   B ARG A 1 57  ? 7.334   9.709   -0.878  0.58 19.47 ? 59  ARG A C   1 
ATOM   428 O O   A ARG A 1 57  ? 7.593   9.392   0.287   0.42 17.14 ? 59  ARG A O   1 
ATOM   429 O O   B ARG A 1 57  ? 7.317   9.681   0.356   0.58 17.49 ? 59  ARG A O   1 
ATOM   430 C CB  A ARG A 1 57  ? 9.464   9.661   -2.357  0.42 26.80 ? 59  ARG A CB  1 
ATOM   431 C CB  B ARG A 1 57  ? 9.509   9.525   -2.053  0.58 27.34 ? 59  ARG A CB  1 
ATOM   432 C CG  A ARG A 1 57  ? 10.085  8.606   -1.450  0.42 31.18 ? 59  ARG A CG  1 
ATOM   433 C CG  B ARG A 1 57  ? 10.017  8.656   -0.907  0.58 30.25 ? 59  ARG A CG  1 
ATOM   434 C CD  A ARG A 1 57  ? 11.335  8.017   -2.078  0.42 37.42 ? 59  ARG A CD  1 
ATOM   435 C CD  B ARG A 1 57  ? 11.066  7.687   -1.383  0.58 35.14 ? 59  ARG A CD  1 
ATOM   436 N NE  A ARG A 1 57  ? 12.098  7.188   -1.146  0.42 37.39 ? 59  ARG A NE  1 
ATOM   437 N NE  B ARG A 1 57  ? 12.150  8.398   -2.052  0.58 40.45 ? 59  ARG A NE  1 
ATOM   438 C CZ  A ARG A 1 57  ? 13.349  6.798   -1.363  0.42 36.79 ? 59  ARG A CZ  1 
ATOM   439 C CZ  B ARG A 1 57  ? 13.374  7.917   -2.211  0.58 38.11 ? 59  ARG A CZ  1 
ATOM   440 N NH1 A ARG A 1 57  ? 13.974  7.169   -2.471  0.42 43.02 ? 59  ARG A NH1 1 
ATOM   441 N NH1 B ARG A 1 57  ? 14.290  8.644   -2.836  0.58 38.37 ? 59  ARG A NH1 1 
ATOM   442 N NH2 A ARG A 1 57  ? 13.980  6.042   -0.476  0.42 33.54 ? 59  ARG A NH2 1 
ATOM   443 N NH2 B ARG A 1 57  ? 13.679  6.711   -1.747  0.58 38.96 ? 59  ARG A NH2 1 
ATOM   444 N N   . TRP A 1 58  ? 6.451   9.065   -1.638  1.00 16.89 ? 60  TRP A N   1 
ATOM   445 C CA  . TRP A 1 58  ? 5.486   8.141   -1.072  1.00 15.74 ? 60  TRP A CA  1 
ATOM   446 C C   . TRP A 1 58  ? 6.170   6.831   -0.742  1.00 16.08 ? 60  TRP A C   1 
ATOM   447 O O   . TRP A 1 58  ? 7.001   6.357   -1.518  1.00 16.47 ? 60  TRP A O   1 
ATOM   448 C CB  . TRP A 1 58  ? 4.326   7.894   -2.043  1.00 16.42 ? 60  TRP A CB  1 
ATOM   449 C CG  . TRP A 1 58  ? 3.337   9.007   -2.060  1.00 16.76 ? 60  TRP A CG  1 
ATOM   450 C CD1 . TRP A 1 58  ? 3.239   10.009  -2.981  1.00 17.71 ? 60  TRP A CD1 1 
ATOM   451 C CD2 . TRP A 1 58  ? 2.309   9.249   -1.091  1.00 15.88 ? 60  TRP A CD2 1 
ATOM   452 N NE1 . TRP A 1 58  ? 2.210   10.864  -2.644  1.00 18.28 ? 60  TRP A NE1 1 
ATOM   453 C CE2 . TRP A 1 58  ? 1.622   10.413  -1.490  1.00 20.39 ? 60  TRP A CE2 1 
ATOM   454 C CE3 . TRP A 1 58  ? 1.892   8.582   0.064   1.00 16.30 ? 60  TRP A CE3 1 
ATOM   455 C CZ2 . TRP A 1 58  ? 0.547   10.927  -0.774  1.00 16.62 ? 60  TRP A CZ2 1 
ATOM   456 C CZ3 . TRP A 1 58  ? 0.835   9.100   0.783   1.00 19.63 ? 60  TRP A CZ3 1 
ATOM   457 C CH2 . TRP A 1 58  ? 0.168   10.260  0.357   1.00 17.34 ? 60  TRP A CH2 1 
ATOM   458 N N   . VAL A 1 59  ? 5.832   6.248   0.408   1.00 15.32 ? 61  VAL A N   1 
ATOM   459 C CA  . VAL A 1 59  ? 6.319   4.919   0.743   1.00 13.49 ? 61  VAL A CA  1 
ATOM   460 C C   . VAL A 1 59  ? 5.193   4.013   1.216   1.00 16.45 ? 61  VAL A C   1 
ATOM   461 O O   . VAL A 1 59  ? 4.226   4.473   1.809   1.00 15.63 ? 61  VAL A O   1 
ATOM   462 C CB  . VAL A 1 59  ? 7.420   4.962   1.832   1.00 19.10 ? 61  VAL A CB  1 
ATOM   463 C CG1 . VAL A 1 59  ? 8.675   5.598   1.279   1.00 20.50 ? 61  VAL A CG1 1 
ATOM   464 C CG2 . VAL A 1 59  ? 6.935   5.710   3.082   1.00 15.63 ? 61  VAL A CG2 1 
ATOM   465 N N   . ALA A 1 60  ? 5.325   2.721   0.929   1.00 14.36 ? 62  ALA A N   1 
ATOM   466 C CA  . ALA A 1 60  ? 4.466   1.700   1.515   1.00 12.39 ? 62  ALA A CA  1 
ATOM   467 C C   . ALA A 1 60  ? 5.269   0.946   2.560   1.00 15.23 ? 62  ALA A C   1 
ATOM   468 O O   . ALA A 1 60  ? 6.296   0.364   2.242   1.00 15.08 ? 62  ALA A O   1 
ATOM   469 C CB  . ALA A 1 60  ? 3.945   0.737   0.456   1.00 13.37 ? 62  ALA A CB  1 
ATOM   470 N N   . ILE A 1 61  ? 4.780   0.959   3.791   1.00 12.11 ? 63  ILE A N   1 
ATOM   471 C CA  . ILE A 1 61  ? 5.489   0.399   4.943   1.00 13.40 ? 63  ILE A CA  1 
ATOM   472 C C   . ILE A 1 61  ? 4.768   -0.808  5.520   1.00 13.19 ? 63  ILE A C   1 
ATOM   473 O O   . ILE A 1 61  ? 3.583   -0.734  5.833   1.00 14.95 ? 63  ILE A O   1 
ATOM   474 C CB  . ILE A 1 61  ? 5.641   1.453   6.064   1.00 14.08 ? 63  ILE A CB  1 
ATOM   475 C CG1 . ILE A 1 61  ? 6.413   2.672   5.551   1.00 14.70 ? 63  ILE A CG1 1 
ATOM   476 C CG2 . ILE A 1 61  ? 6.314   0.829   7.299   1.00 17.11 ? 63  ILE A CG2 1 
ATOM   477 C CD1 . ILE A 1 61  ? 6.215   3.927   6.394   1.00 16.37 ? 63  ILE A CD1 1 
ATOM   478 N N   . ASP A 1 62  ? 5.479   -1.924  5.642   1.00 14.92 ? 64  ASP A N   1 
ATOM   479 C CA  . ASP A 1 62  ? 4.972   -3.108  6.343   1.00 13.29 ? 64  ASP A CA  1 
ATOM   480 C C   . ASP A 1 62  ? 4.817   -2.784  7.825   1.00 16.93 ? 64  ASP A C   1 
ATOM   481 O O   . ASP A 1 62  ? 5.811   -2.498  8.501   1.00 17.04 ? 64  ASP A O   1 
ATOM   482 C CB  . ASP A 1 62  ? 5.942   -4.292  6.155   1.00 13.20 ? 64  ASP A CB  1 
ATOM   483 C CG  . ASP A 1 62  ? 5.413   -5.604  6.741   1.00 18.91 ? 64  ASP A CG  1 
ATOM   484 O OD1 . ASP A 1 62  ? 4.345   -5.612  7.399   1.00 19.06 ? 64  ASP A OD1 1 
ATOM   485 O OD2 . ASP A 1 62  ? 6.088   -6.643  6.547   1.00 17.79 ? 64  ASP A OD2 1 
ATOM   486 N N   . ASN A 1 63  ? 3.582   -2.830  8.329   1.00 13.24 ? 65  ASN A N   1 
ATOM   487 C CA  . ASN A 1 63  ? 3.275   -2.423  9.700   1.00 12.81 ? 65  ASN A CA  1 
ATOM   488 C C   . ASN A 1 63  ? 3.352   -3.608  10.658  1.00 21.09 ? 65  ASN A C   1 
ATOM   489 O O   . ASN A 1 63  ? 2.402   -3.892  11.399  1.00 17.55 ? 65  ASN A O   1 
ATOM   490 C CB  . ASN A 1 63  ? 1.879   -1.782  9.743   1.00 14.41 ? 65  ASN A CB  1 
ATOM   491 C CG  . ASN A 1 63  ? 1.544   -1.140  11.077  1.00 21.20 ? 65  ASN A CG  1 
ATOM   492 O OD1 . ASN A 1 63  ? 2.397   -0.553  11.743  1.00 19.81 ? 65  ASN A OD1 1 
ATOM   493 N ND2 . ASN A 1 63  ? 0.279   -1.253  11.472  1.00 17.02 ? 65  ASN A ND2 1 
ATOM   494 N N   . GLY A 1 64  ? 4.485   -4.300  10.632  1.00 19.51 ? 66  GLY A N   1 
ATOM   495 C CA  . GLY A 1 64  ? 4.679   -5.491  11.443  1.00 19.58 ? 66  GLY A CA  1 
ATOM   496 C C   . GLY A 1 64  ? 3.621   -6.541  11.171  1.00 23.26 ? 66  GLY A C   1 
ATOM   497 O O   . GLY A 1 64  ? 3.131   -7.195  12.088  1.00 21.20 ? 66  GLY A O   1 
ATOM   498 N N   . SER A 1 65  ? 3.254   -6.699  9.904   1.00 17.78 ? 67  SER A N   1 
ATOM   499 C CA  . SER A 1 65  ? 2.259   -7.696  9.522   1.00 21.08 ? 67  SER A CA  1 
ATOM   500 C C   . SER A 1 65  ? 2.801   -9.105  9.679   1.00 21.46 ? 67  SER A C   1 
ATOM   501 O O   . SER A 1 65  ? 4.011   -9.323  9.649   1.00 17.53 ? 67  SER A O   1 
ATOM   502 C CB  . SER A 1 65  ? 1.821   -7.485  8.076   1.00 15.62 ? 67  SER A CB  1 
ATOM   503 O OG  . SER A 1 65  ? 2.877   -7.814  7.185   1.00 13.27 ? 67  SER A OG  1 
ATOM   504 N N   . LEU A 1 66  ? 1.908   -10.075 9.810   1.00 17.88 ? 68  LEU A N   1 
ATOM   505 C CA  . LEU A 1 66  ? 2.335   -11.469 9.852   1.00 18.03 ? 68  LEU A CA  1 
ATOM   506 C C   . LEU A 1 66  ? 2.921   -11.927 8.522   1.00 20.21 ? 68  LEU A C   1 
ATOM   507 O O   . LEU A 1 66  ? 3.982   -12.545 8.481   1.00 17.98 ? 68  LEU A O   1 
ATOM   508 C CB  . LEU A 1 66  ? 1.162   -12.377 10.244  1.00 21.83 ? 68  LEU A CB  1 
ATOM   509 C CG  . LEU A 1 66  ? 1.428   -13.887 10.315  1.00 24.17 ? 68  LEU A CG  1 
ATOM   510 C CD1 . LEU A 1 66  ? 2.452   -14.208 11.388  1.00 31.58 ? 68  LEU A CD1 1 
ATOM   511 C CD2 . LEU A 1 66  ? 0.120   -14.654 10.560  1.00 21.84 ? 68  LEU A CD2 1 
ATOM   512 N N   . ASN A 1 67  ? 2.232   -11.628 7.426   1.00 15.18 ? 69  ASN A N   1 
ATOM   513 C CA  . ASN A 1 67  ? 2.553   -12.275 6.160   1.00 17.48 ? 69  ASN A CA  1 
ATOM   514 C C   . ASN A 1 67  ? 3.232   -11.380 5.120   1.00 15.87 ? 69  ASN A C   1 
ATOM   515 O O   . ASN A 1 67  ? 3.559   -11.833 4.028   1.00 18.63 ? 69  ASN A O   1 
ATOM   516 C CB  . ASN A 1 67  ? 1.272   -12.903 5.597   1.00 17.86 ? 69  ASN A CB  1 
ATOM   517 C CG  . ASN A 1 67  ? 0.822   -14.117 6.420   1.00 25.85 ? 69  ASN A CG  1 
ATOM   518 O OD1 . ASN A 1 67  ? 1.645   -14.948 6.806   1.00 21.26 ? 69  ASN A OD1 1 
ATOM   519 N ND2 . ASN A 1 67  ? -0.472  -14.209 6.709   1.00 18.33 ? 69  ASN A ND2 1 
ATOM   520 N N   . GLY A 1 68  ? 3.455   -10.116 5.464   1.00 17.41 ? 70  GLY A N   1 
ATOM   521 C CA  . GLY A 1 68  ? 4.419   -9.312  4.734   1.00 14.77 ? 70  GLY A CA  1 
ATOM   522 C C   . GLY A 1 68  ? 4.017   -8.566  3.479   1.00 13.10 ? 70  GLY A C   1 
ATOM   523 O O   . GLY A 1 68  ? 2.843   -8.505  3.102   1.00 14.18 ? 70  GLY A O   1 
ATOM   524 N N   . LEU A 1 69  ? 5.037   -7.976  2.858   1.00 13.37 ? 71  LEU A N   1 
ATOM   525 C CA  . LEU A 1 69  ? 4.935   -7.071  1.713   1.00 14.11 ? 71  LEU A CA  1 
ATOM   526 C C   . LEU A 1 69  ? 5.961   -7.525  0.701   1.00 16.45 ? 71  LEU A C   1 
ATOM   527 O O   . LEU A 1 69  ? 7.130   -7.736  1.056   1.00 14.84 ? 71  LEU A O   1 
ATOM   528 C CB  . LEU A 1 69  ? 5.208   -5.619  2.131   1.00 12.46 ? 71  LEU A CB  1 
ATOM   529 C CG  . LEU A 1 69  ? 5.446   -4.537  1.077   1.00 13.06 ? 71  LEU A CG  1 
ATOM   530 C CD1 . LEU A 1 69  ? 4.163   -4.254  0.277   1.00 13.04 ? 71  LEU A CD1 1 
ATOM   531 C CD2 . LEU A 1 69  ? 5.933   -3.256  1.765   1.00 11.58 ? 71  LEU A CD2 1 
ATOM   532 N N   . TYR A 1 70  ? 5.533   -7.688  -0.544  1.00 13.41 ? 72  TYR A N   1 
ATOM   533 C CA  . TYR A 1 70  ? 6.405   -8.210  -1.590  1.00 15.36 ? 72  TYR A CA  1 
ATOM   534 C C   . TYR A 1 70  ? 6.527   -7.288  -2.792  1.00 14.61 ? 72  TYR A C   1 
ATOM   535 O O   . TYR A 1 70  ? 5.530   -6.757  -3.300  1.00 15.53 ? 72  TYR A O   1 
ATOM   536 C CB  . TYR A 1 70  ? 5.904   -9.574  -2.061  1.00 15.17 ? 72  TYR A CB  1 
ATOM   537 C CG  . TYR A 1 70  ? 6.031   -10.646 -1.008  1.00 15.11 ? 72  TYR A CG  1 
ATOM   538 C CD1 . TYR A 1 70  ? 7.151   -11.469 -0.966  1.00 14.60 ? 72  TYR A CD1 1 
ATOM   539 C CD2 . TYR A 1 70  ? 5.050   -10.820 -0.042  1.00 16.93 ? 72  TYR A CD2 1 
ATOM   540 C CE1 . TYR A 1 70  ? 7.284   -12.449 -0.003  1.00 15.60 ? 72  TYR A CE1 1 
ATOM   541 C CE2 . TYR A 1 70  ? 5.174   -11.799 0.934   1.00 17.99 ? 72  TYR A CE2 1 
ATOM   542 C CZ  . TYR A 1 70  ? 6.295   -12.615 0.937   1.00 19.17 ? 72  TYR A CZ  1 
ATOM   543 O OH  . TYR A 1 70  ? 6.438   -13.586 1.897   1.00 23.66 ? 72  TYR A OH  1 
ATOM   544 N N   . LEU A 1 71  ? 7.766   -7.111  -3.244  1.00 13.74 ? 73  LEU A N   1 
ATOM   545 C CA  . LEU A 1 71  ? 8.062   -6.430  -4.497  1.00 20.31 ? 73  LEU A CA  1 
ATOM   546 C C   . LEU A 1 71  ? 8.894   -7.372  -5.373  1.00 21.77 ? 73  LEU A C   1 
ATOM   547 O O   . LEU A 1 71  ? 10.006  -7.728  -5.000  1.00 18.80 ? 73  LEU A O   1 
ATOM   548 C CB  . LEU A 1 71  ? 8.818   -5.125  -4.240  1.00 18.84 ? 73  LEU A CB  1 
ATOM   549 C CG  . LEU A 1 71  ? 9.286   -4.335  -5.466  1.00 21.62 ? 73  LEU A CG  1 
ATOM   550 C CD1 . LEU A 1 71  ? 8.106   -3.835  -6.286  1.00 26.04 ? 73  LEU A CD1 1 
ATOM   551 C CD2 . LEU A 1 71  ? 10.167  -3.173  -5.056  1.00 23.38 ? 73  LEU A CD2 1 
ATOM   552 N N   . ASN A 1 72  ? 8.351   -7.789  -6.512  1.00 22.96 ? 74  ASN A N   1 
ATOM   553 C CA  . ASN A 1 72  ? 9.071   -8.706  -7.403  1.00 28.50 ? 74  ASN A CA  1 
ATOM   554 C C   . ASN A 1 72  ? 9.662   -9.912  -6.670  1.00 27.69 ? 74  ASN A C   1 
ATOM   555 O O   . ASN A 1 72  ? 10.872  -10.168 -6.752  1.00 34.13 ? 74  ASN A O   1 
ATOM   556 C CB  . ASN A 1 72  ? 10.190  -7.963  -8.127  1.00 28.12 ? 74  ASN A CB  1 
ATOM   557 C CG  . ASN A 1 72  ? 9.697   -6.713  -8.820  1.00 35.47 ? 74  ASN A CG  1 
ATOM   558 O OD1 . ASN A 1 72  ? 8.635   -6.714  -9.439  1.00 39.27 ? 74  ASN A OD1 1 
ATOM   559 N ND2 . ASN A 1 72  ? 10.463  -5.633  -8.710  1.00 41.71 ? 74  ASN A ND2 1 
ATOM   560 N N   . ASN A 1 73  ? 8.812   -10.606 -5.920  1.00 21.17 ? 75  ASN A N   1 
ATOM   561 C CA  . ASN A 1 73  ? 9.186   -11.833 -5.198  1.00 24.24 ? 75  ASN A CA  1 
ATOM   562 C C   . ASN A 1 73  ? 10.195  -11.622 -4.085  1.00 24.93 ? 75  ASN A C   1 
ATOM   563 O O   . ASN A 1 73  ? 10.734  -12.579 -3.535  1.00 21.91 ? 75  ASN A O   1 
ATOM   564 C CB  . ASN A 1 73  ? 9.723   -12.884 -6.173  1.00 23.39 ? 75  ASN A CB  1 
ATOM   565 C CG  . ASN A 1 73  ? 8.710   -13.248 -7.226  1.00 23.87 ? 75  ASN A CG  1 
ATOM   566 O OD1 . ASN A 1 73  ? 7.643   -13.778 -6.918  1.00 28.41 ? 75  ASN A OD1 1 
ATOM   567 N ND2 . ASN A 1 73  ? 9.028   -12.955 -8.473  1.00 21.55 ? 75  ASN A ND2 1 
ATOM   568 N N   . ARG A 1 74  ? 10.443  -10.367 -3.735  1.00 21.78 ? 76  ARG A N   1 
ATOM   569 C CA  . ARG A 1 74  ? 11.287  -10.091 -2.594  1.00 21.14 ? 76  ARG A CA  1 
ATOM   570 C C   . ARG A 1 74  ? 10.445  -9.562  -1.447  1.00 17.89 ? 76  ARG A C   1 
ATOM   571 O O   . ARG A 1 74  ? 9.720   -8.580  -1.608  1.00 17.93 ? 76  ARG A O   1 
ATOM   572 C CB  . ARG A 1 74  ? 12.383  -9.081  -2.945  1.00 23.20 ? 76  ARG A CB  1 
ATOM   573 C CG  . ARG A 1 74  ? 13.326  -8.891  -1.788  1.00 29.49 ? 76  ARG A CG  1 
ATOM   574 C CD  . ARG A 1 74  ? 14.394  -7.856  -2.061  1.00 36.89 ? 76  ARG A CD  1 
ATOM   575 N NE  . ARG A 1 74  ? 15.305  -7.782  -0.924  1.00 44.39 ? 76  ARG A NE  1 
ATOM   576 C CZ  . ARG A 1 74  ? 16.366  -6.986  -0.866  1.00 54.06 ? 76  ARG A CZ  1 
ATOM   577 N NH1 . ARG A 1 74  ? 16.650  -6.186  -1.887  1.00 49.94 ? 76  ARG A NH1 1 
ATOM   578 N NH2 . ARG A 1 74  ? 17.140  -6.992  0.212   1.00 57.80 ? 76  ARG A NH2 1 
ATOM   579 N N   . ARG A 1 75  ? 10.534  -10.212 -0.295  1.00 16.89 ? 77  ARG A N   1 
ATOM   580 C CA  . ARG A 1 75  ? 9.847   -9.720  0.882   1.00 16.31 ? 77  ARG A CA  1 
ATOM   581 C C   . ARG A 1 75  ? 10.620  -8.541  1.469   1.00 23.20 ? 77  ARG A C   1 
ATOM   582 O O   . ARG A 1 75  ? 11.799  -8.676  1.797   1.00 19.74 ? 77  ARG A O   1 
ATOM   583 C CB  . ARG A 1 75  ? 9.693   -10.818 1.924   1.00 16.10 ? 77  ARG A CB  1 
ATOM   584 C CG  . ARG A 1 75  ? 8.843   -10.381 3.083   1.00 18.30 ? 77  ARG A CG  1 
ATOM   585 C CD  . ARG A 1 75  ? 8.398   -11.564 3.906   1.00 24.36 ? 77  ARG A CD  1 
ATOM   586 N NE  . ARG A 1 75  ? 7.703   -11.146 5.119   1.00 25.06 ? 77  ARG A NE  1 
ATOM   587 C CZ  . ARG A 1 75  ? 6.909   -11.943 5.822   1.00 24.38 ? 77  ARG A CZ  1 
ATOM   588 N NH1 . ARG A 1 75  ? 6.709   -13.197 5.426   1.00 32.37 ? 77  ARG A NH1 1 
ATOM   589 N NH2 . ARG A 1 75  ? 6.305   -11.483 6.906   1.00 22.53 ? 77  ARG A NH2 1 
ATOM   590 N N   . VAL A 1 76  ? 9.959   -7.394  1.599   1.00 15.11 ? 78  VAL A N   1 
ATOM   591 C CA  . VAL A 1 76  ? 10.634  -6.162  2.017   1.00 15.94 ? 78  VAL A CA  1 
ATOM   592 C C   . VAL A 1 76  ? 9.860   -5.429  3.113   1.00 17.58 ? 78  VAL A C   1 
ATOM   593 O O   . VAL A 1 76  ? 8.625   -5.577  3.215   1.00 15.91 ? 78  VAL A O   1 
ATOM   594 C CB  . VAL A 1 76  ? 10.833  -5.217  0.824   1.00 18.39 ? 78  VAL A CB  1 
ATOM   595 C CG1 . VAL A 1 76  ? 11.778  -5.838  -0.195  1.00 21.62 ? 78  VAL A CG1 1 
ATOM   596 C CG2 . VAL A 1 76  ? 9.496   -4.888  0.179   1.00 17.13 ? 78  VAL A CG2 1 
ATOM   597 N N   . PRO A 1 77  ? 10.572  -4.644  3.948   1.00 15.87 ? 79  PRO A N   1 
ATOM   598 C CA  . PRO A 1 77  ? 9.864   -3.876  4.984   1.00 16.86 ? 79  PRO A CA  1 
ATOM   599 C C   . PRO A 1 77  ? 9.266   -2.586  4.460   1.00 16.20 ? 79  PRO A C   1 
ATOM   600 O O   . PRO A 1 77  ? 8.387   -2.011  5.097   1.00 12.97 ? 79  PRO A O   1 
ATOM   601 C CB  . PRO A 1 77  ? 10.961  -3.565  6.017   1.00 17.13 ? 79  PRO A CB  1 
ATOM   602 C CG  . PRO A 1 77  ? 12.232  -3.544  5.216   1.00 16.44 ? 79  PRO A CG  1 
ATOM   603 C CD  . PRO A 1 77  ? 12.042  -4.553  4.094   1.00 17.33 ? 79  PRO A CD  1 
ATOM   604 N N   . VAL A 1 78  ? 9.749   -2.118  3.323   1.00 14.79 ? 80  VAL A N   1 
ATOM   605 C CA  . VAL A 1 78  ? 9.262   -0.850  2.795   1.00 16.67 ? 80  VAL A CA  1 
ATOM   606 C C   . VAL A 1 78  ? 9.405   -0.854  1.277   1.00 19.94 ? 80  VAL A C   1 
ATOM   607 O O   . VAL A 1 78  ? 10.330  -1.474  0.733   1.00 15.27 ? 80  VAL A O   1 
ATOM   608 C CB  . VAL A 1 78  ? 10.021  0.367   3.428   1.00 17.74 ? 80  VAL A CB  1 
ATOM   609 C CG1 . VAL A 1 78  ? 11.504  0.343   3.085   1.00 16.60 ? 80  VAL A CG1 1 
ATOM   610 C CG2 . VAL A 1 78  ? 9.394   1.684   2.999   1.00 15.85 ? 80  VAL A CG2 1 
ATOM   611 N N   . VAL A 1 79  ? 8.465   -0.210  0.592   1.00 13.64 ? 81  VAL A N   1 
ATOM   612 C CA  . VAL A 1 79  ? 8.608   0.004   -0.848  1.00 19.05 ? 81  VAL A CA  1 
ATOM   613 C C   . VAL A 1 79  ? 8.571   1.496   -1.147  1.00 17.74 ? 81  VAL A C   1 
ATOM   614 O O   . VAL A 1 79  ? 7.648   2.197   -0.720  1.00 15.62 ? 81  VAL A O   1 
ATOM   615 C CB  . VAL A 1 79  ? 7.502   -0.726  -1.659  1.00 19.45 ? 81  VAL A CB  1 
ATOM   616 C CG1 . VAL A 1 79  ? 7.492   -0.263  -3.113  1.00 17.91 ? 81  VAL A CG1 1 
ATOM   617 C CG2 . VAL A 1 79  ? 7.688   -2.235  -1.571  1.00 16.66 ? 81  VAL A CG2 1 
ATOM   618 N N   . ASP A 1 80  ? 9.584   1.986   -1.859  1.00 15.26 ? 82  ASP A N   1 
ATOM   619 C CA  . ASP A 1 80  ? 9.605   3.380   -2.287  1.00 17.46 ? 82  ASP A CA  1 
ATOM   620 C C   . ASP A 1 80  ? 8.793   3.512   -3.582  1.00 23.91 ? 82  ASP A C   1 
ATOM   621 O O   . ASP A 1 80  ? 8.990   2.760   -4.537  1.00 20.65 ? 82  ASP A O   1 
ATOM   622 C CB  . ASP A 1 80  ? 11.045  3.888   -2.483  1.00 20.00 ? 82  ASP A CB  1 
ATOM   623 C CG  . ASP A 1 80  ? 11.849  3.910   -1.180  1.00 29.36 ? 82  ASP A CG  1 
ATOM   624 O OD1 . ASP A 1 80  ? 11.506  4.682   -0.256  1.00 23.50 ? 82  ASP A OD1 1 
ATOM   625 O OD2 . ASP A 1 80  ? 12.836  3.154   -1.079  1.00 30.96 ? 82  ASP A OD2 1 
ATOM   626 N N   . ILE A 1 81  ? 7.864   4.460   -3.591  1.00 20.97 ? 83  ILE A N   1 
ATOM   627 C CA  . ILE A 1 81  ? 6.989   4.688   -4.735  1.00 21.59 ? 83  ILE A CA  1 
ATOM   628 C C   . ILE A 1 81  ? 7.329   6.004   -5.441  1.00 22.38 ? 83  ILE A C   1 
ATOM   629 O O   . ILE A 1 81  ? 6.852   7.068   -5.042  1.00 29.07 ? 83  ILE A O   1 
ATOM   630 C CB  . ILE A 1 81  ? 5.515   4.727   -4.286  1.00 20.45 ? 83  ILE A CB  1 
ATOM   631 C CG1 . ILE A 1 81  ? 5.210   3.541   -3.363  1.00 18.99 ? 83  ILE A CG1 1 
ATOM   632 C CG2 . ILE A 1 81  ? 4.589   4.786   -5.493  1.00 21.21 ? 83  ILE A CG2 1 
ATOM   633 C CD1 . ILE A 1 81  ? 3.909   3.702   -2.557  1.00 20.58 ? 83  ILE A CD1 1 
ATOM   634 N N   . TYR A 1 82  ? 8.133   5.935   -6.493  1.00 31.42 ? 84  TYR A N   1 
ATOM   635 C CA  . TYR A 1 82  ? 8.585   7.141   -7.195  1.00 35.87 ? 84  TYR A CA  1 
ATOM   636 C C   . TYR A 1 82  ? 7.591   7.619   -8.245  1.00 40.21 ? 84  TYR A C   1 
ATOM   637 O O   . TYR A 1 82  ? 7.289   8.809   -8.334  1.00 40.93 ? 84  TYR A O   1 
ATOM   638 C CB  . TYR A 1 82  ? 9.937   6.890   -7.860  1.00 37.80 ? 84  TYR A CB  1 
ATOM   639 C CG  . TYR A 1 82  ? 11.003  6.468   -6.889  1.00 40.96 ? 84  TYR A CG  1 
ATOM   640 C CD1 . TYR A 1 82  ? 11.740  7.410   -6.192  1.00 44.31 ? 84  TYR A CD1 1 
ATOM   641 C CD2 . TYR A 1 82  ? 11.260  5.126   -6.654  1.00 41.02 ? 84  TYR A CD2 1 
ATOM   642 C CE1 . TYR A 1 82  ? 12.714  7.028   -5.295  1.00 46.03 ? 84  TYR A CE1 1 
ATOM   643 C CE2 . TYR A 1 82  ? 12.230  4.734   -5.758  1.00 36.58 ? 84  TYR A CE2 1 
ATOM   644 C CZ  . TYR A 1 82  ? 12.953  5.689   -5.080  1.00 44.29 ? 84  TYR A CZ  1 
ATOM   645 O OH  . TYR A 1 82  ? 13.923  5.297   -4.183  1.00 51.48 ? 84  TYR A OH  1 
ATOM   646 N N   . ASP A 1 83  ? 7.094   6.690   -9.054  1.00 37.00 ? 85  ASP A N   1 
ATOM   647 C CA  . ASP A 1 83  ? 6.122   7.038   -10.083 1.00 43.67 ? 85  ASP A CA  1 
ATOM   648 C C   . ASP A 1 83  ? 4.969   6.047   -10.132 1.00 34.57 ? 85  ASP A C   1 
ATOM   649 O O   . ASP A 1 83  ? 3.802   6.420   -10.023 1.00 33.16 ? 85  ASP A O   1 
ATOM   650 C CB  . ASP A 1 83  ? 6.783   7.109   -11.457 1.00 44.14 ? 85  ASP A CB  1 
ATOM   651 C CG  . ASP A 1 83  ? 5.798   7.488   -12.550 1.00 59.33 ? 85  ASP A CG  1 
ATOM   652 O OD1 . ASP A 1 83  ? 5.301   8.636   -12.533 1.00 69.55 ? 85  ASP A OD1 1 
ATOM   653 O OD2 . ASP A 1 83  ? 5.505   6.635   -13.415 1.00 66.34 ? 85  ASP A OD2 1 
ATOM   654 N N   . ALA A 1 84  ? 5.302   4.780   -10.315 1.00 36.90 ? 86  ALA A N   1 
ATOM   655 C CA  . ALA A 1 84  ? 4.286   3.746   -10.398 1.00 41.92 ? 86  ALA A CA  1 
ATOM   656 C C   . ALA A 1 84  ? 4.883   2.433   -9.928  1.00 38.62 ? 86  ALA A C   1 
ATOM   657 O O   . ALA A 1 84  ? 6.087   2.209   -10.054 1.00 34.58 ? 86  ALA A O   1 
ATOM   658 C CB  . ALA A 1 84  ? 3.754   3.627   -11.806 1.00 29.24 ? 86  ALA A CB  1 
ATOM   659 N N   . GLN A 1 85  ? 4.042   1.564   -9.387  1.00 32.90 ? 87  GLN A N   1 
ATOM   660 C CA  . GLN A 1 85  ? 4.545   0.394   -8.698  1.00 26.50 ? 87  GLN A CA  1 
ATOM   661 C C   . GLN A 1 85  ? 3.418   -0.590  -8.413  1.00 23.50 ? 87  GLN A C   1 
ATOM   662 O O   . GLN A 1 85  ? 2.328   -0.193  -8.017  1.00 24.49 ? 87  GLN A O   1 
ATOM   663 C CB  . GLN A 1 85  ? 5.228   0.824   -7.395  1.00 33.44 ? 87  GLN A CB  1 
ATOM   664 C CG  . GLN A 1 85  ? 6.055   -0.242  -6.748  1.00 32.68 ? 87  GLN A CG  1 
ATOM   665 C CD  . GLN A 1 85  ? 7.244   -0.614  -7.591  1.00 39.01 ? 87  GLN A CD  1 
ATOM   666 O OE1 . GLN A 1 85  ? 7.174   -1.529  -8.410  1.00 43.34 ? 87  GLN A OE1 1 
ATOM   667 N NE2 . GLN A 1 85  ? 8.349   0.097   -7.401  1.00 45.25 ? 87  GLN A NE2 1 
ATOM   668 N N   . ARG A 1 86  ? 3.673   -1.873  -8.636  1.00 18.76 ? 88  ARG A N   1 
ATOM   669 C CA  . ARG A 1 86  ? 2.754   -2.899  -8.182  1.00 22.40 ? 88  ARG A CA  1 
ATOM   670 C C   . ARG A 1 86  ? 3.414   -3.700  -7.074  1.00 19.30 ? 88  ARG A C   1 
ATOM   671 O O   . ARG A 1 86  ? 4.568   -4.101  -7.215  1.00 19.25 ? 88  ARG A O   1 
ATOM   672 C CB  . ARG A 1 86  ? 2.351   -3.826  -9.323  1.00 19.26 ? 88  ARG A CB  1 
ATOM   673 C CG  . ARG A 1 86  ? 1.637   -5.080  -8.852  1.00 19.95 ? 88  ARG A CG  1 
ATOM   674 C CD  . ARG A 1 86  ? 1.158   -5.933  -10.021 1.00 28.72 ? 88  ARG A CD  1 
ATOM   675 N NE  . ARG A 1 86  ? -0.295  -5.916  -10.102 1.00 39.79 ? 88  ARG A NE  1 
ATOM   676 C CZ  . ARG A 1 86  ? -0.987  -5.952  -11.231 1.00 45.77 ? 88  ARG A CZ  1 
ATOM   677 N NH1 . ARG A 1 86  ? -0.359  -6.014  -12.401 1.00 49.80 ? 88  ARG A NH1 1 
ATOM   678 N NH2 . ARG A 1 86  ? -2.312  -5.921  -11.187 1.00 48.53 ? 88  ARG A NH2 1 
ATOM   679 N N   . VAL A 1 87  ? 2.693   -3.929  -5.979  1.00 13.53 ? 89  VAL A N   1 
ATOM   680 C CA  . VAL A 1 87  ? 3.201   -4.787  -4.922  1.00 14.82 ? 89  VAL A CA  1 
ATOM   681 C C   . VAL A 1 87  ? 2.173   -5.866  -4.612  1.00 16.41 ? 89  VAL A C   1 
ATOM   682 O O   . VAL A 1 87  ? 1.017   -5.790  -5.059  1.00 17.43 ? 89  VAL A O   1 
ATOM   683 C CB  . VAL A 1 87  ? 3.514   -3.997  -3.628  1.00 17.10 ? 89  VAL A CB  1 
ATOM   684 C CG1 . VAL A 1 87  ? 4.527   -2.896  -3.895  1.00 16.58 ? 89  VAL A CG1 1 
ATOM   685 C CG2 . VAL A 1 87  ? 2.223   -3.430  -3.016  1.00 16.37 ? 89  VAL A CG2 1 
ATOM   686 N N   . HIS A 1 88  ? 2.593   -6.873  -3.858  1.00 14.30 ? 90  HIS A N   1 
ATOM   687 C CA  . HIS A 1 88  ? 1.667   -7.861  -3.317  1.00 14.02 ? 90  HIS A CA  1 
ATOM   688 C C   . HIS A 1 88  ? 1.802   -7.897  -1.806  1.00 14.46 ? 90  HIS A C   1 
ATOM   689 O O   . HIS A 1 88  ? 2.901   -7.784  -1.278  1.00 15.47 ? 90  HIS A O   1 
ATOM   690 C CB  . HIS A 1 88  ? 1.936   -9.249  -3.894  1.00 16.70 ? 90  HIS A CB  1 
ATOM   691 C CG  . HIS A 1 88  ? 1.744   -9.329  -5.372  1.00 16.04 ? 90  HIS A CG  1 
ATOM   692 N ND1 . HIS A 1 88  ? 0.574   -9.777  -5.946  1.00 19.62 ? 90  HIS A ND1 1 
ATOM   693 C CD2 . HIS A 1 88  ? 2.562   -8.997  -6.398  1.00 17.47 ? 90  HIS A CD2 1 
ATOM   694 C CE1 . HIS A 1 88  ? 0.686   -9.736  -7.261  1.00 18.53 ? 90  HIS A CE1 1 
ATOM   695 N NE2 . HIS A 1 88  ? 1.883   -9.268  -7.561  1.00 24.25 ? 90  HIS A NE2 1 
ATOM   696 N N   . ILE A 1 89  ? 0.684   -8.064  -1.107  1.00 14.36 ? 91  ILE A N   1 
ATOM   697 C CA  . ILE A 1 89  ? 0.739   -8.256  0.327   1.00 13.72 ? 91  ILE A CA  1 
ATOM   698 C C   . ILE A 1 89  ? 0.277   -9.666  0.671   1.00 16.60 ? 91  ILE A C   1 
ATOM   699 O O   . ILE A 1 89  ? -0.571  -10.231 -0.025  1.00 15.51 ? 91  ILE A O   1 
ATOM   700 C CB  . ILE A 1 89  ? -0.121  -7.219  1.070   1.00 15.57 ? 91  ILE A CB  1 
ATOM   701 C CG1 . ILE A 1 89  ? -1.513  -7.120  0.433   1.00 13.66 ? 91  ILE A CG1 1 
ATOM   702 C CG2 . ILE A 1 89  ? 0.555   -5.835  1.020   1.00 12.20 ? 91  ILE A CG2 1 
ATOM   703 C CD1 . ILE A 1 89  ? -2.426  -6.115  1.154   1.00 15.58 ? 91  ILE A CD1 1 
ATOM   704 N N   . GLY A 1 90  ? 0.845   -10.221 1.738   1.00 17.27 ? 92  GLY A N   1 
ATOM   705 C CA  . GLY A 1 90  ? 0.438   -11.530 2.243   1.00 13.98 ? 92  GLY A CA  1 
ATOM   706 C C   . GLY A 1 90  ? 1.225   -12.698 1.674   1.00 15.24 ? 92  GLY A C   1 
ATOM   707 O O   . GLY A 1 90  ? 1.355   -13.729 2.318   1.00 18.82 ? 92  GLY A O   1 
ATOM   708 N N   . ASN A 1 91  ? 1.742   -12.524 0.463   1.00 14.69 ? 93  ASN A N   1 
ATOM   709 C CA  . ASN A 1 91  ? 2.454   -13.573 -0.265  1.00 17.04 ? 93  ASN A CA  1 
ATOM   710 C C   . ASN A 1 91  ? 2.854   -12.991 -1.609  1.00 16.93 ? 93  ASN A C   1 
ATOM   711 O O   . ASN A 1 91  ? 2.300   -11.973 -2.004  1.00 18.55 ? 93  ASN A O   1 
ATOM   712 C CB  . ASN A 1 91  ? 1.571   -14.821 -0.466  1.00 19.87 ? 93  ASN A CB  1 
ATOM   713 C CG  . ASN A 1 91  ? 1.948   -15.965 0.470   1.00 21.63 ? 93  ASN A CG  1 
ATOM   714 O OD1 . ASN A 1 91  ? 3.048   -16.000 1.027   1.00 20.30 ? 93  ASN A OD1 1 
ATOM   715 N ND2 . ASN A 1 91  ? 1.027   -16.904 0.646   1.00 26.45 ? 93  ASN A ND2 1 
ATOM   716 N N   . PRO A 1 92  ? 3.796   -13.636 -2.328  1.00 18.64 ? 94  PRO A N   1 
ATOM   717 C CA  . PRO A 1 92  ? 4.141   -13.145 -3.668  1.00 18.88 ? 94  PRO A CA  1 
ATOM   718 C C   . PRO A 1 92  ? 2.936   -13.121 -4.616  1.00 18.59 ? 94  PRO A C   1 
ATOM   719 O O   . PRO A 1 92  ? 2.894   -12.303 -5.539  1.00 21.87 ? 94  PRO A O   1 
ATOM   720 C CB  . PRO A 1 92  ? 5.197   -14.153 -4.155  1.00 22.49 ? 94  PRO A CB  1 
ATOM   721 C CG  . PRO A 1 92  ? 5.003   -15.363 -3.301  1.00 18.88 ? 94  PRO A CG  1 
ATOM   722 C CD  . PRO A 1 92  ? 4.607   -14.809 -1.958  1.00 17.82 ? 94  PRO A CD  1 
ATOM   723 N N   . ASP A 1 93  ? 1.982   -14.018 -4.403  1.00 15.95 ? 95  ASP A N   1 
ATOM   724 C CA  . ASP A 1 93  ? 0.760   -14.019 -5.201  1.00 21.05 ? 95  ASP A CA  1 
ATOM   725 C C   . ASP A 1 93  ? -0.462  -13.623 -4.382  1.00 25.26 ? 95  ASP A C   1 
ATOM   726 O O   . ASP A 1 93  ? -1.588  -13.978 -4.734  1.00 25.12 ? 95  ASP A O   1 
ATOM   727 C CB  . ASP A 1 93  ? 0.519   -15.393 -5.822  1.00 18.49 ? 95  ASP A CB  1 
ATOM   728 C CG  . ASP A 1 93  ? 0.348   -16.471 -4.782  1.00 23.00 ? 95  ASP A CG  1 
ATOM   729 O OD1 . ASP A 1 93  ? 0.709   -16.229 -3.605  1.00 22.42 ? 95  ASP A OD1 1 
ATOM   730 O OD2 . ASP A 1 93  ? -0.134  -17.569 -5.145  1.00 25.74 ? 95  ASP A OD2 1 
ATOM   731 N N   . GLY A 1 94  ? -0.251  -12.904 -3.282  1.00 19.46 ? 96  GLY A N   1 
ATOM   732 C CA  . GLY A 1 94  ? -1.363  -12.416 -2.488  1.00 18.11 ? 96  GLY A CA  1 
ATOM   733 C C   . GLY A 1 94  ? -1.988  -11.212 -3.168  1.00 17.11 ? 96  GLY A C   1 
ATOM   734 O O   . GLY A 1 94  ? -1.593  -10.866 -4.277  1.00 17.01 ? 96  GLY A O   1 
ATOM   735 N N   . PRO A 1 95  ? -2.977  -10.579 -2.512  1.00 15.81 ? 97  PRO A N   1 
ATOM   736 C CA  . PRO A 1 95  ? -3.666  -9.401  -3.064  1.00 15.85 ? 97  PRO A CA  1 
ATOM   737 C C   . PRO A 1 95  ? -2.682  -8.370  -3.622  1.00 18.36 ? 97  PRO A C   1 
ATOM   738 O O   . PRO A 1 95  ? -1.666  -8.053  -2.986  1.00 16.73 ? 97  PRO A O   1 
ATOM   739 C CB  . PRO A 1 95  ? -4.430  -8.857  -1.859  1.00 15.72 ? 97  PRO A CB  1 
ATOM   740 C CG  . PRO A 1 95  ? -4.756  -10.094 -1.060  1.00 18.44 ? 97  PRO A CG  1 
ATOM   741 C CD  . PRO A 1 95  ? -3.537  -10.986 -1.209  1.00 16.52 ? 97  PRO A CD  1 
ATOM   742 N N   . ALA A 1 96  ? -2.963  -7.882  -4.824  1.00 13.99 ? 98  ALA A N   1 
ATOM   743 C CA  . ALA A 1 96  ? -2.063  -6.949  -5.487  1.00 15.29 ? 98  ALA A CA  1 
ATOM   744 C C   . ALA A 1 96  ? -2.532  -5.512  -5.273  1.00 18.36 ? 98  ALA A C   1 
ATOM   745 O O   . ALA A 1 96  ? -3.733  -5.227  -5.331  1.00 18.70 ? 98  ALA A O   1 
ATOM   746 C CB  . ALA A 1 96  ? -1.980  -7.266  -6.986  1.00 21.36 ? 98  ALA A CB  1 
ATOM   747 N N   . LEU A 1 97  ? -1.588  -4.617  -5.009  1.00 16.61 ? 99  LEU A N   1 
ATOM   748 C CA  . LEU A 1 97  ? -1.868  -3.184  -4.947  1.00 19.70 ? 99  LEU A CA  1 
ATOM   749 C C   . LEU A 1 97  ? -1.103  -2.463  -6.057  1.00 17.49 ? 99  LEU A C   1 
ATOM   750 O O   . LEU A 1 97  ? 0.094   -2.666  -6.221  1.00 18.21 ? 99  LEU A O   1 
ATOM   751 C CB  . LEU A 1 97  ? -1.469  -2.600  -3.581  1.00 16.10 ? 99  LEU A CB  1 
ATOM   752 C CG  . LEU A 1 97  ? -2.022  -3.280  -2.335  1.00 19.90 ? 99  LEU A CG  1 
ATOM   753 C CD1 . LEU A 1 97  ? -1.339  -2.694  -1.099  1.00 19.37 ? 99  LEU A CD1 1 
ATOM   754 C CD2 . LEU A 1 97  ? -3.540  -3.148  -2.245  1.00 18.25 ? 99  LEU A CD2 1 
ATOM   755 N N   . ASP A 1 98  ? -1.800  -1.630  -6.817  1.00 17.88 ? 100 ASP A N   1 
ATOM   756 C CA  . ASP A 1 98  ? -1.170  -0.808  -7.836  1.00 18.18 ? 100 ASP A CA  1 
ATOM   757 C C   . ASP A 1 98  ? -1.102  0.627   -7.345  1.00 21.90 ? 100 ASP A C   1 
ATOM   758 O O   . ASP A 1 98  ? -2.126  1.209   -6.993  1.00 21.52 ? 100 ASP A O   1 
ATOM   759 C CB  . ASP A 1 98  ? -1.943  -0.872  -9.155  1.00 19.77 ? 100 ASP A CB  1 
ATOM   760 C CG  . ASP A 1 98  ? -1.752  -2.186  -9.876  1.00 31.10 ? 100 ASP A CG  1 
ATOM   761 O OD1 . ASP A 1 98  ? -0.607  -2.676  -9.898  1.00 26.82 ? 100 ASP A OD1 1 
ATOM   762 O OD2 . ASP A 1 98  ? -2.740  -2.726  -10.422 1.00 33.83 ? 100 ASP A OD2 1 
ATOM   763 N N   . PHE A 1 99  ? 0.100   1.191   -7.321  1.00 19.19 ? 101 PHE A N   1 
ATOM   764 C CA  . PHE A 1 99  ? 0.290   2.563   -6.862  1.00 22.02 ? 101 PHE A CA  1 
ATOM   765 C C   . PHE A 1 99  ? 0.533   3.483   -8.039  1.00 27.71 ? 101 PHE A C   1 
ATOM   766 O O   . PHE A 1 99  ? 1.254   3.129   -8.971  1.00 28.73 ? 101 PHE A O   1 
ATOM   767 C CB  . PHE A 1 99  ? 1.473   2.665   -5.896  1.00 20.66 ? 101 PHE A CB  1 
ATOM   768 C CG  . PHE A 1 99  ? 1.318   1.859   -4.647  1.00 19.74 ? 101 PHE A CG  1 
ATOM   769 C CD1 . PHE A 1 99  ? 0.246   2.070   -3.802  1.00 17.96 ? 101 PHE A CD1 1 
ATOM   770 C CD2 . PHE A 1 99  ? 2.268   0.915   -4.296  1.00 19.57 ? 101 PHE A CD2 1 
ATOM   771 C CE1 . PHE A 1 99  ? 0.107   1.343   -2.643  1.00 21.09 ? 101 PHE A CE1 1 
ATOM   772 C CE2 . PHE A 1 99  ? 2.140   0.193   -3.135  1.00 19.95 ? 101 PHE A CE2 1 
ATOM   773 C CZ  . PHE A 1 99  ? 1.058   0.400   -2.308  1.00 20.57 ? 101 PHE A CZ  1 
ATOM   774 N N   . GLU A 1 100 ? -0.049  4.673   -8.005  1.00 26.36 ? 102 GLU A N   1 
ATOM   775 C CA  . GLU A 1 100 ? 0.267   5.640   -9.046  1.00 22.31 ? 102 GLU A CA  1 
ATOM   776 C C   . GLU A 1 100 ? 0.399   7.021   -8.427  1.00 21.74 ? 102 GLU A C   1 
ATOM   777 O O   . GLU A 1 100 ? -0.437  7.433   -7.633  1.00 22.23 ? 102 GLU A O   1 
ATOM   778 C CB  . GLU A 1 100 ? -0.797  5.600   -10.141 1.00 27.77 ? 102 GLU A CB  1 
ATOM   779 C CG  . GLU A 1 100 ? -1.025  6.893   -10.884 1.00 42.37 ? 102 GLU A CG  1 
ATOM   780 C CD  . GLU A 1 100 ? -2.127  6.752   -11.919 1.00 61.47 ? 102 GLU A CD  1 
ATOM   781 O OE1 . GLU A 1 100 ? -2.098  5.745   -12.661 1.00 65.10 ? 102 GLU A OE1 1 
ATOM   782 O OE2 . GLU A 1 100 ? -3.017  7.635   -11.993 1.00 57.57 ? 102 GLU A OE2 1 
ATOM   783 N N   . VAL A 1 101 ? 1.481   7.712   -8.761  1.00 24.26 ? 103 VAL A N   1 
ATOM   784 C CA  . VAL A 1 101 ? 1.771   9.009   -8.167  1.00 24.02 ? 103 VAL A CA  1 
ATOM   785 C C   . VAL A 1 101 ? 1.383   10.139  -9.109  1.00 27.10 ? 103 VAL A C   1 
ATOM   786 O O   . VAL A 1 101 ? 1.792   10.136  -10.268 1.00 27.58 ? 103 VAL A O   1 
ATOM   787 C CB  . VAL A 1 101 ? 3.261   9.154   -7.834  1.00 28.07 ? 103 VAL A CB  1 
ATOM   788 C CG1 . VAL A 1 101 ? 3.518   10.497  -7.199  1.00 24.93 ? 103 VAL A CG1 1 
ATOM   789 C CG2 . VAL A 1 101 ? 3.722   8.027   -6.913  1.00 27.39 ? 103 VAL A CG2 1 
ATOM   790 N N   . GLY A 1 102 ? 0.610   11.106  -8.616  1.00 23.13 ? 104 GLY A N   1 
ATOM   791 C CA  . GLY A 1 102 ? 0.246   12.258  -9.424  1.00 27.72 ? 104 GLY A CA  1 
ATOM   792 C C   . GLY A 1 102 ? -1.075  12.057  -10.147 1.00 34.68 ? 104 GLY A C   1 
ATOM   793 O O   . GLY A 1 102 ? -1.634  10.966  -10.130 1.00 36.94 ? 104 GLY A O   1 
ATOM   794 N N   . ARG A 1 103 ? -1.580  13.108  -10.787 1.00 44.03 ? 105 ARG A N   1 
ATOM   795 C CA  . ARG A 1 103 ? -2.908  13.047  -11.397 1.00 46.30 ? 105 ARG A CA  1 
ATOM   796 C C   . ARG A 1 103 ? -2.858  12.521  -12.831 1.00 48.77 ? 105 ARG A C   1 
ATOM   797 O O   . ARG A 1 103 ? -2.204  13.107  -13.695 1.00 54.03 ? 105 ARG A O   1 
ATOM   798 C CB  . ARG A 1 103 ? -3.582  14.427  -11.362 1.00 42.42 ? 105 ARG A CB  1 
ATOM   799 C CG  . ARG A 1 103 ? -4.123  14.840  -9.985  1.00 42.42 ? 105 ARG A CG  1 
ATOM   800 C CD  . ARG A 1 103 ? -4.538  16.311  -9.968  1.00 39.03 ? 105 ARG A CD  1 
ATOM   801 N NE  . ARG A 1 103 ? -3.380  17.206  -9.979  1.00 51.40 ? 105 ARG A NE  1 
ATOM   802 C CZ  . ARG A 1 103 ? -3.093  18.056  -10.963 1.00 54.38 ? 105 ARG A CZ  1 
ATOM   803 N NH1 . ARG A 1 103 ? -3.886  18.135  -12.027 1.00 50.94 ? 105 ARG A NH1 1 
ATOM   804 N NH2 . ARG A 1 103 ? -2.016  18.832  -10.885 1.00 49.69 ? 105 ARG A NH2 1 
HETATM 805 S S   . SO4 B 2 .   ? -4.457  -9.361  12.837  1.00 49.66 ? 201 SO4 A S   1 
HETATM 806 O O1  . SO4 B 2 .   ? -4.030  -7.978  13.019  1.00 37.32 ? 201 SO4 A O1  1 
HETATM 807 O O2  . SO4 B 2 .   ? -3.299  -10.240 13.011  1.00 51.85 ? 201 SO4 A O2  1 
HETATM 808 O O3  . SO4 B 2 .   ? -5.516  -9.736  13.781  1.00 49.44 ? 201 SO4 A O3  1 
HETATM 809 O O4  . SO4 B 2 .   ? -4.980  -9.511  11.487  1.00 48.06 ? 201 SO4 A O4  1 
HETATM 810 S S   . SO4 C 2 .   ? -0.822  10.454  11.256  1.00 68.81 ? 202 SO4 A S   1 
HETATM 811 O O1  . SO4 C 2 .   ? -0.704  11.878  11.573  1.00 66.90 ? 202 SO4 A O1  1 
HETATM 812 O O2  . SO4 C 2 .   ? -0.291  9.651   12.361  1.00 56.04 ? 202 SO4 A O2  1 
HETATM 813 O O3  . SO4 C 2 .   ? -2.225  10.112  11.026  1.00 53.40 ? 202 SO4 A O3  1 
HETATM 814 O O4  . SO4 C 2 .   ? -0.059  10.186  10.042  1.00 41.45 ? 202 SO4 A O4  1 
HETATM 815 O O   . HOH D 3 .   ? -0.964  10.463  3.491   1.00 31.35 ? 301 HOH A O   1 
HETATM 816 O O   . HOH D 3 .   ? -1.280  -9.956  11.953  1.00 35.74 ? 302 HOH A O   1 
HETATM 817 O O   . HOH D 3 .   ? 12.527  -5.174  -7.726  1.00 46.60 ? 303 HOH A O   1 
HETATM 818 O O   . HOH D 3 .   ? -2.533  9.630   -8.392  1.00 38.02 ? 304 HOH A O   1 
HETATM 819 O O   . HOH D 3 .   ? -0.192  -18.754 -7.299  1.00 37.31 ? 305 HOH A O   1 
HETATM 820 O O   . HOH D 3 .   ? -10.951 -10.288 -6.239  1.00 37.48 ? 306 HOH A O   1 
HETATM 821 O O   . HOH D 3 .   ? 6.035   -8.786  7.904   1.00 19.05 ? 307 HOH A O   1 
HETATM 822 O O   . HOH D 3 .   ? 10.484  8.224   2.206   1.00 26.80 ? 308 HOH A O   1 
HETATM 823 O O   . HOH D 3 .   ? -11.445 0.053   0.710   1.00 19.64 ? 309 HOH A O   1 
HETATM 824 O O   . HOH D 3 .   ? -12.912 0.281   5.161   1.00 27.38 ? 310 HOH A O   1 
HETATM 825 O O   . HOH D 3 .   ? 13.406  -9.690  -7.204  1.00 42.76 ? 311 HOH A O   1 
HETATM 826 O O   . HOH D 3 .   ? -10.731 5.101   2.069   1.00 32.62 ? 312 HOH A O   1 
HETATM 827 O O   . HOH D 3 .   ? 7.428   -7.665  4.531   1.00 17.06 ? 313 HOH A O   1 
HETATM 828 O O   . HOH D 3 .   ? -0.576  15.141  -1.540  1.00 29.50 ? 314 HOH A O   1 
HETATM 829 O O   . HOH D 3 .   ? 6.371   9.605   -4.500  1.00 22.91 ? 315 HOH A O   1 
HETATM 830 O O   . HOH D 3 .   ? -5.610  6.627   8.120   1.00 31.70 ? 316 HOH A O   1 
HETATM 831 O O   . HOH D 3 .   ? 0.374   5.809   11.725  1.00 32.20 ? 317 HOH A O   1 
HETATM 832 O O   . HOH D 3 .   ? -10.280 -10.334 -9.618  1.00 44.47 ? 318 HOH A O   1 
HETATM 833 O O   . HOH D 3 .   ? 5.910   -15.633 -7.682  1.00 24.31 ? 319 HOH A O   1 
HETATM 834 O O   . HOH D 3 .   ? -1.006  -16.692 -1.625  1.00 40.05 ? 320 HOH A O   1 
HETATM 835 O O   . HOH D 3 .   ? 10.461  7.038   4.802   1.00 24.74 ? 321 HOH A O   1 
HETATM 836 O O   . HOH D 3 .   ? 4.065   -14.336 3.263   1.00 22.19 ? 322 HOH A O   1 
HETATM 837 O O   . HOH D 3 .   ? 16.052  12.758  3.639   1.00 31.81 ? 323 HOH A O   1 
HETATM 838 O O   . HOH D 3 .   ? 7.879   4.163   -8.623  1.00 39.51 ? 324 HOH A O   1 
HETATM 839 O O   . HOH D 3 .   ? 8.091   -1.360  9.338   1.00 41.55 ? 325 HOH A O   1 
HETATM 840 O O   . HOH D 3 .   ? 2.652   9.177   11.577  1.00 40.37 ? 326 HOH A O   1 
HETATM 841 O O   . HOH D 3 .   ? -0.484  -10.671 7.534   1.00 17.08 ? 327 HOH A O   1 
HETATM 842 O O   . HOH D 3 .   ? -5.707  -5.743  -7.093  1.00 23.17 ? 328 HOH A O   1 
HETATM 843 O O   . HOH D 3 .   ? -12.180 -7.196  5.927   1.00 17.20 ? 329 HOH A O   1 
HETATM 844 O O   . HOH D 3 .   ? 11.423  -12.577 -9.684  1.00 28.33 ? 330 HOH A O   1 
HETATM 845 O O   . HOH D 3 .   ? -11.913 4.586   7.554   1.00 49.67 ? 331 HOH A O   1 
HETATM 846 O O   . HOH D 3 .   ? -11.581 -11.691 6.366   1.00 19.28 ? 332 HOH A O   1 
HETATM 847 O O   . HOH D 3 .   ? 1.953   0.895   14.009  1.00 37.57 ? 333 HOH A O   1 
HETATM 848 O O   . HOH D 3 .   ? 13.899  1.173   -2.623  1.00 43.44 ? 334 HOH A O   1 
HETATM 849 O O   . HOH D 3 .   ? 2.357   11.430  9.613   1.00 38.15 ? 335 HOH A O   1 
HETATM 850 O O   . HOH D 3 .   ? 4.772   -15.101 5.912   1.00 35.32 ? 336 HOH A O   1 
HETATM 851 O O   . HOH D 3 .   ? -3.874  -11.740 10.291  1.00 42.67 ? 337 HOH A O   1 
HETATM 852 O O   . HOH D 3 .   ? -8.940  -9.915  -0.493  1.00 26.62 ? 338 HOH A O   1 
HETATM 853 O O   . HOH D 3 .   ? 6.122   -10.024 -5.583  1.00 32.66 ? 339 HOH A O   1 
HETATM 854 O O   . HOH D 3 .   ? 6.796   12.601  7.309   1.00 37.99 ? 340 HOH A O   1 
HETATM 855 O O   . HOH D 3 .   ? 1.174   23.734  -3.594  1.00 33.79 ? 341 HOH A O   1 
HETATM 856 O O   . HOH D 3 .   ? -5.346  -9.117  -6.252  1.00 27.62 ? 342 HOH A O   1 
HETATM 857 O O   . HOH D 3 .   ? -12.296 -5.359  0.441   1.00 30.35 ? 343 HOH A O   1 
HETATM 858 O O   . HOH D 3 .   ? -12.616 -1.682  13.198  1.00 39.21 ? 344 HOH A O   1 
HETATM 859 O O   . HOH D 3 .   ? -14.680 0.101   -3.018  1.00 43.94 ? 345 HOH A O   1 
HETATM 860 O O   . HOH D 3 .   ? 1.435   11.258  4.295   1.00 19.98 ? 346 HOH A O   1 
HETATM 861 O O   . HOH D 3 .   ? 1.871   11.111  6.985   1.00 24.47 ? 347 HOH A O   1 
HETATM 862 O O   . HOH D 3 .   ? 4.913   -11.264 -7.272  1.00 35.18 ? 348 HOH A O   1 
HETATM 863 O O   . HOH D 3 .   ? 11.422  0.112   -3.072  1.00 25.09 ? 349 HOH A O   1 
HETATM 864 O O   . HOH D 3 .   ? -12.257 -9.225  -9.146  1.00 41.22 ? 350 HOH A O   1 
HETATM 865 O O   . HOH D 3 .   ? -5.087  -3.413  -8.868  1.00 34.24 ? 351 HOH A O   1 
HETATM 866 O O   . HOH D 3 .   ? -11.148 -7.542  -0.206  1.00 18.43 ? 352 HOH A O   1 
HETATM 867 O O   . HOH D 3 .   ? 6.539   -4.701  -9.612  1.00 45.36 ? 353 HOH A O   1 
HETATM 868 O O   . HOH D 3 .   ? 9.520   -0.282  7.156   1.00 27.53 ? 354 HOH A O   1 
HETATM 869 O O   . HOH D 3 .   ? 9.484   14.570  5.422   1.00 34.70 ? 355 HOH A O   1 
HETATM 870 O O   . HOH D 3 .   ? 5.554   -6.851  -7.253  1.00 26.61 ? 356 HOH A O   1 
HETATM 871 O O   . HOH D 3 .   ? -15.637 -2.493  2.299   1.00 43.38 ? 357 HOH A O   1 
HETATM 872 O O   . HOH D 3 .   ? 7.715   11.110  10.258  1.00 41.64 ? 358 HOH A O   1 
HETATM 873 O O   . HOH D 3 .   ? 11.577  -2.270  -1.831  1.00 34.33 ? 359 HOH A O   1 
HETATM 874 O O   . HOH D 3 .   ? -2.599  -5.397  12.351  1.00 19.54 ? 360 HOH A O   1 
HETATM 875 O O   . HOH D 3 .   ? 11.702  -12.972 -0.105  1.00 30.61 ? 361 HOH A O   1 
HETATM 876 O O   . HOH D 3 .   ? 14.354  -7.224  2.447   1.00 35.61 ? 362 HOH A O   1 
HETATM 877 O O   A HOH D 3 .   ? -8.402  1.038   -3.537  0.47 19.53 ? 363 HOH A O   1 
HETATM 878 O O   B HOH D 3 .   ? -10.640 -4.859  -1.670  0.53 24.14 ? 363 HOH A O   1 
HETATM 879 O O   . HOH D 3 .   ? 0.754   -1.407  -12.297 1.00 44.15 ? 364 HOH A O   1 
HETATM 880 O O   . HOH D 3 .   ? 13.705  -10.863 2.693   1.00 37.37 ? 365 HOH A O   1 
HETATM 881 O O   . HOH D 3 .   ? 8.579   15.379  2.734   1.00 30.72 ? 366 HOH A O   1 
HETATM 882 O O   . HOH D 3 .   ? 13.152  -2.349  1.549   1.00 28.83 ? 367 HOH A O   1 
HETATM 883 O O   . HOH D 3 .   ? -14.815 1.529   -4.637  1.00 45.92 ? 368 HOH A O   1 
HETATM 884 O O   . HOH D 3 .   ? -1.977  -16.596 7.939   1.00 40.89 ? 369 HOH A O   1 
HETATM 885 O O   . HOH D 3 .   ? 7.487   12.117  -5.036  1.00 37.84 ? 370 HOH A O   1 
HETATM 886 O O   . HOH D 3 .   ? 3.557   14.380  4.670   1.00 33.68 ? 371 HOH A O   1 
HETATM 887 O O   . HOH D 3 .   ? 0.015   -5.865  11.393  1.00 28.02 ? 372 HOH A O   1 
HETATM 888 O O   . HOH D 3 .   ? -7.533  -3.449  -9.767  1.00 34.78 ? 373 HOH A O   1 
HETATM 889 O O   . HOH D 3 .   ? 11.192  0.685   -5.358  1.00 45.26 ? 374 HOH A O   1 
HETATM 890 O O   . HOH D 3 .   ? 3.633   -14.166 -7.980  1.00 43.14 ? 375 HOH A O   1 
HETATM 891 O O   . HOH D 3 .   ? 9.876   -10.595 -10.394 1.00 46.28 ? 376 HOH A O   1 
HETATM 892 O O   . HOH D 3 .   ? -13.683 2.692   -6.564  1.00 29.95 ? 377 HOH A O   1 
HETATM 893 O O   . HOH D 3 .   ? 7.533   -4.849  9.864   1.00 33.37 ? 378 HOH A O   1 
HETATM 894 O O   . HOH D 3 .   ? -2.448  -11.711 -7.245  1.00 38.51 ? 379 HOH A O   1 
HETATM 895 O O   . HOH D 3 .   ? 0.108   -7.348  13.132  1.00 43.99 ? 380 HOH A O   1 
HETATM 896 O O   A HOH D 3 .   ? -11.173 -1.652  -1.196  0.38 34.30 ? 381 HOH A O   1 
HETATM 897 O O   B HOH D 3 .   ? -7.946  -8.112  -2.882  0.62 34.30 ? 381 HOH A O   1 
HETATM 898 O O   . HOH D 3 .   ? 10.599  -7.639  5.282   1.00 35.90 ? 382 HOH A O   1 
HETATM 899 O O   . HOH D 3 .   ? -3.193  -13.545 9.389   1.00 45.84 ? 383 HOH A O   1 
HETATM 900 O O   . HOH D 3 .   ? -16.179 1.602   6.517   1.00 53.45 ? 384 HOH A O   1 
HETATM 901 O O   . HOH D 3 .   ? 13.868  -4.023  -2.652  1.00 47.01 ? 385 HOH A O   1 
HETATM 902 O O   . HOH D 3 .   ? -6.967  -10.172 -4.325  1.00 36.74 ? 386 HOH A O   1 
HETATM 903 O O   . HOH D 3 .   ? -5.610  -12.858 -3.630  1.00 34.98 ? 387 HOH A O   1 
HETATM 904 O O   . HOH D 3 .   ? -4.800  -14.873 -2.841  1.00 40.58 ? 388 HOH A O   1 
HETATM 905 O O   . HOH D 3 .   ? 14.623  -3.890  0.238   1.00 44.43 ? 389 HOH A O   1 
HETATM 906 O O   A HOH D 3 .   ? -10.645 0.621   -1.201  0.37 25.21 ? 390 HOH A O   1 
HETATM 907 O O   B HOH D 3 .   ? -9.429  -6.817  -2.154  0.63 21.62 ? 390 HOH A O   1 
HETATM 908 O O   . HOH D 3 .   ? -4.245  -10.192 -8.314  1.00 45.35 ? 391 HOH A O   1 
HETATM 909 O O   . HOH D 3 .   ? 2.386   24.250  -5.564  1.00 49.99 ? 392 HOH A O   1 
HETATM 910 O O   . HOH D 3 .   ? -14.150 3.009   6.198   1.00 50.95 ? 393 HOH A O   1 
HETATM 911 O O   . HOH D 3 .   ? -13.473 -1.552  -0.564  1.00 37.14 ? 394 HOH A O   1 
HETATM 912 O O   . HOH D 3 .   ? -0.691  -13.137 -8.724  1.00 42.38 ? 395 HOH A O   1 
HETATM 913 O O   . HOH D 3 .   ? -7.103  5.478   10.374  1.00 53.38 ? 396 HOH A O   1 
HETATM 914 O O   . HOH D 3 .   ? 3.238   17.014  3.780   1.00 46.76 ? 397 HOH A O   1 
HETATM 915 O O   . HOH D 3 .   ? 14.362  -7.795  -8.235  1.00 53.61 ? 398 HOH A O   1 
HETATM 916 O O   . HOH D 3 .   ? -14.570 -4.001  -0.589  1.00 36.61 ? 399 HOH A O   1 
HETATM 917 O O   . HOH D 3 .   ? -18.055 1.488   8.228   1.00 56.22 ? 400 HOH A O   1 
# 
